data_4OKZ
#
_entry.id   4OKZ
#
_cell.length_a   75.090
_cell.length_b   117.780
_cell.length_c   185.590
_cell.angle_alpha   90.00
_cell.angle_beta   90.00
_cell.angle_gamma   90.00
#
_symmetry.space_group_name_H-M   'P 21 21 21'
#
loop_
_entity.id
_entity.type
_entity.pdbx_description
1 polymer 'Terpene synthase metal-binding domain-containing protein'
2 non-polymer 'MAGNESIUM ION'
3 non-polymer '(3S,6E)-3,7,11-trimethyldodeca-6,10-dien-1-yl trihydrogen diphosphate'
4 water water
#
_entity_poly.entity_id   1
_entity_poly.type   'polypeptide(L)'
_entity_poly.pdbx_seq_one_letter_code
;MEPELTVPPLFSPIRQAIHPKHADIDVQTAAWAETFRIGSEELRGKLVTQDIGTFSARILPEGREEVVSLLADFILWLFG
VDDGHCEEGELGHRPGDLAGLLHRLIRVAQNPEAPMMQDDPLAAGLRDLRMRVDRFGTAGQTARWVDALREYFFSVVWEA
AHRRAGTVPDLNDYTLMRLYDGATSVVLPMLEMGHGYELQPYERDRTAVRAVAEMASFIITWDNDIFSYHKERRGSGYYL
NALRVLEQERGLTPAQALDAAISQRDRVMCLFTTVSEQLAEQGSPQLRQYLHSLRCFIRGAQDWGISSVRYTTPDDPANM
PSVFTDVPTDDSTEPLDIPAVSWWWDLLAEDARSVRRQVPAQRSA
;
_entity_poly.pdbx_strand_id   A,B,C,D
#
loop_
_chem_comp.id
_chem_comp.type
_chem_comp.name
_chem_comp.formula
3E9 non-polymer '(3S,6E)-3,7,11-trimethyldodeca-6,10-dien-1-yl trihydrogen diphosphate' 'C15 H30 O7 P2'
MG non-polymer 'MAGNESIUM ION' 'Mg 2'
#
# COMPACT_ATOMS: atom_id res chain seq x y z
N GLU A 4 2.99 -12.58 -36.52
CA GLU A 4 1.57 -12.66 -36.98
C GLU A 4 1.16 -14.13 -37.18
N LEU A 5 0.25 -14.61 -36.34
CA LEU A 5 -0.14 -16.03 -36.33
C LEU A 5 -1.27 -16.33 -37.29
N THR A 6 -1.24 -17.53 -37.84
CA THR A 6 -2.33 -18.06 -38.65
C THR A 6 -3.16 -19.00 -37.79
N VAL A 7 -4.44 -18.68 -37.65
CA VAL A 7 -5.36 -19.50 -36.87
C VAL A 7 -5.95 -20.55 -37.80
N PRO A 8 -5.78 -21.84 -37.48
CA PRO A 8 -6.37 -22.88 -38.32
C PRO A 8 -7.85 -23.07 -37.99
N PRO A 9 -8.59 -23.80 -38.83
CA PRO A 9 -9.99 -24.11 -38.50
C PRO A 9 -10.08 -24.84 -37.17
N LEU A 10 -11.00 -24.42 -36.30
CA LEU A 10 -11.20 -25.08 -35.00
C LEU A 10 -12.31 -26.13 -35.04
N PHE A 11 -12.17 -27.11 -34.17
CA PHE A 11 -13.16 -28.18 -34.03
C PHE A 11 -14.42 -27.66 -33.35
N SER A 12 -15.57 -27.92 -33.99
CA SER A 12 -16.86 -27.69 -33.36
C SER A 12 -17.86 -28.74 -33.84
N PRO A 13 -18.41 -29.54 -32.92
CA PRO A 13 -19.41 -30.54 -33.29
C PRO A 13 -20.84 -29.99 -33.33
N ILE A 14 -20.98 -28.66 -33.31
CA ILE A 14 -22.27 -28.00 -33.21
C ILE A 14 -22.61 -27.34 -34.55
N ARG A 15 -23.85 -27.54 -35.00
CA ARG A 15 -24.33 -27.00 -36.27
C ARG A 15 -24.67 -25.51 -36.09
N GLN A 16 -24.48 -24.73 -37.15
CA GLN A 16 -24.84 -23.30 -37.15
C GLN A 16 -26.34 -23.10 -37.02
N ALA A 17 -26.74 -22.00 -36.41
CA ALA A 17 -28.14 -21.59 -36.35
C ALA A 17 -28.25 -20.11 -36.01
N ILE A 18 -29.30 -19.46 -36.52
CA ILE A 18 -29.50 -18.04 -36.27
C ILE A 18 -30.98 -17.66 -36.32
N HIS A 19 -31.37 -16.75 -35.43
CA HIS A 19 -32.75 -16.22 -35.40
C HIS A 19 -33.04 -15.49 -36.72
N PRO A 20 -34.22 -15.74 -37.32
CA PRO A 20 -34.50 -15.15 -38.64
C PRO A 20 -34.55 -13.61 -38.68
N LYS A 21 -34.77 -12.97 -37.55
CA LYS A 21 -34.81 -11.51 -37.47
C LYS A 21 -33.47 -10.87 -37.09
N HIS A 22 -32.38 -11.61 -37.28
CA HIS A 22 -31.05 -11.11 -36.91
C HIS A 22 -30.74 -9.70 -37.44
N ALA A 23 -31.13 -9.43 -38.69
CA ALA A 23 -30.85 -8.13 -39.31
C ALA A 23 -31.56 -6.99 -38.57
N ASP A 24 -32.85 -7.16 -38.29
CA ASP A 24 -33.62 -6.19 -37.50
C ASP A 24 -33.02 -5.97 -36.12
N ILE A 25 -32.63 -7.07 -35.46
CA ILE A 25 -32.09 -7.01 -34.10
C ILE A 25 -30.79 -6.20 -34.08
N ASP A 26 -29.95 -6.39 -35.10
CA ASP A 26 -28.70 -5.66 -35.19
C ASP A 26 -28.94 -4.16 -35.35
N VAL A 27 -29.96 -3.79 -36.13
CA VAL A 27 -30.32 -2.38 -36.30
C VAL A 27 -30.84 -1.78 -34.98
N GLN A 28 -31.73 -2.49 -34.30
CA GLN A 28 -32.32 -2.00 -33.06
C GLN A 28 -31.28 -1.85 -31.94
N THR A 29 -30.27 -2.72 -31.92
CA THR A 29 -29.20 -2.62 -30.92
C THR A 29 -28.37 -1.36 -31.14
N ALA A 30 -28.07 -1.04 -32.39
CA ALA A 30 -27.37 0.20 -32.73
C ALA A 30 -28.17 1.41 -32.27
N ALA A 31 -29.49 1.37 -32.49
CA ALA A 31 -30.38 2.46 -32.06
C ALA A 31 -30.42 2.59 -30.54
N TRP A 32 -30.40 1.45 -29.85
CA TRP A 32 -30.37 1.43 -28.38
C TRP A 32 -29.11 2.10 -27.84
N ALA A 33 -27.96 1.76 -28.45
CA ALA A 33 -26.68 2.36 -28.08
C ALA A 33 -26.68 3.88 -28.20
N GLU A 34 -27.31 4.38 -29.27
CA GLU A 34 -27.43 5.82 -29.49
C GLU A 34 -28.37 6.48 -28.50
N THR A 35 -29.52 5.86 -28.28
CA THR A 35 -30.54 6.39 -27.36
C THR A 35 -29.97 6.61 -25.95
N PHE A 36 -29.22 5.62 -25.45
CA PHE A 36 -28.66 5.69 -24.11
C PHE A 36 -27.22 6.20 -24.09
N ARG A 37 -26.69 6.58 -25.25
CA ARG A 37 -25.36 7.14 -25.37
C ARG A 37 -24.30 6.25 -24.73
N ILE A 38 -24.33 4.96 -25.08
CA ILE A 38 -23.41 3.99 -24.50
C ILE A 38 -22.02 4.18 -25.13
N GLY A 39 -21.03 4.40 -24.27
CA GLY A 39 -19.65 4.61 -24.70
C GLY A 39 -19.41 5.99 -25.28
N SER A 40 -18.14 6.30 -25.51
CA SER A 40 -17.77 7.53 -26.20
C SER A 40 -18.27 7.45 -27.63
N GLU A 41 -18.26 8.58 -28.34
CA GLU A 41 -18.64 8.60 -29.74
C GLU A 41 -17.76 7.63 -30.54
N GLU A 42 -16.46 7.65 -30.27
CA GLU A 42 -15.50 6.78 -30.96
C GLU A 42 -15.79 5.29 -30.72
N LEU A 43 -15.93 4.91 -29.45
CA LEU A 43 -16.20 3.50 -29.11
C LEU A 43 -17.54 3.04 -29.69
N ARG A 44 -18.58 3.84 -29.49
CA ARG A 44 -19.92 3.50 -29.99
C ARG A 44 -19.92 3.31 -31.50
N GLY A 45 -19.24 4.20 -32.22
CA GLY A 45 -19.09 4.10 -33.67
C GLY A 45 -18.53 2.76 -34.13
N LYS A 46 -17.60 2.21 -33.35
CA LYS A 46 -17.07 0.88 -33.62
C LYS A 46 -18.07 -0.22 -33.24
N LEU A 47 -18.61 -0.12 -32.04
CA LEU A 47 -19.48 -1.17 -31.49
C LEU A 47 -20.68 -1.47 -32.39
N VAL A 48 -21.30 -0.42 -32.93
CA VAL A 48 -22.50 -0.59 -33.75
C VAL A 48 -22.24 -1.31 -35.09
N THR A 49 -20.97 -1.44 -35.48
CA THR A 49 -20.60 -2.13 -36.72
C THR A 49 -20.15 -3.58 -36.52
N GLN A 50 -20.13 -4.03 -35.26
CA GLN A 50 -19.52 -5.32 -34.91
C GLN A 50 -20.50 -6.50 -34.86
N ASP A 51 -21.73 -6.30 -35.34
CA ASP A 51 -22.70 -7.39 -35.49
C ASP A 51 -23.11 -8.06 -34.17
N ILE A 52 -23.27 -7.25 -33.12
CA ILE A 52 -23.62 -7.78 -31.80
C ILE A 52 -25.05 -8.34 -31.80
N GLY A 53 -25.95 -7.70 -32.54
CA GLY A 53 -27.31 -8.22 -32.69
C GLY A 53 -27.33 -9.57 -33.40
N THR A 54 -26.48 -9.70 -34.41
CA THR A 54 -26.31 -10.96 -35.14
C THR A 54 -25.78 -12.04 -34.20
N PHE A 55 -24.84 -11.66 -33.34
CA PHE A 55 -24.28 -12.58 -32.33
C PHE A 55 -25.36 -13.10 -31.39
N SER A 56 -26.14 -12.19 -30.81
CA SER A 56 -27.27 -12.58 -29.95
C SER A 56 -28.24 -13.51 -30.67
N ALA A 57 -28.49 -13.24 -31.95
CA ALA A 57 -29.40 -14.06 -32.77
C ALA A 57 -28.89 -15.50 -32.93
N ARG A 58 -27.58 -15.70 -32.85
CA ARG A 58 -26.99 -17.03 -32.91
C ARG A 58 -27.02 -17.74 -31.56
N ILE A 59 -27.03 -16.96 -30.47
CA ILE A 59 -27.10 -17.53 -29.13
C ILE A 59 -28.50 -18.05 -28.82
N LEU A 60 -29.52 -17.32 -29.27
CA LEU A 60 -30.93 -17.71 -29.09
C LEU A 60 -31.66 -17.82 -30.44
N PRO A 61 -31.28 -18.79 -31.27
CA PRO A 61 -31.87 -18.87 -32.62
C PRO A 61 -33.37 -19.15 -32.66
N GLU A 62 -33.90 -19.82 -31.64
CA GLU A 62 -35.33 -20.06 -31.54
C GLU A 62 -35.92 -19.39 -30.30
N GLY A 63 -35.19 -18.39 -29.78
CA GLY A 63 -35.64 -17.66 -28.61
C GLY A 63 -36.67 -16.60 -28.96
N ARG A 64 -37.37 -16.12 -27.94
CA ARG A 64 -38.33 -15.03 -28.07
C ARG A 64 -37.63 -13.75 -28.54
N GLU A 65 -38.14 -13.12 -29.59
CA GLU A 65 -37.48 -11.97 -30.21
C GLU A 65 -37.12 -10.85 -29.23
N GLU A 66 -38.03 -10.56 -28.30
CA GLU A 66 -37.81 -9.51 -27.31
C GLU A 66 -36.60 -9.83 -26.44
N VAL A 67 -36.39 -11.10 -26.13
CA VAL A 67 -35.24 -11.49 -25.31
C VAL A 67 -33.94 -11.50 -26.14
N VAL A 68 -34.04 -11.88 -27.41
CA VAL A 68 -32.88 -11.80 -28.31
C VAL A 68 -32.37 -10.36 -28.36
N SER A 69 -33.30 -9.41 -28.44
CA SER A 69 -33.00 -7.98 -28.44
C SER A 69 -32.43 -7.51 -27.08
N LEU A 70 -33.01 -7.99 -25.99
CA LEU A 70 -32.49 -7.70 -24.65
C LEU A 70 -31.04 -8.14 -24.52
N LEU A 71 -30.77 -9.38 -24.94
CA LEU A 71 -29.42 -9.94 -24.86
C LEU A 71 -28.43 -9.17 -25.73
N ALA A 72 -28.85 -8.77 -26.93
CA ALA A 72 -28.00 -7.99 -27.82
C ALA A 72 -27.64 -6.64 -27.19
N ASP A 73 -28.64 -5.93 -26.67
CA ASP A 73 -28.41 -4.68 -25.97
C ASP A 73 -27.48 -4.86 -24.77
N PHE A 74 -27.65 -5.97 -24.05
CA PHE A 74 -26.84 -6.27 -22.87
C PHE A 74 -25.39 -6.54 -23.26
N ILE A 75 -25.17 -7.28 -24.34
CA ILE A 75 -23.82 -7.54 -24.82
C ILE A 75 -23.12 -6.24 -25.24
N LEU A 76 -23.83 -5.37 -25.95
CA LEU A 76 -23.27 -4.07 -26.32
C LEU A 76 -22.93 -3.25 -25.08
N TRP A 77 -23.83 -3.27 -24.09
CA TRP A 77 -23.59 -2.58 -22.81
C TRP A 77 -22.35 -3.12 -22.12
N LEU A 78 -22.18 -4.44 -22.14
CA LEU A 78 -21.02 -5.08 -21.52
C LEU A 78 -19.72 -4.65 -22.20
N PHE A 79 -19.73 -4.51 -23.52
CA PHE A 79 -18.57 -3.96 -24.23
C PHE A 79 -18.34 -2.50 -23.84
N GLY A 80 -19.42 -1.75 -23.64
CA GLY A 80 -19.34 -0.39 -23.08
C GLY A 80 -18.53 -0.34 -21.79
N VAL A 81 -18.73 -1.33 -20.93
CA VAL A 81 -18.00 -1.42 -19.66
C VAL A 81 -16.60 -1.99 -19.89
N ASP A 82 -16.54 -3.10 -20.60
CA ASP A 82 -15.30 -3.84 -20.75
C ASP A 82 -14.25 -3.13 -21.63
N ASP A 83 -14.70 -2.55 -22.75
CA ASP A 83 -13.82 -1.71 -23.57
C ASP A 83 -13.66 -0.33 -22.94
N GLY A 84 -14.80 0.32 -22.67
CA GLY A 84 -14.82 1.72 -22.27
C GLY A 84 -14.08 2.03 -20.98
N HIS A 85 -14.20 1.15 -19.99
CA HIS A 85 -13.53 1.36 -18.70
C HIS A 85 -12.36 0.41 -18.50
N CYS A 86 -12.60 -0.89 -18.64
CA CYS A 86 -11.61 -1.89 -18.25
C CYS A 86 -10.37 -1.92 -19.14
N GLU A 87 -10.56 -2.03 -20.46
CA GLU A 87 -9.43 -2.28 -21.36
C GLU A 87 -8.92 -1.05 -22.11
N GLU A 88 -9.78 -0.06 -22.33
CA GLU A 88 -9.38 1.15 -23.05
C GLU A 88 -9.67 2.45 -22.27
N GLY A 89 -9.95 2.32 -20.97
CA GLY A 89 -10.26 3.47 -20.12
C GLY A 89 -9.29 3.62 -18.97
N GLU A 90 -9.34 4.77 -18.29
CA GLU A 90 -8.47 5.04 -17.15
C GLU A 90 -8.75 4.11 -15.97
N LEU A 91 -10.03 3.84 -15.69
CA LEU A 91 -10.38 3.03 -14.53
C LEU A 91 -9.80 1.62 -14.57
N GLY A 92 -9.52 1.11 -15.77
CA GLY A 92 -8.88 -0.19 -15.94
C GLY A 92 -7.47 -0.33 -15.36
N HIS A 93 -6.84 0.79 -15.04
CA HIS A 93 -5.54 0.80 -14.39
C HIS A 93 -5.66 1.10 -12.90
N ARG A 94 -6.89 1.26 -12.41
CA ARG A 94 -7.15 1.65 -11.04
C ARG A 94 -8.21 0.71 -10.43
N PRO A 95 -7.76 -0.47 -9.96
CA PRO A 95 -8.68 -1.51 -9.46
C PRO A 95 -9.63 -1.02 -8.39
N GLY A 96 -9.14 -0.19 -7.47
CA GLY A 96 -9.94 0.37 -6.40
C GLY A 96 -11.06 1.27 -6.89
N ASP A 97 -10.71 2.22 -7.76
CA ASP A 97 -11.71 3.12 -8.35
C ASP A 97 -12.70 2.34 -9.20
N LEU A 98 -12.20 1.36 -9.95
CA LEU A 98 -13.07 0.49 -10.74
C LEU A 98 -14.02 -0.28 -9.83
N ALA A 99 -13.50 -0.82 -8.72
CA ALA A 99 -14.34 -1.55 -7.76
C ALA A 99 -15.50 -0.69 -7.26
N GLY A 100 -15.24 0.59 -7.04
CA GLY A 100 -16.28 1.52 -6.59
C GLY A 100 -17.36 1.76 -7.62
N LEU A 101 -16.95 2.02 -8.87
CA LEU A 101 -17.90 2.20 -9.96
C LEU A 101 -18.78 0.97 -10.09
N LEU A 102 -18.16 -0.21 -10.05
CA LEU A 102 -18.87 -1.45 -10.30
C LEU A 102 -19.84 -1.83 -9.17
N HIS A 103 -19.48 -1.57 -7.92
CA HIS A 103 -20.42 -1.68 -6.80
C HIS A 103 -21.64 -0.77 -6.97
N ARG A 104 -21.41 0.46 -7.43
CA ARG A 104 -22.50 1.39 -7.66
C ARG A 104 -23.44 0.88 -8.76
N LEU A 105 -22.86 0.33 -9.83
CA LEU A 105 -23.65 -0.21 -10.94
C LEU A 105 -24.49 -1.43 -10.53
N ILE A 106 -23.93 -2.29 -9.68
CA ILE A 106 -24.69 -3.39 -9.09
C ILE A 106 -25.92 -2.84 -8.38
N ARG A 107 -25.75 -1.77 -7.61
CA ARG A 107 -26.87 -1.19 -6.88
C ARG A 107 -27.94 -0.63 -7.83
N VAL A 108 -27.49 -0.06 -8.95
CA VAL A 108 -28.42 0.44 -9.98
C VAL A 108 -29.22 -0.71 -10.59
N ALA A 109 -28.55 -1.83 -10.85
CA ALA A 109 -29.23 -3.03 -11.36
C ALA A 109 -30.25 -3.55 -10.37
N GLN A 110 -29.91 -3.51 -9.09
CA GLN A 110 -30.79 -3.99 -8.03
C GLN A 110 -31.97 -3.05 -7.83
N ASN A 111 -31.71 -1.75 -7.91
CA ASN A 111 -32.71 -0.72 -7.61
C ASN A 111 -32.58 0.48 -8.54
N PRO A 112 -33.16 0.38 -9.76
CA PRO A 112 -33.09 1.48 -10.74
C PRO A 112 -33.69 2.80 -10.21
N GLU A 113 -34.56 2.71 -9.23
CA GLU A 113 -35.22 3.87 -8.64
C GLU A 113 -34.33 4.66 -7.66
N ALA A 114 -33.23 4.07 -7.21
CA ALA A 114 -32.33 4.74 -6.28
C ALA A 114 -31.75 6.00 -6.92
N PRO A 115 -31.81 7.15 -6.22
CA PRO A 115 -31.31 8.40 -6.81
C PRO A 115 -29.78 8.53 -6.74
N MET A 116 -29.09 7.64 -7.44
CA MET A 116 -27.64 7.67 -7.54
C MET A 116 -27.25 7.35 -8.98
N MET A 117 -26.08 7.83 -9.40
CA MET A 117 -25.63 7.69 -10.79
C MET A 117 -26.75 8.06 -11.78
N GLN A 118 -27.35 9.22 -11.56
CA GLN A 118 -28.46 9.67 -12.39
C GLN A 118 -27.94 10.32 -13.68
N ASP A 119 -26.64 10.61 -13.71
CA ASP A 119 -25.99 11.29 -14.84
C ASP A 119 -25.33 10.34 -15.83
N ASP A 120 -25.07 9.11 -15.40
CA ASP A 120 -24.20 8.20 -16.13
C ASP A 120 -24.95 7.41 -17.22
N PRO A 121 -24.43 7.42 -18.47
CA PRO A 121 -25.06 6.67 -19.56
C PRO A 121 -25.12 5.17 -19.32
N LEU A 122 -24.05 4.61 -18.76
CA LEU A 122 -24.03 3.17 -18.48
C LEU A 122 -25.10 2.79 -17.45
N ALA A 123 -25.27 3.64 -16.43
CA ALA A 123 -26.33 3.43 -15.44
C ALA A 123 -27.71 3.51 -16.09
N ALA A 124 -27.93 4.51 -16.93
CA ALA A 124 -29.21 4.67 -17.61
C ALA A 124 -29.54 3.45 -18.47
N GLY A 125 -28.56 2.96 -19.22
CA GLY A 125 -28.74 1.75 -20.02
C GLY A 125 -29.02 0.54 -19.15
N LEU A 126 -28.31 0.44 -18.03
CA LEU A 126 -28.50 -0.68 -17.09
C LEU A 126 -29.94 -0.70 -16.54
N ARG A 127 -30.48 0.49 -16.24
CA ARG A 127 -31.87 0.60 -15.76
C ARG A 127 -32.86 0.05 -16.79
N ASP A 128 -32.66 0.40 -18.06
CA ASP A 128 -33.49 -0.12 -19.15
C ASP A 128 -33.42 -1.63 -19.24
N LEU A 129 -32.22 -2.17 -19.09
CA LEU A 129 -32.00 -3.62 -19.13
C LEU A 129 -32.70 -4.31 -17.97
N ARG A 130 -32.57 -3.74 -16.76
CA ARG A 130 -33.21 -4.31 -15.58
C ARG A 130 -34.73 -4.35 -15.72
N MET A 131 -35.33 -3.27 -16.22
CA MET A 131 -36.77 -3.22 -16.40
C MET A 131 -37.27 -4.28 -17.37
N ARG A 132 -36.46 -4.61 -18.37
CA ARG A 132 -36.82 -5.66 -19.33
C ARG A 132 -36.58 -7.06 -18.77
N VAL A 133 -35.54 -7.22 -17.94
CA VAL A 133 -35.35 -8.45 -17.18
C VAL A 133 -36.57 -8.73 -16.31
N ASP A 134 -37.10 -7.69 -15.66
CA ASP A 134 -38.32 -7.81 -14.84
C ASP A 134 -39.49 -8.39 -15.65
N ARG A 135 -39.60 -7.98 -16.92
CA ARG A 135 -40.68 -8.45 -17.80
C ARG A 135 -40.59 -9.94 -18.13
N PHE A 136 -39.38 -10.40 -18.45
CA PHE A 136 -39.19 -11.74 -19.01
C PHE A 136 -38.57 -12.73 -18.04
N GLY A 137 -38.24 -12.28 -16.84
CA GLY A 137 -37.60 -13.12 -15.85
C GLY A 137 -38.40 -13.22 -14.55
N THR A 138 -38.12 -14.26 -13.79
CA THR A 138 -38.66 -14.41 -12.44
C THR A 138 -37.78 -13.62 -11.48
N ALA A 139 -38.23 -13.49 -10.23
CA ALA A 139 -37.42 -12.84 -9.21
C ALA A 139 -36.08 -13.55 -9.05
N GLY A 140 -36.11 -14.88 -9.06
CA GLY A 140 -34.90 -15.69 -8.94
C GLY A 140 -33.91 -15.50 -10.07
N GLN A 141 -34.42 -15.44 -11.30
CA GLN A 141 -33.59 -15.20 -12.48
C GLN A 141 -32.97 -13.80 -12.45
N THR A 142 -33.74 -12.82 -11.96
CA THR A 142 -33.25 -11.46 -11.82
C THR A 142 -32.10 -11.40 -10.82
N ALA A 143 -32.27 -12.06 -9.68
CA ALA A 143 -31.21 -12.13 -8.67
C ALA A 143 -29.97 -12.86 -9.18
N ARG A 144 -30.17 -13.92 -9.95
CA ARG A 144 -29.05 -14.66 -10.56
C ARG A 144 -28.28 -13.80 -11.57
N TRP A 145 -29.02 -13.00 -12.34
CA TRP A 145 -28.44 -12.05 -13.28
C TRP A 145 -27.56 -11.02 -12.54
N VAL A 146 -28.07 -10.47 -11.43
CA VAL A 146 -27.28 -9.54 -10.61
C VAL A 146 -26.03 -10.21 -10.04
N ASP A 147 -26.19 -11.42 -9.48
CA ASP A 147 -25.06 -12.18 -8.96
C ASP A 147 -24.00 -12.47 -10.02
N ALA A 148 -24.44 -12.78 -11.24
CA ALA A 148 -23.49 -13.02 -12.33
C ALA A 148 -22.77 -11.74 -12.73
N LEU A 149 -23.50 -10.61 -12.74
CA LEU A 149 -22.87 -9.31 -12.96
C LEU A 149 -21.77 -9.06 -11.93
N ARG A 150 -22.03 -9.41 -10.66
CA ARG A 150 -21.04 -9.21 -9.61
C ARG A 150 -19.80 -10.09 -9.84
N GLU A 151 -20.03 -11.34 -10.28
CA GLU A 151 -18.96 -12.28 -10.64
C GLU A 151 -18.04 -11.70 -11.70
N TYR A 152 -18.66 -11.23 -12.78
CA TYR A 152 -17.93 -10.56 -13.86
C TYR A 152 -17.16 -9.33 -13.33
N PHE A 153 -17.84 -8.46 -12.60
CA PHE A 153 -17.24 -7.24 -12.06
C PHE A 153 -16.02 -7.53 -11.17
N PHE A 154 -16.16 -8.48 -10.27
CA PHE A 154 -15.09 -8.83 -9.33
C PHE A 154 -13.87 -9.32 -10.11
N SER A 155 -14.11 -10.10 -11.16
CA SER A 155 -13.03 -10.67 -11.97
C SER A 155 -12.29 -9.62 -12.81
N VAL A 156 -12.98 -8.60 -13.31
CA VAL A 156 -12.27 -7.54 -14.06
C VAL A 156 -11.54 -6.56 -13.13
N VAL A 157 -11.95 -6.47 -11.88
CA VAL A 157 -11.16 -5.77 -10.86
C VAL A 157 -9.83 -6.52 -10.64
N TRP A 158 -9.90 -7.85 -10.61
CA TRP A 158 -8.69 -8.67 -10.53
C TRP A 158 -7.82 -8.50 -11.78
N GLU A 159 -8.42 -8.54 -12.97
CA GLU A 159 -7.69 -8.28 -14.22
C GLU A 159 -7.02 -6.90 -14.19
N ALA A 160 -7.72 -5.90 -13.65
CA ALA A 160 -7.21 -4.53 -13.60
C ALA A 160 -5.95 -4.40 -12.74
N ALA A 161 -5.86 -5.21 -11.68
CA ALA A 161 -4.67 -5.25 -10.84
C ALA A 161 -3.46 -5.75 -11.64
N HIS A 162 -3.67 -6.70 -12.54
CA HIS A 162 -2.60 -7.16 -13.43
C HIS A 162 -2.21 -6.12 -14.48
N ARG A 163 -3.20 -5.43 -15.05
CA ARG A 163 -2.94 -4.35 -16.00
C ARG A 163 -2.16 -3.22 -15.35
N ARG A 164 -2.57 -2.83 -14.14
CA ARG A 164 -1.88 -1.79 -13.38
C ARG A 164 -0.41 -2.14 -13.14
N ALA A 165 -0.16 -3.39 -12.73
CA ALA A 165 1.20 -3.86 -12.46
C ALA A 165 1.96 -4.28 -13.72
N GLY A 166 1.25 -4.40 -14.84
CA GLY A 166 1.83 -4.91 -16.09
C GLY A 166 2.24 -6.36 -16.02
N THR A 167 1.55 -7.14 -15.16
CA THR A 167 1.90 -8.54 -14.94
C THR A 167 0.93 -9.48 -15.66
N VAL A 168 1.37 -10.73 -15.81
CA VAL A 168 0.56 -11.77 -16.43
C VAL A 168 0.39 -12.91 -15.42
N PRO A 169 -0.87 -13.29 -15.12
CA PRO A 169 -1.07 -14.36 -14.14
C PRO A 169 -0.59 -15.71 -14.66
N ASP A 170 -0.38 -16.66 -13.75
CA ASP A 170 -0.11 -18.03 -14.17
C ASP A 170 -1.41 -18.66 -14.71
N LEU A 171 -1.31 -19.87 -15.22
CA LEU A 171 -2.40 -20.50 -15.94
C LEU A 171 -3.61 -20.78 -15.04
N ASN A 172 -3.35 -21.19 -13.80
CA ASN A 172 -4.42 -21.49 -12.87
C ASN A 172 -5.23 -20.25 -12.53
N ASP A 173 -4.51 -19.17 -12.17
CA ASP A 173 -5.15 -17.89 -11.87
C ASP A 173 -5.87 -17.33 -13.10
N TYR A 174 -5.22 -17.40 -14.26
CA TYR A 174 -5.85 -16.91 -15.48
C TYR A 174 -7.17 -17.65 -15.75
N THR A 175 -7.15 -18.98 -15.61
CA THR A 175 -8.34 -19.79 -15.85
C THR A 175 -9.48 -19.36 -14.93
N LEU A 176 -9.19 -19.21 -13.65
CA LEU A 176 -10.19 -18.77 -12.68
C LEU A 176 -10.76 -17.39 -13.02
N MET A 177 -9.87 -16.47 -13.38
CA MET A 177 -10.26 -15.10 -13.75
C MET A 177 -11.08 -15.10 -15.03
N ARG A 178 -10.62 -15.87 -16.03
CA ARG A 178 -11.22 -15.85 -17.36
C ARG A 178 -12.59 -16.54 -17.41
N LEU A 179 -12.83 -17.48 -16.51
CA LEU A 179 -14.15 -18.11 -16.37
C LEU A 179 -15.24 -17.09 -16.08
N TYR A 180 -14.87 -15.93 -15.53
CA TYR A 180 -15.84 -14.88 -15.21
C TYR A 180 -15.64 -13.58 -15.99
N ASP A 181 -14.40 -13.23 -16.34
CA ASP A 181 -14.15 -11.88 -16.89
C ASP A 181 -14.59 -11.72 -18.35
N GLY A 182 -14.99 -12.82 -18.98
CA GLY A 182 -15.67 -12.76 -20.28
C GLY A 182 -17.18 -12.56 -20.19
N ALA A 183 -17.70 -12.42 -18.96
CA ALA A 183 -19.14 -12.21 -18.73
C ALA A 183 -20.04 -13.32 -19.26
N THR A 184 -19.49 -14.50 -19.48
CA THR A 184 -20.25 -15.62 -20.02
C THR A 184 -21.35 -16.05 -19.04
N SER A 185 -21.10 -15.92 -17.74
CA SER A 185 -22.08 -16.34 -16.73
C SER A 185 -23.32 -15.42 -16.66
N VAL A 186 -23.17 -14.17 -17.10
CA VAL A 186 -24.29 -13.21 -17.09
C VAL A 186 -25.31 -13.47 -18.20
N VAL A 187 -24.87 -14.14 -19.26
CA VAL A 187 -25.73 -14.51 -20.38
C VAL A 187 -26.68 -15.65 -20.02
N LEU A 188 -26.22 -16.54 -19.13
CA LEU A 188 -26.94 -17.78 -18.85
C LEU A 188 -28.39 -17.62 -18.40
N PRO A 189 -28.68 -16.70 -17.47
CA PRO A 189 -30.10 -16.46 -17.12
C PRO A 189 -30.97 -16.04 -18.31
N MET A 190 -30.39 -15.29 -19.24
CA MET A 190 -31.14 -14.86 -20.44
C MET A 190 -31.41 -16.02 -21.41
N LEU A 191 -30.57 -17.04 -21.38
CA LEU A 191 -30.86 -18.30 -22.11
C LEU A 191 -32.18 -18.92 -21.66
N GLU A 192 -32.42 -18.92 -20.36
CA GLU A 192 -33.66 -19.46 -19.79
C GLU A 192 -34.84 -18.57 -20.16
N MET A 193 -34.69 -17.26 -19.92
CA MET A 193 -35.73 -16.27 -20.23
C MET A 193 -36.12 -16.30 -21.70
N GLY A 194 -35.14 -16.53 -22.56
CA GLY A 194 -35.37 -16.59 -24.01
C GLY A 194 -36.41 -17.62 -24.42
N HIS A 195 -36.55 -18.67 -23.62
CA HIS A 195 -37.51 -19.75 -23.89
C HIS A 195 -38.61 -19.85 -22.83
N GLY A 196 -38.73 -18.84 -21.97
CA GLY A 196 -39.86 -18.73 -21.06
C GLY A 196 -39.94 -19.75 -19.93
N TYR A 197 -38.79 -20.29 -19.52
CA TYR A 197 -38.75 -21.25 -18.42
C TYR A 197 -37.73 -20.82 -17.39
N GLU A 198 -37.72 -21.53 -16.27
CA GLU A 198 -36.76 -21.31 -15.19
C GLU A 198 -36.07 -22.63 -14.86
N LEU A 199 -34.75 -22.65 -14.90
CA LEU A 199 -34.00 -23.82 -14.47
C LEU A 199 -33.93 -23.78 -12.95
N GLN A 200 -34.43 -24.83 -12.31
CA GLN A 200 -34.59 -24.85 -10.84
C GLN A 200 -33.26 -25.08 -10.12
N PRO A 201 -33.12 -24.55 -8.90
CA PRO A 201 -31.86 -24.66 -8.15
C PRO A 201 -31.31 -26.09 -8.03
N TYR A 202 -32.18 -27.07 -7.80
CA TYR A 202 -31.70 -28.45 -7.61
C TYR A 202 -30.97 -28.99 -8.84
N GLU A 203 -31.28 -28.45 -10.03
CA GLU A 203 -30.52 -28.79 -11.24
C GLU A 203 -29.44 -27.75 -11.52
N ARG A 204 -29.85 -26.49 -11.56
CA ARG A 204 -28.96 -25.37 -11.87
C ARG A 204 -27.69 -25.33 -11.00
N ASP A 205 -27.86 -25.58 -9.71
CA ASP A 205 -26.74 -25.49 -8.75
C ASP A 205 -26.10 -26.84 -8.44
N ARG A 206 -26.57 -27.91 -9.09
CA ARG A 206 -25.90 -29.20 -8.99
C ARG A 206 -24.49 -29.05 -9.57
N THR A 207 -23.51 -29.66 -8.91
CA THR A 207 -22.10 -29.50 -9.29
C THR A 207 -21.84 -29.82 -10.77
N ALA A 208 -22.42 -30.91 -11.26
CA ALA A 208 -22.22 -31.34 -12.64
C ALA A 208 -22.80 -30.35 -13.66
N VAL A 209 -23.91 -29.71 -13.30
CA VAL A 209 -24.55 -28.73 -14.18
C VAL A 209 -23.77 -27.43 -14.18
N ARG A 210 -23.37 -26.96 -13.00
CA ARG A 210 -22.40 -25.86 -12.93
C ARG A 210 -21.18 -26.18 -13.79
N ALA A 211 -20.68 -27.41 -13.70
CA ALA A 211 -19.49 -27.80 -14.44
C ALA A 211 -19.64 -27.62 -15.95
N VAL A 212 -20.73 -28.11 -16.53
CA VAL A 212 -20.92 -27.96 -17.99
C VAL A 212 -21.11 -26.50 -18.40
N ALA A 213 -21.69 -25.69 -17.51
CA ALA A 213 -21.79 -24.25 -17.76
C ALA A 213 -20.38 -23.64 -17.75
N GLU A 214 -19.55 -24.05 -16.79
CA GLU A 214 -18.15 -23.59 -16.74
C GLU A 214 -17.35 -24.02 -17.96
N MET A 215 -17.57 -25.25 -18.41
CA MET A 215 -16.93 -25.76 -19.63
C MET A 215 -17.31 -24.90 -20.83
N ALA A 216 -18.58 -24.53 -20.95
CA ALA A 216 -19.03 -23.64 -22.02
C ALA A 216 -18.30 -22.30 -21.94
N SER A 217 -18.22 -21.74 -20.73
CA SER A 217 -17.47 -20.51 -20.50
C SER A 217 -16.01 -20.65 -20.90
N PHE A 218 -15.41 -21.80 -20.58
CA PHE A 218 -14.01 -22.05 -20.93
C PHE A 218 -13.81 -22.08 -22.45
N ILE A 219 -14.67 -22.80 -23.14
CA ILE A 219 -14.58 -22.94 -24.60
C ILE A 219 -14.80 -21.57 -25.27
N ILE A 220 -15.80 -20.83 -24.80
CA ILE A 220 -16.14 -19.53 -25.37
C ILE A 220 -14.98 -18.52 -25.17
N THR A 221 -14.41 -18.49 -23.98
CA THR A 221 -13.32 -17.55 -23.71
C THR A 221 -12.01 -17.95 -24.38
N TRP A 222 -11.72 -19.26 -24.45
CA TRP A 222 -10.53 -19.75 -25.16
C TRP A 222 -10.65 -19.52 -26.66
N ASP A 223 -11.82 -19.80 -27.22
CA ASP A 223 -12.09 -19.51 -28.63
C ASP A 223 -11.93 -18.01 -28.90
N ASN A 224 -12.41 -17.18 -27.98
CA ASN A 224 -12.19 -15.74 -28.12
C ASN A 224 -10.72 -15.38 -28.00
N ASP A 225 -10.02 -15.96 -27.02
CA ASP A 225 -8.57 -15.74 -26.90
C ASP A 225 -7.84 -16.04 -28.21
N ILE A 226 -8.25 -17.12 -28.88
CA ILE A 226 -7.66 -17.52 -30.16
C ILE A 226 -8.03 -16.54 -31.28
N PHE A 227 -9.32 -16.28 -31.46
CA PHE A 227 -9.79 -15.40 -32.54
C PHE A 227 -9.50 -13.91 -32.31
N SER A 228 -9.40 -13.48 -31.05
CA SER A 228 -9.14 -12.07 -30.72
C SER A 228 -7.67 -11.76 -30.45
N TYR A 229 -6.82 -12.80 -30.47
CA TYR A 229 -5.39 -12.61 -30.23
C TYR A 229 -4.79 -11.57 -31.16
N HIS A 230 -5.19 -11.61 -32.43
CA HIS A 230 -4.69 -10.68 -33.45
C HIS A 230 -5.01 -9.23 -33.09
N LYS A 231 -6.28 -8.91 -32.87
CA LYS A 231 -6.67 -7.53 -32.55
C LYS A 231 -6.12 -7.09 -31.19
N GLU A 232 -5.99 -8.03 -30.26
CA GLU A 232 -5.49 -7.72 -28.91
C GLU A 232 -4.00 -7.44 -28.88
N ARG A 233 -3.20 -8.31 -29.50
CA ARG A 233 -1.75 -8.14 -29.54
C ARG A 233 -1.33 -6.90 -30.33
N ARG A 234 -2.08 -6.57 -31.38
CA ARG A 234 -1.75 -5.43 -32.22
C ARG A 234 -2.22 -4.09 -31.66
N GLY A 235 -2.94 -4.11 -30.54
CA GLY A 235 -3.28 -2.88 -29.84
C GLY A 235 -2.04 -2.24 -29.25
N SER A 236 -2.19 -1.01 -28.77
CA SER A 236 -1.07 -0.25 -28.21
C SER A 236 -0.89 -0.50 -26.71
N GLY A 237 -1.91 -1.05 -26.05
CA GLY A 237 -1.92 -1.18 -24.60
C GLY A 237 -1.74 -2.59 -24.07
N TYR A 238 -2.02 -2.75 -22.79
CA TYR A 238 -1.95 -4.03 -22.11
C TYR A 238 -3.01 -4.97 -22.68
N TYR A 239 -2.67 -6.24 -22.84
CA TYR A 239 -3.65 -7.25 -23.21
C TYR A 239 -3.35 -8.54 -22.46
N LEU A 240 -4.37 -9.37 -22.31
CA LEU A 240 -4.22 -10.64 -21.62
C LEU A 240 -5.10 -11.69 -22.28
N ASN A 241 -4.52 -12.85 -22.55
CA ASN A 241 -5.26 -14.00 -23.04
C ASN A 241 -4.45 -15.27 -22.83
N ALA A 242 -5.07 -16.42 -23.11
CA ALA A 242 -4.45 -17.71 -22.84
C ALA A 242 -3.10 -17.90 -23.53
N LEU A 243 -2.96 -17.37 -24.74
CA LEU A 243 -1.72 -17.50 -25.49
C LEU A 243 -0.57 -16.77 -24.78
N ARG A 244 -0.82 -15.53 -24.37
CA ARG A 244 0.20 -14.78 -23.62
C ARG A 244 0.56 -15.47 -22.31
N VAL A 245 -0.43 -16.04 -21.63
CA VAL A 245 -0.20 -16.77 -20.38
C VAL A 245 0.65 -18.01 -20.64
N LEU A 246 0.31 -18.76 -21.68
CA LEU A 246 1.07 -19.98 -22.02
C LEU A 246 2.50 -19.67 -22.48
N GLU A 247 2.66 -18.59 -23.25
CA GLU A 247 3.99 -18.09 -23.61
C GLU A 247 4.87 -17.90 -22.38
N GLN A 248 4.34 -17.20 -21.38
CA GLN A 248 5.09 -16.90 -20.15
C GLN A 248 5.32 -18.16 -19.30
N GLU A 249 4.25 -18.91 -19.03
CA GLU A 249 4.36 -20.05 -18.11
C GLU A 249 5.18 -21.20 -18.66
N ARG A 250 5.08 -21.48 -19.95
CA ARG A 250 5.70 -22.66 -20.54
C ARG A 250 6.86 -22.33 -21.48
N GLY A 251 7.20 -21.04 -21.60
CA GLY A 251 8.31 -20.60 -22.45
C GLY A 251 8.09 -20.96 -23.91
N LEU A 252 6.89 -20.68 -24.39
CA LEU A 252 6.50 -21.04 -25.75
C LEU A 252 6.52 -19.82 -26.66
N THR A 253 6.69 -20.07 -27.96
CA THR A 253 6.46 -19.04 -28.96
C THR A 253 4.96 -18.84 -29.10
N PRO A 254 4.53 -17.71 -29.70
CA PRO A 254 3.11 -17.52 -29.96
C PRO A 254 2.46 -18.67 -30.74
N ALA A 255 3.18 -19.22 -31.72
CA ALA A 255 2.69 -20.34 -32.52
C ALA A 255 2.48 -21.59 -31.67
N GLN A 256 3.44 -21.88 -30.80
CA GLN A 256 3.34 -23.01 -29.89
C GLN A 256 2.24 -22.80 -28.86
N ALA A 257 2.12 -21.57 -28.37
CA ALA A 257 1.07 -21.21 -27.42
C ALA A 257 -0.33 -21.39 -28.03
N LEU A 258 -0.45 -21.07 -29.32
CA LEU A 258 -1.69 -21.25 -30.07
C LEU A 258 -2.08 -22.73 -30.08
N ASP A 259 -1.14 -23.58 -30.45
CA ASP A 259 -1.37 -25.03 -30.51
C ASP A 259 -1.72 -25.61 -29.13
N ALA A 260 -1.06 -25.14 -28.09
CA ALA A 260 -1.37 -25.57 -26.72
C ALA A 260 -2.80 -25.16 -26.33
N ALA A 261 -3.17 -23.93 -26.64
CA ALA A 261 -4.52 -23.43 -26.35
C ALA A 261 -5.60 -24.19 -27.12
N ILE A 262 -5.33 -24.50 -28.39
CA ILE A 262 -6.26 -25.29 -29.21
C ILE A 262 -6.48 -26.67 -28.60
N SER A 263 -5.39 -27.31 -28.19
CA SER A 263 -5.44 -28.59 -27.50
C SER A 263 -6.33 -28.55 -26.24
N GLN A 264 -6.18 -27.48 -25.46
CA GLN A 264 -6.97 -27.30 -24.25
C GLN A 264 -8.46 -27.20 -24.57
N ARG A 265 -8.83 -26.29 -25.46
CA ARG A 265 -10.25 -26.11 -25.79
C ARG A 265 -10.86 -27.30 -26.56
N ASP A 266 -10.03 -28.06 -27.28
CA ASP A 266 -10.48 -29.30 -27.93
C ASP A 266 -10.90 -30.35 -26.90
N ARG A 267 -10.09 -30.53 -25.87
CA ARG A 267 -10.38 -31.50 -24.81
C ARG A 267 -11.60 -31.12 -23.98
N VAL A 268 -11.77 -29.83 -23.72
CA VAL A 268 -12.95 -29.34 -22.99
C VAL A 268 -14.22 -29.47 -23.86
N MET A 269 -14.10 -29.19 -25.16
CA MET A 269 -15.21 -29.37 -26.09
C MET A 269 -15.70 -30.82 -26.07
N CYS A 270 -14.77 -31.77 -26.12
CA CYS A 270 -15.10 -33.19 -26.07
C CYS A 270 -15.75 -33.60 -24.74
N LEU A 271 -15.21 -33.09 -23.64
CA LEU A 271 -15.78 -33.38 -22.32
C LEU A 271 -17.18 -32.79 -22.20
N PHE A 272 -17.32 -31.54 -22.64
CA PHE A 272 -18.62 -30.85 -22.59
C PHE A 272 -19.72 -31.65 -23.28
N THR A 273 -19.46 -32.14 -24.49
CA THR A 273 -20.48 -32.90 -25.23
C THR A 273 -20.83 -34.20 -24.51
N THR A 274 -19.83 -34.88 -23.97
CA THR A 274 -20.05 -36.15 -23.25
C THR A 274 -20.85 -35.96 -21.96
N VAL A 275 -20.43 -35.01 -21.12
CA VAL A 275 -21.13 -34.76 -19.86
C VAL A 275 -22.54 -34.20 -20.11
N SER A 276 -22.67 -33.30 -21.09
CA SER A 276 -23.99 -32.79 -21.48
C SER A 276 -24.94 -33.93 -21.85
N GLU A 277 -24.46 -34.87 -22.65
CA GLU A 277 -25.26 -36.05 -23.04
C GLU A 277 -25.73 -36.85 -21.82
N GLN A 278 -24.83 -37.08 -20.86
CA GLN A 278 -25.16 -37.77 -19.62
C GLN A 278 -26.27 -37.04 -18.86
N LEU A 279 -26.12 -35.72 -18.72
CA LEU A 279 -27.09 -34.90 -17.98
C LEU A 279 -28.47 -34.87 -18.65
N ALA A 280 -28.48 -34.80 -19.99
CA ALA A 280 -29.72 -34.75 -20.76
C ALA A 280 -30.55 -36.03 -20.66
N GLU A 281 -29.90 -37.19 -20.48
CA GLU A 281 -30.59 -38.48 -20.45
C GLU A 281 -31.64 -38.59 -19.35
N GLN A 282 -31.33 -38.09 -18.16
CA GLN A 282 -32.28 -38.16 -17.04
C GLN A 282 -32.59 -36.79 -16.42
N GLY A 283 -32.26 -35.73 -17.14
CA GLY A 283 -32.59 -34.37 -16.71
C GLY A 283 -34.02 -33.97 -17.04
N SER A 284 -34.47 -32.87 -16.46
CA SER A 284 -35.78 -32.33 -16.75
C SER A 284 -35.82 -31.81 -18.19
N PRO A 285 -37.02 -31.56 -18.72
CA PRO A 285 -37.11 -30.93 -20.05
C PRO A 285 -36.43 -29.55 -20.08
N GLN A 286 -36.46 -28.86 -18.95
CA GLN A 286 -35.84 -27.55 -18.81
C GLN A 286 -34.33 -27.65 -18.89
N LEU A 287 -33.76 -28.66 -18.24
CA LEU A 287 -32.32 -28.89 -18.33
C LEU A 287 -31.92 -29.24 -19.77
N ARG A 288 -32.71 -30.06 -20.45
CA ARG A 288 -32.41 -30.40 -21.84
C ARG A 288 -32.38 -29.15 -22.73
N GLN A 289 -33.30 -28.22 -22.51
CA GLN A 289 -33.33 -26.96 -23.24
C GLN A 289 -32.13 -26.08 -22.90
N TYR A 290 -31.78 -26.04 -21.61
CA TYR A 290 -30.62 -25.28 -21.15
C TYR A 290 -29.33 -25.79 -21.78
N LEU A 291 -29.18 -27.11 -21.83
CA LEU A 291 -27.99 -27.71 -22.43
C LEU A 291 -27.92 -27.43 -23.93
N HIS A 292 -29.06 -27.46 -24.61
CA HIS A 292 -29.14 -27.05 -26.01
C HIS A 292 -28.70 -25.59 -26.21
N SER A 293 -29.16 -24.71 -25.32
CA SER A 293 -28.79 -23.30 -25.40
C SER A 293 -27.29 -23.06 -25.15
N LEU A 294 -26.67 -23.85 -24.28
CA LEU A 294 -25.22 -23.78 -24.09
C LEU A 294 -24.48 -24.09 -25.39
N ARG A 295 -24.96 -25.09 -26.13
CA ARG A 295 -24.41 -25.37 -27.48
C ARG A 295 -24.58 -24.20 -28.42
N CYS A 296 -25.77 -23.60 -28.43
CA CYS A 296 -26.05 -22.43 -29.27
C CYS A 296 -25.11 -21.25 -28.95
N PHE A 297 -24.85 -21.04 -27.65
CA PHE A 297 -23.97 -19.98 -27.17
C PHE A 297 -22.54 -20.24 -27.64
N ILE A 298 -22.07 -21.48 -27.45
CA ILE A 298 -20.71 -21.85 -27.86
C ILE A 298 -20.54 -21.65 -29.36
N ARG A 299 -21.48 -22.16 -30.14
CA ARG A 299 -21.38 -22.10 -31.61
C ARG A 299 -21.61 -20.69 -32.14
N GLY A 300 -22.55 -19.96 -31.54
CA GLY A 300 -22.80 -18.58 -31.92
C GLY A 300 -21.56 -17.71 -31.75
N ALA A 301 -20.84 -17.92 -30.65
CA ALA A 301 -19.61 -17.19 -30.39
C ALA A 301 -18.52 -17.56 -31.39
N GLN A 302 -18.48 -18.83 -31.79
CA GLN A 302 -17.56 -19.31 -32.82
C GLN A 302 -17.79 -18.63 -34.19
N ASP A 303 -19.02 -18.66 -34.68
CA ASP A 303 -19.35 -18.07 -35.98
C ASP A 303 -19.14 -16.56 -35.97
N TRP A 304 -19.52 -15.92 -34.86
CA TRP A 304 -19.34 -14.48 -34.71
C TRP A 304 -17.86 -14.12 -34.60
N GLY A 305 -17.10 -14.94 -33.88
CA GLY A 305 -15.67 -14.71 -33.67
C GLY A 305 -14.82 -14.67 -34.92
N ILE A 306 -15.21 -15.42 -35.96
CA ILE A 306 -14.46 -15.43 -37.21
C ILE A 306 -15.02 -14.45 -38.26
N SER A 307 -16.11 -13.76 -37.94
CA SER A 307 -16.78 -12.89 -38.93
C SER A 307 -16.91 -11.42 -38.51
N SER A 308 -17.05 -11.14 -37.22
CA SER A 308 -17.17 -9.74 -36.76
C SER A 308 -15.93 -8.92 -37.13
N VAL A 309 -16.14 -7.68 -37.57
CA VAL A 309 -15.02 -6.77 -37.85
C VAL A 309 -14.23 -6.43 -36.58
N ARG A 310 -14.84 -6.69 -35.43
CA ARG A 310 -14.14 -6.61 -34.16
C ARG A 310 -12.87 -7.49 -34.17
N TYR A 311 -12.96 -8.65 -34.82
CA TYR A 311 -11.86 -9.62 -34.83
C TYR A 311 -11.13 -9.72 -36.18
N THR A 312 -11.86 -9.56 -37.29
CA THR A 312 -11.23 -9.60 -38.61
C THR A 312 -10.47 -8.31 -38.91
N THR A 313 -10.80 -7.22 -38.21
CA THR A 313 -10.13 -5.92 -38.32
C THR A 313 -9.67 -5.57 -39.74
N PRO A 314 -10.63 -5.22 -40.63
CA PRO A 314 -10.36 -4.92 -42.04
C PRO A 314 -9.19 -3.98 -42.33
N ASP A 315 -8.96 -2.99 -41.48
CA ASP A 315 -7.85 -2.05 -41.67
C ASP A 315 -6.47 -2.68 -41.41
N ASP A 316 -6.46 -3.87 -40.83
CA ASP A 316 -5.26 -4.69 -40.71
C ASP A 316 -5.68 -6.15 -40.61
N PRO A 317 -6.08 -6.75 -41.76
CA PRO A 317 -6.81 -8.02 -41.82
C PRO A 317 -6.20 -9.16 -40.99
N ALA A 318 -7.01 -9.78 -40.15
CA ALA A 318 -6.58 -10.98 -39.41
C ALA A 318 -6.56 -12.18 -40.35
N ASN A 319 -5.69 -13.14 -40.07
CA ASN A 319 -5.64 -14.41 -40.80
C ASN A 319 -6.58 -15.40 -40.13
N MET A 320 -7.81 -15.45 -40.60
CA MET A 320 -8.87 -16.22 -39.94
C MET A 320 -9.35 -17.38 -40.79
N PRO A 321 -9.72 -18.50 -40.14
CA PRO A 321 -10.34 -19.58 -40.88
C PRO A 321 -11.75 -19.17 -41.33
N SER A 322 -12.27 -19.87 -42.34
CA SER A 322 -13.60 -19.61 -42.88
C SER A 322 -14.62 -20.64 -42.40
N VAL A 323 -14.13 -21.75 -41.88
CA VAL A 323 -15.00 -22.85 -41.44
C VAL A 323 -14.48 -23.48 -40.16
N PHE A 324 -15.34 -24.29 -39.55
CA PHE A 324 -14.97 -25.13 -38.42
C PHE A 324 -14.97 -26.59 -38.87
N THR A 325 -14.13 -27.40 -38.23
CA THR A 325 -14.03 -28.82 -38.56
C THR A 325 -14.86 -29.66 -37.60
N ASP A 326 -15.12 -30.90 -37.98
CA ASP A 326 -15.92 -31.82 -37.16
C ASP A 326 -15.06 -32.87 -36.45
N VAL A 327 -13.74 -32.73 -36.51
CA VAL A 327 -12.83 -33.63 -35.82
C VAL A 327 -11.79 -32.85 -35.01
N PRO A 328 -11.56 -33.25 -33.74
CA PRO A 328 -10.60 -32.53 -32.91
C PRO A 328 -9.15 -32.83 -33.28
N THR A 329 -8.23 -31.95 -32.87
CA THR A 329 -6.80 -32.22 -32.95
C THR A 329 -6.38 -33.06 -31.76
N ASP A 330 -6.88 -32.69 -30.58
CA ASP A 330 -6.63 -33.43 -29.34
C ASP A 330 -7.91 -34.14 -28.89
N ASP A 331 -7.91 -35.47 -29.05
CA ASP A 331 -9.08 -36.30 -28.78
C ASP A 331 -8.99 -37.00 -27.41
N SER A 332 -7.88 -36.82 -26.70
CA SER A 332 -7.63 -37.54 -25.46
C SER A 332 -8.58 -37.15 -24.33
N THR A 333 -8.74 -38.06 -23.37
CA THR A 333 -9.54 -37.82 -22.17
C THR A 333 -8.66 -37.41 -21.00
N GLU A 334 -7.40 -37.04 -21.27
CA GLU A 334 -6.49 -36.60 -20.23
C GLU A 334 -6.94 -35.22 -19.73
N PRO A 335 -7.11 -35.07 -18.41
CA PRO A 335 -7.49 -33.76 -17.87
C PRO A 335 -6.44 -32.69 -18.14
N LEU A 336 -6.89 -31.44 -18.25
CA LEU A 336 -5.99 -30.29 -18.31
C LEU A 336 -5.17 -30.21 -17.04
N ASP A 337 -3.93 -29.74 -17.17
CA ASP A 337 -3.05 -29.54 -16.01
C ASP A 337 -3.35 -28.19 -15.37
N ILE A 338 -4.60 -28.03 -14.92
CA ILE A 338 -5.11 -26.78 -14.37
C ILE A 338 -5.96 -27.16 -13.16
N PRO A 339 -5.41 -27.01 -11.94
CA PRO A 339 -6.12 -27.43 -10.72
C PRO A 339 -7.55 -26.87 -10.57
N ALA A 340 -7.81 -25.68 -11.11
CA ALA A 340 -9.08 -25.02 -10.92
C ALA A 340 -10.20 -25.76 -11.67
N VAL A 341 -9.84 -26.49 -12.73
CA VAL A 341 -10.85 -27.18 -13.56
C VAL A 341 -10.60 -28.67 -13.81
N SER A 342 -9.48 -29.23 -13.35
CA SER A 342 -9.16 -30.63 -13.66
C SER A 342 -10.17 -31.62 -13.07
N TRP A 343 -10.86 -31.21 -12.01
CA TRP A 343 -11.95 -31.99 -11.41
C TRP A 343 -13.13 -32.29 -12.36
N TRP A 344 -13.31 -31.49 -13.40
CA TRP A 344 -14.37 -31.73 -14.40
C TRP A 344 -14.33 -33.17 -14.93
N TRP A 345 -13.12 -33.70 -15.11
CA TRP A 345 -12.96 -35.04 -15.66
C TRP A 345 -13.41 -36.15 -14.70
N ASP A 346 -13.59 -35.81 -13.42
CA ASP A 346 -14.20 -36.74 -12.44
C ASP A 346 -15.67 -37.02 -12.75
N LEU A 347 -16.31 -36.18 -13.56
CA LEU A 347 -17.73 -36.31 -13.87
C LEU A 347 -18.03 -37.40 -14.91
N LEU A 348 -16.99 -37.90 -15.59
CA LEU A 348 -17.14 -39.00 -16.56
C LEU A 348 -17.66 -40.26 -15.88
N ALA A 349 -18.83 -40.73 -16.30
CA ALA A 349 -19.45 -41.93 -15.74
C ALA A 349 -19.05 -43.18 -16.53
N GLU B 4 -12.70 10.29 24.04
CA GLU B 4 -13.37 9.02 24.45
C GLU B 4 -14.86 9.27 24.71
N LEU B 5 -15.71 8.59 23.91
CA LEU B 5 -17.15 8.80 23.97
C LEU B 5 -17.82 7.88 24.99
N THR B 6 -19.04 8.25 25.38
CA THR B 6 -19.91 7.37 26.14
C THR B 6 -21.07 6.90 25.26
N VAL B 7 -21.12 5.60 25.01
CA VAL B 7 -22.20 5.01 24.24
C VAL B 7 -23.40 4.76 25.17
N PRO B 8 -24.57 5.33 24.83
CA PRO B 8 -25.76 5.09 25.65
C PRO B 8 -26.41 3.75 25.32
N PRO B 9 -27.34 3.29 26.16
CA PRO B 9 -28.13 2.11 25.82
C PRO B 9 -28.84 2.31 24.48
N LEU B 10 -28.76 1.32 23.60
CA LEU B 10 -29.40 1.40 22.30
C LEU B 10 -30.78 0.77 22.33
N PHE B 11 -31.64 1.25 21.43
CA PHE B 11 -32.99 0.72 21.27
C PHE B 11 -32.96 -0.64 20.58
N SER B 12 -33.56 -1.64 21.22
CA SER B 12 -33.85 -2.92 20.58
C SER B 12 -35.20 -3.44 21.05
N PRO B 13 -36.14 -3.66 20.10
CA PRO B 13 -37.46 -4.23 20.46
C PRO B 13 -37.47 -5.76 20.51
N ILE B 14 -36.31 -6.40 20.56
CA ILE B 14 -36.19 -7.85 20.46
C ILE B 14 -35.67 -8.43 21.77
N ARG B 15 -36.28 -9.53 22.21
CA ARG B 15 -35.91 -10.19 23.45
C ARG B 15 -34.66 -11.05 23.30
N GLN B 16 -33.87 -11.13 24.37
CA GLN B 16 -32.67 -11.96 24.42
C GLN B 16 -33.03 -13.44 24.36
N ALA B 17 -32.13 -14.24 23.76
CA ALA B 17 -32.29 -15.69 23.72
C ALA B 17 -30.97 -16.34 23.34
N ILE B 18 -30.72 -17.52 23.88
CA ILE B 18 -29.48 -18.23 23.58
C ILE B 18 -29.69 -19.74 23.55
N HIS B 19 -28.96 -20.42 22.65
CA HIS B 19 -28.99 -21.87 22.55
C HIS B 19 -28.35 -22.44 23.81
N PRO B 20 -28.97 -23.46 24.44
CA PRO B 20 -28.45 -23.97 25.71
C PRO B 20 -27.04 -24.56 25.65
N LYS B 21 -26.59 -25.02 24.49
CA LYS B 21 -25.26 -25.59 24.32
C LYS B 21 -24.18 -24.54 23.98
N HIS B 22 -24.46 -23.27 24.24
CA HIS B 22 -23.52 -22.17 23.95
C HIS B 22 -22.08 -22.43 24.45
N ALA B 23 -21.94 -22.96 25.66
CA ALA B 23 -20.61 -23.19 26.25
C ALA B 23 -19.84 -24.28 25.51
N ASP B 24 -20.54 -25.37 25.19
CA ASP B 24 -19.95 -26.47 24.42
C ASP B 24 -19.49 -26.00 23.04
N ILE B 25 -20.33 -25.19 22.41
CA ILE B 25 -20.04 -24.68 21.07
C ILE B 25 -18.82 -23.76 21.11
N ASP B 26 -18.72 -22.94 22.15
CA ASP B 26 -17.59 -22.02 22.31
C ASP B 26 -16.27 -22.78 22.45
N VAL B 27 -16.28 -23.84 23.26
CA VAL B 27 -15.09 -24.70 23.43
C VAL B 27 -14.72 -25.39 22.11
N GLN B 28 -15.71 -25.93 21.41
CA GLN B 28 -15.47 -26.64 20.15
C GLN B 28 -14.92 -25.73 19.04
N THR B 29 -15.39 -24.48 19.02
CA THR B 29 -14.91 -23.50 18.03
C THR B 29 -13.45 -23.13 18.29
N ALA B 30 -13.08 -22.99 19.56
CA ALA B 30 -11.68 -22.77 19.93
C ALA B 30 -10.81 -23.94 19.49
N ALA B 31 -11.31 -25.16 19.68
CA ALA B 31 -10.60 -26.36 19.24
C ALA B 31 -10.46 -26.40 17.72
N TRP B 32 -11.52 -26.02 17.02
CA TRP B 32 -11.53 -25.98 15.55
C TRP B 32 -10.45 -25.01 15.04
N ALA B 33 -10.38 -23.82 15.64
CA ALA B 33 -9.37 -22.83 15.29
C ALA B 33 -7.96 -23.38 15.44
N GLU B 34 -7.75 -24.17 16.48
CA GLU B 34 -6.46 -24.75 16.80
C GLU B 34 -6.16 -25.88 15.80
N THR B 35 -7.16 -26.71 15.52
CA THR B 35 -7.01 -27.82 14.58
C THR B 35 -6.63 -27.37 13.17
N PHE B 36 -7.28 -26.32 12.67
CA PHE B 36 -6.99 -25.83 11.33
C PHE B 36 -5.98 -24.68 11.29
N ARG B 37 -5.44 -24.32 12.45
CA ARG B 37 -4.39 -23.31 12.57
C ARG B 37 -4.84 -21.99 11.94
N ILE B 38 -6.04 -21.56 12.30
CA ILE B 38 -6.63 -20.35 11.73
C ILE B 38 -5.98 -19.13 12.37
N GLY B 39 -5.40 -18.28 11.52
CA GLY B 39 -4.79 -17.03 11.95
C GLY B 39 -3.38 -17.19 12.49
N SER B 40 -2.70 -16.06 12.65
CA SER B 40 -1.42 -16.02 13.35
C SER B 40 -1.65 -16.46 14.78
N GLU B 41 -0.58 -16.86 15.47
CA GLU B 41 -0.71 -17.28 16.87
C GLU B 41 -1.28 -16.16 17.73
N GLU B 42 -0.87 -14.92 17.48
CA GLU B 42 -1.39 -13.79 18.24
C GLU B 42 -2.89 -13.59 18.02
N LEU B 43 -3.31 -13.59 16.75
CA LEU B 43 -4.72 -13.40 16.43
C LEU B 43 -5.57 -14.52 17.01
N ARG B 44 -5.15 -15.77 16.80
CA ARG B 44 -5.93 -16.93 17.27
C ARG B 44 -6.11 -16.87 18.78
N GLY B 45 -5.04 -16.52 19.49
CA GLY B 45 -5.07 -16.37 20.94
C GLY B 45 -6.14 -15.39 21.42
N LYS B 46 -6.38 -14.36 20.62
CA LYS B 46 -7.44 -13.41 20.91
C LYS B 46 -8.81 -13.99 20.55
N LEU B 47 -8.94 -14.49 19.32
CA LEU B 47 -10.24 -14.94 18.81
C LEU B 47 -10.92 -15.99 19.68
N VAL B 48 -10.14 -16.93 20.21
CA VAL B 48 -10.70 -18.00 21.05
C VAL B 48 -11.24 -17.53 22.41
N THR B 49 -10.93 -16.29 22.79
CA THR B 49 -11.45 -15.71 24.04
C THR B 49 -12.65 -14.79 23.82
N GLN B 50 -13.06 -14.60 22.57
CA GLN B 50 -14.03 -13.56 22.22
C GLN B 50 -15.50 -14.03 22.14
N ASP B 51 -15.77 -15.24 22.63
CA ASP B 51 -17.15 -15.75 22.78
C ASP B 51 -17.90 -15.92 21.44
N ILE B 52 -17.18 -16.35 20.40
CA ILE B 52 -17.80 -16.50 19.07
C ILE B 52 -18.86 -17.61 19.06
N GLY B 53 -18.62 -18.69 19.81
CA GLY B 53 -19.61 -19.75 19.99
C GLY B 53 -20.87 -19.24 20.66
N THR B 54 -20.70 -18.40 21.67
CA THR B 54 -21.82 -17.75 22.36
C THR B 54 -22.59 -16.86 21.38
N PHE B 55 -21.86 -16.11 20.57
CA PHE B 55 -22.48 -15.27 19.53
C PHE B 55 -23.38 -16.10 18.61
N SER B 56 -22.83 -17.17 18.04
CA SER B 56 -23.60 -18.07 17.19
C SER B 56 -24.82 -18.64 17.91
N ALA B 57 -24.63 -19.02 19.17
CA ALA B 57 -25.72 -19.55 20.00
C ALA B 57 -26.88 -18.58 20.16
N ARG B 58 -26.60 -17.28 20.08
CA ARG B 58 -27.65 -16.25 20.13
C ARG B 58 -28.31 -16.01 18.78
N ILE B 59 -27.59 -16.28 17.69
CA ILE B 59 -28.14 -16.12 16.35
C ILE B 59 -29.14 -17.23 16.03
N LEU B 60 -28.83 -18.45 16.47
CA LEU B 60 -29.70 -19.62 16.28
C LEU B 60 -30.07 -20.25 17.63
N PRO B 61 -30.84 -19.52 18.46
CA PRO B 61 -31.11 -20.03 19.81
C PRO B 61 -31.97 -21.30 19.88
N GLU B 62 -32.74 -21.55 18.83
CA GLU B 62 -33.51 -22.80 18.72
C GLU B 62 -33.11 -23.60 17.48
N GLY B 63 -31.95 -23.28 16.91
CA GLY B 63 -31.43 -23.99 15.76
C GLY B 63 -30.84 -25.34 16.13
N ARG B 64 -30.64 -26.17 15.11
CA ARG B 64 -30.01 -27.47 15.27
C ARG B 64 -28.54 -27.28 15.71
N GLU B 65 -28.14 -27.99 16.76
CA GLU B 65 -26.82 -27.78 17.38
C GLU B 65 -25.66 -27.85 16.39
N GLU B 66 -25.74 -28.79 15.45
CA GLU B 66 -24.69 -28.98 14.46
C GLU B 66 -24.51 -27.72 13.59
N VAL B 67 -25.63 -27.06 13.27
CA VAL B 67 -25.57 -25.85 12.45
C VAL B 67 -25.08 -24.65 13.28
N VAL B 68 -25.47 -24.58 14.56
CA VAL B 68 -24.92 -23.56 15.46
C VAL B 68 -23.39 -23.68 15.52
N SER B 69 -22.89 -24.92 15.61
CA SER B 69 -21.45 -25.18 15.60
C SER B 69 -20.80 -24.77 14.28
N LEU B 70 -21.45 -25.11 13.17
CA LEU B 70 -20.97 -24.71 11.85
C LEU B 70 -20.88 -23.19 11.73
N LEU B 71 -21.92 -22.50 12.19
CA LEU B 71 -21.96 -21.05 12.10
C LEU B 71 -20.87 -20.42 12.96
N ALA B 72 -20.64 -20.98 14.16
CA ALA B 72 -19.59 -20.49 15.04
C ALA B 72 -18.21 -20.62 14.42
N ASP B 73 -17.90 -21.80 13.89
CA ASP B 73 -16.63 -22.04 13.22
C ASP B 73 -16.46 -21.11 12.03
N PHE B 74 -17.56 -20.88 11.31
CA PHE B 74 -17.56 -20.01 10.15
C PHE B 74 -17.27 -18.56 10.54
N ILE B 75 -17.89 -18.08 11.63
CA ILE B 75 -17.63 -16.72 12.09
C ILE B 75 -16.16 -16.54 12.49
N LEU B 76 -15.59 -17.53 13.19
CA LEU B 76 -14.18 -17.47 13.55
C LEU B 76 -13.31 -17.46 12.30
N TRP B 77 -13.64 -18.31 11.33
CA TRP B 77 -12.97 -18.34 10.03
C TRP B 77 -13.02 -16.97 9.34
N LEU B 78 -14.19 -16.34 9.35
CA LEU B 78 -14.35 -15.01 8.77
C LEU B 78 -13.46 -13.94 9.45
N PHE B 79 -13.29 -14.02 10.77
CA PHE B 79 -12.33 -13.15 11.45
C PHE B 79 -10.89 -13.50 11.07
N GLY B 80 -10.64 -14.78 10.82
CA GLY B 80 -9.38 -15.20 10.20
C GLY B 80 -9.07 -14.43 8.93
N VAL B 81 -10.08 -14.23 8.09
CA VAL B 81 -9.92 -13.45 6.85
C VAL B 81 -9.92 -11.95 7.14
N ASP B 82 -10.93 -11.50 7.87
CA ASP B 82 -11.17 -10.07 8.03
C ASP B 82 -10.09 -9.40 8.87
N ASP B 83 -9.66 -10.04 9.95
CA ASP B 83 -8.53 -9.55 10.76
C ASP B 83 -7.19 -9.98 10.17
N GLY B 84 -7.05 -11.27 9.94
CA GLY B 84 -5.76 -11.85 9.56
C GLY B 84 -5.19 -11.33 8.26
N HIS B 85 -6.05 -11.05 7.29
CA HIS B 85 -5.62 -10.49 6.01
C HIS B 85 -6.06 -9.02 5.84
N CYS B 86 -7.36 -8.76 5.92
CA CYS B 86 -7.91 -7.45 5.53
C CYS B 86 -7.48 -6.29 6.43
N GLU B 87 -7.66 -6.43 7.74
CA GLU B 87 -7.50 -5.30 8.64
C GLU B 87 -6.19 -5.29 9.41
N GLU B 88 -5.60 -6.46 9.65
CA GLU B 88 -4.37 -6.55 10.44
C GLU B 88 -3.23 -7.27 9.71
N GLY B 89 -3.44 -7.60 8.44
CA GLY B 89 -2.45 -8.31 7.62
C GLY B 89 -1.97 -7.47 6.47
N GLU B 90 -0.85 -7.86 5.86
CA GLU B 90 -0.28 -7.05 4.78
C GLU B 90 -1.14 -7.06 3.50
N LEU B 91 -1.87 -8.14 3.23
CA LEU B 91 -2.72 -8.22 2.01
C LEU B 91 -3.82 -7.18 1.97
N GLY B 92 -4.28 -6.74 3.14
CA GLY B 92 -5.30 -5.70 3.24
C GLY B 92 -4.90 -4.36 2.65
N HIS B 93 -3.60 -4.16 2.44
CA HIS B 93 -3.09 -2.94 1.81
C HIS B 93 -2.89 -3.14 0.30
N ARG B 94 -3.19 -4.34 -0.20
CA ARG B 94 -2.91 -4.72 -1.57
C ARG B 94 -4.17 -5.29 -2.23
N PRO B 95 -5.10 -4.41 -2.65
CA PRO B 95 -6.42 -4.83 -3.15
C PRO B 95 -6.37 -5.88 -4.26
N GLY B 96 -5.44 -5.71 -5.20
CA GLY B 96 -5.27 -6.66 -6.30
C GLY B 96 -4.79 -8.03 -5.88
N ASP B 97 -3.79 -8.07 -5.01
CA ASP B 97 -3.30 -9.34 -4.46
C ASP B 97 -4.35 -10.00 -3.57
N LEU B 98 -5.07 -9.19 -2.79
CA LEU B 98 -6.20 -9.68 -2.00
C LEU B 98 -7.30 -10.25 -2.89
N ALA B 99 -7.59 -9.58 -4.01
CA ALA B 99 -8.60 -10.06 -4.94
C ALA B 99 -8.23 -11.45 -5.47
N GLY B 100 -6.94 -11.66 -5.73
CA GLY B 100 -6.44 -12.95 -6.19
C GLY B 100 -6.62 -14.06 -5.17
N LEU B 101 -6.15 -13.83 -3.94
CA LEU B 101 -6.35 -14.78 -2.84
C LEU B 101 -7.83 -15.14 -2.70
N LEU B 102 -8.69 -14.14 -2.75
CA LEU B 102 -10.10 -14.36 -2.47
C LEU B 102 -10.82 -15.11 -3.60
N HIS B 103 -10.42 -14.86 -4.85
CA HIS B 103 -10.92 -15.68 -5.97
C HIS B 103 -10.52 -17.14 -5.79
N ARG B 104 -9.29 -17.38 -5.33
CA ARG B 104 -8.82 -18.75 -5.08
C ARG B 104 -9.63 -19.42 -3.97
N LEU B 105 -9.94 -18.67 -2.92
CA LEU B 105 -10.73 -19.22 -1.80
C LEU B 105 -12.16 -19.55 -2.26
N ILE B 106 -12.74 -18.73 -3.13
CA ILE B 106 -14.06 -19.04 -3.70
C ILE B 106 -14.01 -20.40 -4.40
N ARG B 107 -12.96 -20.62 -5.18
CA ARG B 107 -12.82 -21.89 -5.88
C ARG B 107 -12.68 -23.08 -4.92
N VAL B 108 -12.00 -22.87 -3.80
CA VAL B 108 -11.86 -23.91 -2.78
C VAL B 108 -13.23 -24.25 -2.18
N ALA B 109 -14.03 -23.22 -1.89
CA ALA B 109 -15.40 -23.42 -1.39
C ALA B 109 -16.28 -24.15 -2.40
N GLN B 110 -16.11 -23.84 -3.68
CA GLN B 110 -16.88 -24.50 -4.74
C GLN B 110 -16.46 -25.95 -4.94
N ASN B 111 -15.14 -26.18 -4.86
CA ASN B 111 -14.55 -27.48 -5.18
C ASN B 111 -13.39 -27.81 -4.24
N PRO B 112 -13.70 -28.27 -3.01
CA PRO B 112 -12.68 -28.63 -2.02
C PRO B 112 -11.66 -29.67 -2.54
N GLU B 113 -12.08 -30.50 -3.49
CA GLU B 113 -11.22 -31.53 -4.08
C GLU B 113 -10.16 -30.98 -5.05
N ALA B 114 -10.32 -29.74 -5.52
CA ALA B 114 -9.37 -29.16 -6.48
C ALA B 114 -7.97 -29.05 -5.84
N PRO B 115 -6.93 -29.54 -6.52
CA PRO B 115 -5.58 -29.57 -5.94
C PRO B 115 -4.87 -28.20 -6.02
N MET B 116 -5.44 -27.20 -5.34
CA MET B 116 -4.87 -25.87 -5.24
C MET B 116 -5.05 -25.39 -3.80
N MET B 117 -4.20 -24.46 -3.38
CA MET B 117 -4.18 -23.96 -2.00
C MET B 117 -4.21 -25.11 -0.99
N GLN B 118 -3.34 -26.08 -1.22
CA GLN B 118 -3.23 -27.26 -0.37
C GLN B 118 -2.43 -26.95 0.90
N ASP B 119 -1.72 -25.83 0.88
CA ASP B 119 -0.86 -25.39 1.98
C ASP B 119 -1.57 -24.54 3.03
N ASP B 120 -2.65 -23.88 2.61
CA ASP B 120 -3.17 -22.73 3.32
C ASP B 120 -4.18 -23.13 4.40
N PRO B 121 -3.96 -22.68 5.66
CA PRO B 121 -4.90 -22.98 6.75
C PRO B 121 -6.32 -22.48 6.51
N LEU B 122 -6.48 -21.27 5.95
CA LEU B 122 -7.82 -20.77 5.65
C LEU B 122 -8.50 -21.69 4.62
N ALA B 123 -7.75 -22.14 3.61
CA ALA B 123 -8.31 -23.06 2.62
C ALA B 123 -8.75 -24.37 3.27
N ALA B 124 -7.89 -24.94 4.13
CA ALA B 124 -8.20 -26.18 4.84
C ALA B 124 -9.47 -26.05 5.69
N GLY B 125 -9.58 -24.95 6.43
CA GLY B 125 -10.77 -24.66 7.23
C GLY B 125 -12.01 -24.51 6.36
N LEU B 126 -11.87 -23.82 5.23
CA LEU B 126 -13.00 -23.58 4.34
C LEU B 126 -13.52 -24.90 3.72
N ARG B 127 -12.63 -25.84 3.47
CA ARG B 127 -13.02 -27.16 2.97
C ARG B 127 -13.90 -27.88 4.00
N ASP B 128 -13.49 -27.82 5.27
CA ASP B 128 -14.27 -28.42 6.36
C ASP B 128 -15.65 -27.78 6.45
N LEU B 129 -15.69 -26.46 6.35
CA LEU B 129 -16.96 -25.73 6.36
C LEU B 129 -17.87 -26.16 5.20
N ARG B 130 -17.31 -26.26 4.00
CA ARG B 130 -18.11 -26.63 2.82
C ARG B 130 -18.69 -28.04 2.96
N MET B 131 -17.89 -28.96 3.48
CA MET B 131 -18.33 -30.33 3.70
C MET B 131 -19.54 -30.36 4.64
N ARG B 132 -19.53 -29.50 5.65
CA ARG B 132 -20.64 -29.44 6.59
C ARG B 132 -21.86 -28.73 6.01
N VAL B 133 -21.62 -27.72 5.18
CA VAL B 133 -22.70 -27.09 4.42
C VAL B 133 -23.40 -28.11 3.52
N ASP B 134 -22.64 -28.99 2.87
CA ASP B 134 -23.20 -30.10 2.07
C ASP B 134 -24.17 -30.97 2.89
N ARG B 135 -23.87 -31.18 4.16
CA ARG B 135 -24.72 -32.02 5.02
C ARG B 135 -26.04 -31.37 5.38
N PHE B 136 -26.01 -30.07 5.64
CA PHE B 136 -27.17 -29.38 6.20
C PHE B 136 -27.87 -28.42 5.24
N GLY B 137 -27.32 -28.25 4.04
CA GLY B 137 -27.92 -27.36 3.05
C GLY B 137 -28.27 -28.06 1.76
N THR B 138 -29.19 -27.45 1.01
CA THR B 138 -29.49 -27.89 -0.36
C THR B 138 -28.39 -27.38 -1.30
N ALA B 139 -28.42 -27.83 -2.55
CA ALA B 139 -27.52 -27.33 -3.57
C ALA B 139 -27.71 -25.83 -3.76
N GLY B 140 -28.97 -25.38 -3.76
CA GLY B 140 -29.32 -23.97 -3.86
C GLY B 140 -28.78 -23.13 -2.72
N GLN B 141 -28.92 -23.64 -1.49
CA GLN B 141 -28.37 -22.97 -0.31
C GLN B 141 -26.85 -22.91 -0.33
N THR B 142 -26.21 -23.97 -0.82
CA THR B 142 -24.76 -24.00 -0.93
C THR B 142 -24.29 -22.93 -1.92
N ALA B 143 -24.97 -22.83 -3.06
CA ALA B 143 -24.62 -21.84 -4.09
C ALA B 143 -24.83 -20.42 -3.59
N ARG B 144 -25.89 -20.19 -2.82
CA ARG B 144 -26.13 -18.87 -2.24
C ARG B 144 -25.09 -18.52 -1.18
N TRP B 145 -24.63 -19.52 -0.43
CA TRP B 145 -23.53 -19.33 0.52
C TRP B 145 -22.25 -18.89 -0.22
N VAL B 146 -21.94 -19.53 -1.33
CA VAL B 146 -20.76 -19.14 -2.13
C VAL B 146 -20.95 -17.73 -2.71
N ASP B 147 -22.12 -17.45 -3.25
CA ASP B 147 -22.40 -16.12 -3.81
C ASP B 147 -22.27 -15.03 -2.74
N ALA B 148 -22.76 -15.31 -1.54
CA ALA B 148 -22.64 -14.35 -0.43
C ALA B 148 -21.17 -14.17 -0.02
N LEU B 149 -20.40 -15.25 -0.03
CA LEU B 149 -18.95 -15.14 0.20
C LEU B 149 -18.30 -14.20 -0.82
N ARG B 150 -18.70 -14.33 -2.08
CA ARG B 150 -18.16 -13.46 -3.14
C ARG B 150 -18.53 -12.00 -2.92
N GLU B 151 -19.76 -11.73 -2.48
CA GLU B 151 -20.21 -10.37 -2.12
C GLU B 151 -19.34 -9.76 -1.05
N TYR B 152 -19.10 -10.53 0.01
CA TYR B 152 -18.26 -10.11 1.11
C TYR B 152 -16.83 -9.83 0.61
N PHE B 153 -16.27 -10.79 -0.11
CA PHE B 153 -14.92 -10.67 -0.68
C PHE B 153 -14.73 -9.44 -1.56
N PHE B 154 -15.68 -9.20 -2.46
CA PHE B 154 -15.58 -8.07 -3.38
C PHE B 154 -15.62 -6.76 -2.60
N SER B 155 -16.45 -6.71 -1.55
CA SER B 155 -16.57 -5.50 -0.73
C SER B 155 -15.32 -5.22 0.12
N VAL B 156 -14.63 -6.26 0.60
CA VAL B 156 -13.37 -6.03 1.35
C VAL B 156 -12.18 -5.69 0.45
N VAL B 157 -12.26 -6.07 -0.83
CA VAL B 157 -11.32 -5.58 -1.83
C VAL B 157 -11.53 -4.07 -2.06
N TRP B 158 -12.79 -3.64 -2.09
CA TRP B 158 -13.10 -2.21 -2.16
C TRP B 158 -12.58 -1.45 -0.91
N GLU B 159 -12.85 -2.00 0.28
CA GLU B 159 -12.32 -1.44 1.52
C GLU B 159 -10.78 -1.36 1.48
N ALA B 160 -10.14 -2.39 0.93
CA ALA B 160 -8.68 -2.43 0.84
C ALA B 160 -8.11 -1.34 -0.06
N ALA B 161 -8.89 -0.92 -1.07
CA ALA B 161 -8.47 0.19 -1.93
C ALA B 161 -8.44 1.49 -1.15
N HIS B 162 -9.42 1.67 -0.26
CA HIS B 162 -9.44 2.83 0.61
C HIS B 162 -8.31 2.79 1.63
N ARG B 163 -8.04 1.62 2.21
CA ARG B 163 -6.92 1.46 3.13
C ARG B 163 -5.59 1.78 2.45
N ARG B 164 -5.38 1.25 1.25
CA ARG B 164 -4.15 1.53 0.51
C ARG B 164 -3.96 3.02 0.25
N ALA B 165 -5.05 3.71 -0.06
CA ALA B 165 -5.03 5.14 -0.34
C ALA B 165 -5.10 6.00 0.93
N GLY B 166 -5.53 5.40 2.05
CA GLY B 166 -5.74 6.14 3.29
C GLY B 166 -6.98 7.03 3.23
N THR B 167 -7.90 6.74 2.31
CA THR B 167 -9.10 7.55 2.13
C THR B 167 -10.29 6.99 2.88
N VAL B 168 -11.31 7.84 3.04
CA VAL B 168 -12.57 7.47 3.68
C VAL B 168 -13.70 7.75 2.69
N PRO B 169 -14.51 6.72 2.36
CA PRO B 169 -15.56 6.96 1.36
C PRO B 169 -16.64 7.89 1.88
N ASP B 170 -17.45 8.44 0.98
CA ASP B 170 -18.62 9.20 1.40
C ASP B 170 -19.67 8.25 1.96
N LEU B 171 -20.77 8.80 2.47
CA LEU B 171 -21.76 8.01 3.21
C LEU B 171 -22.46 7.00 2.31
N ASN B 172 -22.77 7.40 1.08
CA ASN B 172 -23.42 6.49 0.14
C ASN B 172 -22.55 5.27 -0.19
N ASP B 173 -21.29 5.55 -0.55
CA ASP B 173 -20.33 4.48 -0.84
C ASP B 173 -20.06 3.62 0.39
N TYR B 174 -19.94 4.23 1.57
CA TYR B 174 -19.72 3.44 2.79
C TYR B 174 -20.87 2.48 3.05
N THR B 175 -22.11 2.96 2.90
CA THR B 175 -23.30 2.15 3.14
C THR B 175 -23.32 0.94 2.20
N LEU B 176 -23.07 1.20 0.92
CA LEU B 176 -23.00 0.13 -0.08
C LEU B 176 -21.95 -0.92 0.28
N MET B 177 -20.77 -0.46 0.67
CA MET B 177 -19.66 -1.32 1.06
C MET B 177 -19.98 -2.11 2.33
N ARG B 178 -20.51 -1.39 3.31
CA ARG B 178 -20.74 -1.94 4.66
C ARG B 178 -21.90 -2.93 4.70
N LEU B 179 -22.85 -2.80 3.78
CA LEU B 179 -23.92 -3.78 3.63
C LEU B 179 -23.36 -5.19 3.37
N TYR B 180 -22.15 -5.28 2.83
CA TYR B 180 -21.52 -6.57 2.50
C TYR B 180 -20.23 -6.86 3.25
N ASP B 181 -19.48 -5.82 3.65
CA ASP B 181 -18.12 -6.07 4.19
C ASP B 181 -18.11 -6.58 5.64
N GLY B 182 -19.28 -6.58 6.28
CA GLY B 182 -19.47 -7.23 7.57
C GLY B 182 -19.87 -8.70 7.48
N ALA B 183 -19.94 -9.23 6.26
CA ALA B 183 -20.28 -10.64 5.99
C ALA B 183 -21.66 -11.09 6.51
N THR B 184 -22.54 -10.14 6.76
CA THR B 184 -23.87 -10.45 7.26
C THR B 184 -24.67 -11.30 6.27
N SER B 185 -24.49 -11.05 4.97
CA SER B 185 -25.20 -11.80 3.95
C SER B 185 -24.78 -13.27 3.89
N VAL B 186 -23.56 -13.59 4.33
CA VAL B 186 -23.08 -14.98 4.28
C VAL B 186 -23.65 -15.84 5.42
N VAL B 187 -24.12 -15.18 6.48
CA VAL B 187 -24.79 -15.87 7.59
C VAL B 187 -26.20 -16.33 7.22
N LEU B 188 -26.85 -15.59 6.32
CA LEU B 188 -28.28 -15.78 6.07
C LEU B 188 -28.69 -17.19 5.63
N PRO B 189 -27.94 -17.81 4.69
CA PRO B 189 -28.27 -19.20 4.33
C PRO B 189 -28.24 -20.15 5.51
N MET B 190 -27.33 -19.91 6.47
CA MET B 190 -27.21 -20.78 7.64
C MET B 190 -28.37 -20.62 8.60
N LEU B 191 -29.06 -19.47 8.57
CA LEU B 191 -30.28 -19.28 9.35
C LEU B 191 -31.38 -20.25 8.88
N GLU B 192 -31.45 -20.49 7.57
CA GLU B 192 -32.41 -21.45 7.01
C GLU B 192 -31.98 -22.86 7.37
N MET B 193 -30.70 -23.16 7.14
CA MET B 193 -30.16 -24.50 7.41
C MET B 193 -30.34 -24.87 8.88
N GLY B 194 -30.17 -23.90 9.78
CA GLY B 194 -30.31 -24.13 11.21
C GLY B 194 -31.68 -24.63 11.64
N HIS B 195 -32.71 -24.36 10.84
CA HIS B 195 -34.07 -24.81 11.10
C HIS B 195 -34.59 -25.81 10.06
N GLY B 196 -33.71 -26.29 9.18
CA GLY B 196 -34.02 -27.38 8.26
C GLY B 196 -35.03 -27.09 7.16
N TYR B 197 -35.11 -25.84 6.72
CA TYR B 197 -35.98 -25.47 5.62
C TYR B 197 -35.19 -24.67 4.59
N GLU B 198 -35.81 -24.45 3.45
CA GLU B 198 -35.25 -23.63 2.38
C GLU B 198 -36.24 -22.52 2.04
N LEU B 199 -35.80 -21.27 2.10
CA LEU B 199 -36.61 -20.15 1.63
C LEU B 199 -36.53 -20.13 0.10
N GLN B 200 -37.68 -20.23 -0.55
CA GLN B 200 -37.73 -20.37 -2.00
C GLN B 200 -37.46 -19.04 -2.71
N PRO B 201 -36.87 -19.09 -3.93
CA PRO B 201 -36.52 -17.85 -4.63
C PRO B 201 -37.65 -16.84 -4.77
N TYR B 202 -38.89 -17.30 -4.99
CA TYR B 202 -40.02 -16.38 -5.18
C TYR B 202 -40.24 -15.49 -3.96
N GLU B 203 -39.87 -15.97 -2.77
CA GLU B 203 -39.91 -15.13 -1.56
C GLU B 203 -38.55 -14.49 -1.30
N ARG B 204 -37.50 -15.31 -1.27
CA ARG B 204 -36.18 -14.82 -0.88
C ARG B 204 -35.68 -13.67 -1.77
N ASP B 205 -35.92 -13.77 -3.07
CA ASP B 205 -35.40 -12.80 -4.02
C ASP B 205 -36.39 -11.67 -4.33
N ARG B 206 -37.56 -11.71 -3.71
CA ARG B 206 -38.51 -10.61 -3.78
C ARG B 206 -37.87 -9.35 -3.20
N THR B 207 -38.07 -8.21 -3.88
CA THR B 207 -37.42 -6.97 -3.49
C THR B 207 -37.61 -6.62 -2.01
N ALA B 208 -38.83 -6.75 -1.50
CA ALA B 208 -39.15 -6.41 -0.10
C ALA B 208 -38.47 -7.35 0.91
N VAL B 209 -38.24 -8.59 0.52
CA VAL B 209 -37.59 -9.58 1.39
C VAL B 209 -36.08 -9.33 1.39
N ARG B 210 -35.51 -9.08 0.22
CA ARG B 210 -34.14 -8.59 0.14
C ARG B 210 -33.97 -7.33 0.98
N ALA B 211 -34.96 -6.44 0.92
CA ALA B 211 -34.89 -5.17 1.67
C ALA B 211 -34.76 -5.38 3.19
N VAL B 212 -35.60 -6.23 3.78
CA VAL B 212 -35.53 -6.46 5.23
C VAL B 212 -34.23 -7.16 5.65
N ALA B 213 -33.71 -8.02 4.78
CA ALA B 213 -32.40 -8.64 4.99
C ALA B 213 -31.30 -7.58 4.99
N GLU B 214 -31.38 -6.64 4.04
CA GLU B 214 -30.45 -5.51 3.97
C GLU B 214 -30.56 -4.61 5.20
N MET B 215 -31.79 -4.38 5.65
CA MET B 215 -32.02 -3.58 6.87
C MET B 215 -31.39 -4.25 8.08
N ALA B 216 -31.52 -5.57 8.18
CA ALA B 216 -30.86 -6.33 9.23
C ALA B 216 -29.35 -6.15 9.14
N SER B 217 -28.79 -6.28 7.94
CA SER B 217 -27.35 -6.05 7.72
C SER B 217 -26.92 -4.65 8.14
N PHE B 218 -27.73 -3.64 7.81
CA PHE B 218 -27.46 -2.26 8.20
C PHE B 218 -27.43 -2.09 9.72
N ILE B 219 -28.46 -2.60 10.40
CA ILE B 219 -28.56 -2.49 11.85
C ILE B 219 -27.38 -3.18 12.53
N ILE B 220 -27.06 -4.39 12.07
CA ILE B 220 -25.97 -5.17 12.62
C ILE B 220 -24.62 -4.47 12.43
N THR B 221 -24.37 -3.94 11.23
CA THR B 221 -23.09 -3.28 10.97
C THR B 221 -22.99 -1.92 11.65
N TRP B 222 -24.09 -1.16 11.69
CA TRP B 222 -24.11 0.11 12.42
C TRP B 222 -23.94 -0.12 13.93
N ASP B 223 -24.65 -1.10 14.48
CA ASP B 223 -24.46 -1.45 15.89
C ASP B 223 -23.01 -1.85 16.17
N ASN B 224 -22.40 -2.60 15.26
CA ASN B 224 -20.98 -2.91 15.40
C ASN B 224 -20.11 -1.66 15.31
N ASP B 225 -20.41 -0.76 14.36
CA ASP B 225 -19.66 0.49 14.24
C ASP B 225 -19.70 1.26 15.56
N ILE B 226 -20.87 1.25 16.21
CA ILE B 226 -21.06 1.93 17.49
C ILE B 226 -20.30 1.24 18.62
N PHE B 227 -20.49 -0.06 18.76
CA PHE B 227 -19.87 -0.81 19.86
C PHE B 227 -18.38 -1.08 19.65
N SER B 228 -17.93 -1.17 18.40
CA SER B 228 -16.52 -1.42 18.08
C SER B 228 -15.70 -0.14 17.86
N TYR B 229 -16.36 1.02 17.89
CA TYR B 229 -15.67 2.30 17.69
C TYR B 229 -14.48 2.47 18.65
N HIS B 230 -14.70 2.10 19.91
CA HIS B 230 -13.67 2.19 20.95
C HIS B 230 -12.42 1.40 20.55
N LYS B 231 -12.58 0.10 20.31
CA LYS B 231 -11.42 -0.73 19.97
C LYS B 231 -10.80 -0.33 18.62
N GLU B 232 -11.61 0.13 17.68
CA GLU B 232 -11.11 0.55 16.37
C GLU B 232 -10.34 1.86 16.41
N ARG B 233 -10.92 2.89 17.01
CA ARG B 233 -10.27 4.20 17.07
C ARG B 233 -8.99 4.19 17.90
N ARG B 234 -8.93 3.35 18.94
CA ARG B 234 -7.77 3.30 19.82
C ARG B 234 -6.56 2.57 19.23
N GLY B 235 -6.74 1.87 18.11
CA GLY B 235 -5.65 1.17 17.44
C GLY B 235 -4.77 2.11 16.61
N SER B 236 -3.61 1.62 16.20
CA SER B 236 -2.70 2.38 15.34
C SER B 236 -3.04 2.25 13.86
N GLY B 237 -3.81 1.23 13.50
CA GLY B 237 -4.05 0.91 12.09
C GLY B 237 -5.20 1.68 11.46
N TYR B 238 -5.24 1.65 10.13
CA TYR B 238 -6.39 2.17 9.40
C TYR B 238 -7.66 1.44 9.83
N TYR B 239 -8.74 2.22 9.97
CA TYR B 239 -10.06 1.65 10.22
C TYR B 239 -11.12 2.53 9.56
N LEU B 240 -12.25 1.88 9.26
CA LEU B 240 -13.42 2.55 8.74
C LEU B 240 -14.61 2.21 9.60
N ASN B 241 -15.50 3.17 9.76
CA ASN B 241 -16.82 2.94 10.32
C ASN B 241 -17.69 4.19 10.18
N ALA B 242 -18.98 4.03 10.43
CA ALA B 242 -19.96 5.08 10.17
C ALA B 242 -19.59 6.41 10.85
N LEU B 243 -19.04 6.34 12.06
CA LEU B 243 -18.68 7.55 12.79
C LEU B 243 -17.59 8.35 12.08
N ARG B 244 -16.56 7.66 11.61
CA ARG B 244 -15.47 8.32 10.86
C ARG B 244 -15.99 8.92 9.56
N VAL B 245 -16.87 8.19 8.88
CA VAL B 245 -17.46 8.66 7.62
C VAL B 245 -18.30 9.91 7.87
N LEU B 246 -19.11 9.90 8.92
CA LEU B 246 -19.96 11.04 9.26
C LEU B 246 -19.16 12.25 9.70
N GLU B 247 -18.08 12.03 10.45
CA GLU B 247 -17.16 13.11 10.82
C GLU B 247 -16.63 13.85 9.59
N GLN B 248 -16.21 13.09 8.58
CA GLN B 248 -15.68 13.66 7.35
C GLN B 248 -16.76 14.30 6.49
N GLU B 249 -17.88 13.60 6.30
CA GLU B 249 -18.93 14.06 5.37
C GLU B 249 -19.75 15.22 5.91
N ARG B 250 -20.01 15.24 7.21
CA ARG B 250 -20.87 16.28 7.79
C ARG B 250 -20.14 17.20 8.76
N GLY B 251 -18.81 17.10 8.81
CA GLY B 251 -17.99 17.95 9.67
C GLY B 251 -18.35 17.85 11.15
N LEU B 252 -18.64 16.64 11.60
CA LEU B 252 -19.12 16.40 12.96
C LEU B 252 -17.99 16.03 13.90
N THR B 253 -18.16 16.35 15.19
CA THR B 253 -17.30 15.81 16.24
C THR B 253 -17.65 14.33 16.41
N PRO B 254 -16.76 13.57 17.06
CA PRO B 254 -17.06 12.17 17.35
C PRO B 254 -18.38 11.97 18.11
N ALA B 255 -18.65 12.82 19.10
CA ALA B 255 -19.89 12.73 19.88
C ALA B 255 -21.11 13.00 18.99
N GLN B 256 -21.01 14.00 18.11
CA GLN B 256 -22.06 14.28 17.14
C GLN B 256 -22.29 13.10 16.20
N ALA B 257 -21.19 12.55 15.67
CA ALA B 257 -21.27 11.42 14.75
C ALA B 257 -21.90 10.19 15.41
N LEU B 258 -21.60 9.95 16.69
CA LEU B 258 -22.21 8.85 17.43
C LEU B 258 -23.73 9.02 17.47
N ASP B 259 -24.18 10.22 17.84
CA ASP B 259 -25.61 10.53 17.88
C ASP B 259 -26.26 10.39 16.50
N ALA B 260 -25.58 10.84 15.46
CA ALA B 260 -26.09 10.73 14.09
C ALA B 260 -26.23 9.27 13.67
N ALA B 261 -25.23 8.46 14.00
CA ALA B 261 -25.24 7.04 13.68
C ALA B 261 -26.33 6.29 14.44
N ILE B 262 -26.51 6.62 15.71
CA ILE B 262 -27.57 6.02 16.53
C ILE B 262 -28.94 6.32 15.93
N SER B 263 -29.17 7.57 15.57
CA SER B 263 -30.40 8.01 14.91
C SER B 263 -30.67 7.21 13.63
N GLN B 264 -29.62 6.98 12.84
CA GLN B 264 -29.75 6.22 11.60
C GLN B 264 -30.23 4.79 11.86
N ARG B 265 -29.55 4.09 12.76
CA ARG B 265 -29.91 2.70 13.04
C ARG B 265 -31.26 2.58 13.78
N ASP B 266 -31.61 3.59 14.59
CA ASP B 266 -32.92 3.64 15.23
C ASP B 266 -34.02 3.66 14.16
N ARG B 267 -33.87 4.52 13.15
CA ARG B 267 -34.88 4.62 12.10
C ARG B 267 -35.00 3.36 11.27
N VAL B 268 -33.87 2.71 11.00
CA VAL B 268 -33.89 1.46 10.24
C VAL B 268 -34.50 0.33 11.09
N MET B 269 -34.18 0.30 12.38
CA MET B 269 -34.78 -0.68 13.28
C MET B 269 -36.31 -0.58 13.27
N CYS B 270 -36.83 0.65 13.33
CA CYS B 270 -38.27 0.87 13.29
C CYS B 270 -38.88 0.41 11.96
N LEU B 271 -38.23 0.74 10.85
CA LEU B 271 -38.71 0.32 9.54
C LEU B 271 -38.68 -1.21 9.39
N PHE B 272 -37.58 -1.82 9.85
CA PHE B 272 -37.41 -3.27 9.78
C PHE B 272 -38.58 -4.00 10.45
N THR B 273 -38.94 -3.57 11.66
CA THR B 273 -40.01 -4.23 12.40
C THR B 273 -41.35 -4.07 11.67
N THR B 274 -41.60 -2.88 11.15
CA THR B 274 -42.85 -2.62 10.44
C THR B 274 -42.97 -3.44 9.14
N VAL B 275 -41.92 -3.42 8.32
CA VAL B 275 -41.96 -4.15 7.05
C VAL B 275 -41.97 -5.68 7.30
N SER B 276 -41.21 -6.14 8.29
CA SER B 276 -41.22 -7.54 8.67
C SER B 276 -42.62 -8.00 9.07
N GLU B 277 -43.33 -7.17 9.83
CA GLU B 277 -44.72 -7.48 10.22
C GLU B 277 -45.62 -7.64 9.00
N GLN B 278 -45.48 -6.71 8.05
CA GLN B 278 -46.24 -6.75 6.80
C GLN B 278 -45.99 -8.04 6.03
N LEU B 279 -44.71 -8.41 5.90
CA LEU B 279 -44.33 -9.63 5.18
C LEU B 279 -44.80 -10.91 5.87
N ALA B 280 -44.75 -10.92 7.20
CA ALA B 280 -45.17 -12.09 7.99
C ALA B 280 -46.68 -12.38 7.87
N GLU B 281 -47.48 -11.36 7.60
CA GLU B 281 -48.94 -11.51 7.49
C GLU B 281 -49.37 -12.44 6.35
N GLN B 282 -48.73 -12.31 5.18
CA GLN B 282 -49.12 -13.07 4.00
C GLN B 282 -48.08 -14.11 3.56
N GLY B 283 -46.92 -14.12 4.20
CA GLY B 283 -45.82 -14.97 3.79
C GLY B 283 -46.00 -16.43 4.17
N SER B 284 -45.13 -17.29 3.63
CA SER B 284 -45.13 -18.70 3.97
C SER B 284 -44.71 -18.91 5.43
N PRO B 285 -44.95 -20.12 5.97
CA PRO B 285 -44.37 -20.45 7.28
C PRO B 285 -42.84 -20.31 7.29
N GLN B 286 -42.21 -20.59 6.16
CA GLN B 286 -40.76 -20.51 6.00
C GLN B 286 -40.30 -19.05 6.07
N LEU B 287 -41.02 -18.14 5.42
CA LEU B 287 -40.72 -16.71 5.52
C LEU B 287 -40.88 -16.19 6.94
N ARG B 288 -41.92 -16.63 7.64
CA ARG B 288 -42.14 -16.24 9.03
C ARG B 288 -40.96 -16.66 9.91
N GLN B 289 -40.45 -17.86 9.69
CA GLN B 289 -39.28 -18.35 10.42
C GLN B 289 -38.03 -17.53 10.06
N TYR B 290 -37.87 -17.21 8.78
CA TYR B 290 -36.73 -16.41 8.31
C TYR B 290 -36.71 -15.04 8.97
N LEU B 291 -37.87 -14.38 9.00
CA LEU B 291 -38.00 -13.06 9.62
C LEU B 291 -37.72 -13.12 11.12
N HIS B 292 -38.15 -14.20 11.77
CA HIS B 292 -37.82 -14.45 13.17
C HIS B 292 -36.30 -14.57 13.37
N SER B 293 -35.65 -15.31 12.49
CA SER B 293 -34.20 -15.49 12.57
C SER B 293 -33.42 -14.19 12.33
N LEU B 294 -33.95 -13.33 11.46
CA LEU B 294 -33.35 -12.01 11.26
C LEU B 294 -33.34 -11.23 12.58
N ARG B 295 -34.46 -11.28 13.31
CA ARG B 295 -34.54 -10.68 14.65
C ARG B 295 -33.50 -11.28 15.60
N CYS B 296 -33.38 -12.61 15.59
CA CYS B 296 -32.38 -13.29 16.43
C CYS B 296 -30.96 -12.86 16.09
N PHE B 297 -30.68 -12.67 14.80
CA PHE B 297 -29.36 -12.27 14.32
C PHE B 297 -29.04 -10.85 14.81
N ILE B 298 -29.99 -9.94 14.62
CA ILE B 298 -29.85 -8.54 15.08
C ILE B 298 -29.59 -8.48 16.58
N ARG B 299 -30.42 -9.18 17.36
CA ARG B 299 -30.32 -9.13 18.82
C ARG B 299 -29.11 -9.90 19.36
N GLY B 300 -28.77 -11.02 18.73
CA GLY B 300 -27.57 -11.76 19.11
C GLY B 300 -26.31 -10.93 18.96
N ALA B 301 -26.22 -10.20 17.84
CA ALA B 301 -25.07 -9.32 17.59
C ALA B 301 -25.05 -8.17 18.60
N GLN B 302 -26.24 -7.68 18.96
CA GLN B 302 -26.37 -6.65 19.98
C GLN B 302 -25.84 -7.11 21.34
N ASP B 303 -26.30 -8.25 21.82
CA ASP B 303 -25.86 -8.79 23.12
C ASP B 303 -24.37 -9.14 23.11
N TRP B 304 -23.90 -9.67 21.99
CA TRP B 304 -22.49 -10.02 21.85
C TRP B 304 -21.61 -8.77 21.78
N GLY B 305 -22.12 -7.72 21.12
CA GLY B 305 -21.40 -6.46 20.97
C GLY B 305 -21.07 -5.74 22.28
N ILE B 306 -21.93 -5.92 23.30
CA ILE B 306 -21.70 -5.28 24.60
C ILE B 306 -21.06 -6.21 25.64
N SER B 307 -20.78 -7.46 25.27
CA SER B 307 -20.23 -8.43 26.23
C SER B 307 -18.91 -9.08 25.82
N SER B 308 -18.64 -9.21 24.52
CA SER B 308 -17.39 -9.82 24.07
C SER B 308 -16.21 -8.94 24.48
N VAL B 309 -15.14 -9.57 24.97
CA VAL B 309 -13.90 -8.84 25.30
C VAL B 309 -13.29 -8.18 24.06
N ARG B 310 -13.67 -8.67 22.88
CA ARG B 310 -13.30 -8.03 21.61
C ARG B 310 -13.63 -6.54 21.63
N TYR B 311 -14.78 -6.20 22.23
CA TYR B 311 -15.29 -4.82 22.24
C TYR B 311 -15.19 -4.14 23.60
N THR B 312 -15.38 -4.89 24.69
CA THR B 312 -15.31 -4.31 26.04
C THR B 312 -13.87 -4.01 26.48
N THR B 313 -12.91 -4.71 25.87
CA THR B 313 -11.46 -4.50 26.11
C THR B 313 -11.11 -4.28 27.59
N PRO B 314 -11.23 -5.33 28.42
CA PRO B 314 -11.04 -5.24 29.87
C PRO B 314 -9.79 -4.50 30.36
N ASP B 315 -8.68 -4.61 29.63
CA ASP B 315 -7.43 -3.92 29.99
C ASP B 315 -7.58 -2.41 29.91
N ASP B 316 -8.32 -1.94 28.91
CA ASP B 316 -8.60 -0.52 28.70
C ASP B 316 -10.11 -0.36 28.49
N PRO B 317 -10.90 -0.52 29.57
CA PRO B 317 -12.35 -0.71 29.47
C PRO B 317 -13.09 0.33 28.63
N ALA B 318 -13.88 -0.14 27.66
CA ALA B 318 -14.78 0.73 26.94
C ALA B 318 -15.91 1.10 27.89
N ASN B 319 -16.39 2.34 27.85
CA ASN B 319 -17.54 2.69 28.69
C ASN B 319 -18.82 2.45 27.91
N MET B 320 -19.27 1.19 27.98
CA MET B 320 -20.32 0.65 27.13
C MET B 320 -21.54 0.32 27.99
N PRO B 321 -22.75 0.35 27.39
CA PRO B 321 -23.92 0.05 28.19
C PRO B 321 -24.04 -1.42 28.58
N SER B 322 -24.86 -1.70 29.59
CA SER B 322 -25.09 -3.05 30.07
C SER B 322 -26.46 -3.58 29.63
N VAL B 323 -27.30 -2.71 29.10
CA VAL B 323 -28.65 -3.08 28.67
C VAL B 323 -29.04 -2.35 27.40
N PHE B 324 -30.11 -2.82 26.78
CA PHE B 324 -30.76 -2.12 25.67
C PHE B 324 -32.09 -1.57 26.15
N THR B 325 -32.63 -0.58 25.45
CA THR B 325 -33.90 0.05 25.83
C THR B 325 -35.01 -0.30 24.84
N ASP B 326 -36.25 -0.15 25.29
CA ASP B 326 -37.42 -0.54 24.48
C ASP B 326 -38.05 0.64 23.73
N VAL B 327 -37.42 1.81 23.77
CA VAL B 327 -37.92 2.98 23.04
C VAL B 327 -36.78 3.66 22.24
N PRO B 328 -37.07 4.08 21.00
CA PRO B 328 -36.05 4.73 20.16
C PRO B 328 -35.79 6.20 20.49
N THR B 329 -34.62 6.70 20.10
CA THR B 329 -34.33 8.14 20.14
C THR B 329 -34.91 8.82 18.92
N ASP B 330 -34.84 8.14 17.77
CA ASP B 330 -35.42 8.63 16.52
C ASP B 330 -36.55 7.71 16.05
N ASP B 331 -37.79 8.19 16.19
CA ASP B 331 -38.99 7.43 15.88
C ASP B 331 -39.56 7.79 14.50
N SER B 332 -38.90 8.69 13.78
CA SER B 332 -39.42 9.23 12.54
C SER B 332 -39.52 8.19 11.44
N THR B 333 -40.50 8.38 10.54
CA THR B 333 -40.61 7.59 9.32
C THR B 333 -39.91 8.30 8.15
N GLU B 334 -39.12 9.32 8.46
CA GLU B 334 -38.35 10.03 7.44
C GLU B 334 -37.21 9.15 6.95
N PRO B 335 -37.11 8.95 5.63
CA PRO B 335 -36.03 8.12 5.12
C PRO B 335 -34.66 8.73 5.33
N LEU B 336 -33.65 7.87 5.51
CA LEU B 336 -32.26 8.31 5.58
C LEU B 336 -31.86 9.01 4.29
N ASP B 337 -30.95 9.98 4.41
CA ASP B 337 -30.44 10.71 3.27
C ASP B 337 -29.29 9.95 2.63
N ILE B 338 -29.59 8.72 2.18
CA ILE B 338 -28.60 7.81 1.61
C ILE B 338 -29.24 7.13 0.40
N PRO B 339 -28.91 7.59 -0.83
CA PRO B 339 -29.52 7.06 -2.05
C PRO B 339 -29.54 5.55 -2.20
N ALA B 340 -28.55 4.86 -1.63
CA ALA B 340 -28.40 3.41 -1.81
C ALA B 340 -29.51 2.66 -1.08
N VAL B 341 -30.10 3.28 -0.06
CA VAL B 341 -31.08 2.61 0.80
C VAL B 341 -32.38 3.39 1.07
N SER B 342 -32.49 4.63 0.59
CA SER B 342 -33.68 5.45 0.89
C SER B 342 -34.96 4.84 0.31
N TRP B 343 -34.81 4.04 -0.74
CA TRP B 343 -35.95 3.33 -1.34
C TRP B 343 -36.67 2.35 -0.39
N TRP B 344 -35.98 1.88 0.65
CA TRP B 344 -36.62 1.00 1.64
C TRP B 344 -37.93 1.56 2.17
N TRP B 345 -37.97 2.88 2.34
CA TRP B 345 -39.14 3.54 2.90
C TRP B 345 -40.34 3.55 1.93
N ASP B 346 -40.09 3.32 0.64
CA ASP B 346 -41.18 3.12 -0.34
C ASP B 346 -42.01 1.86 -0.05
N LEU B 347 -41.46 0.94 0.75
CA LEU B 347 -42.13 -0.33 1.05
C LEU B 347 -43.26 -0.20 2.06
N LEU B 348 -43.30 0.92 2.77
CA LEU B 348 -44.40 1.21 3.71
C LEU B 348 -45.74 1.26 2.98
N GLU C 4 8.42 -23.12 17.16
CA GLU C 4 8.90 -22.26 18.29
C GLU C 4 10.33 -22.63 18.68
N LEU C 5 11.19 -21.62 18.72
CA LEU C 5 12.62 -21.81 19.01
C LEU C 5 12.89 -21.59 20.49
N THR C 6 13.95 -22.22 20.99
CA THR C 6 14.47 -21.92 22.32
C THR C 6 15.74 -21.09 22.17
N VAL C 7 15.73 -19.88 22.73
CA VAL C 7 16.88 -18.99 22.65
C VAL C 7 17.81 -19.30 23.81
N PRO C 8 19.06 -19.72 23.52
CA PRO C 8 19.99 -19.99 24.62
C PRO C 8 20.56 -18.69 25.18
N PRO C 9 21.17 -18.74 26.38
CA PRO C 9 21.87 -17.58 26.90
C PRO C 9 22.89 -17.06 25.91
N LEU C 10 22.94 -15.74 25.72
CA LEU C 10 23.86 -15.13 24.77
C LEU C 10 25.14 -14.66 25.46
N PHE C 11 26.23 -14.63 24.70
CA PHE C 11 27.52 -14.16 25.21
C PHE C 11 27.53 -12.65 25.39
N SER C 12 27.92 -12.20 26.58
CA SER C 12 28.19 -10.80 26.84
C SER C 12 29.29 -10.66 27.88
N PRO C 13 30.41 -10.00 27.52
CA PRO C 13 31.50 -9.78 28.46
C PRO C 13 31.34 -8.52 29.32
N ILE C 14 30.16 -7.92 29.30
CA ILE C 14 29.90 -6.65 29.98
C ILE C 14 29.03 -6.85 31.22
N ARG C 15 29.43 -6.25 32.33
CA ARG C 15 28.68 -6.36 33.59
C ARG C 15 27.42 -5.50 33.59
N GLN C 16 26.39 -6.00 34.25
CA GLN C 16 25.14 -5.25 34.44
C GLN C 16 25.39 -3.95 35.20
N ALA C 17 24.57 -2.94 34.91
CA ALA C 17 24.59 -1.69 35.65
C ALA C 17 23.28 -0.93 35.40
N ILE C 18 22.87 -0.14 36.38
CA ILE C 18 21.62 0.62 36.27
C ILE C 18 21.64 1.87 37.15
N HIS C 19 21.06 2.95 36.63
CA HIS C 19 20.95 4.20 37.38
C HIS C 19 20.02 3.97 38.58
N PRO C 20 20.40 4.46 39.78
CA PRO C 20 19.61 4.18 40.99
C PRO C 20 18.17 4.73 40.97
N LYS C 21 17.91 5.74 40.15
CA LYS C 21 16.58 6.34 40.02
C LYS C 21 15.71 5.69 38.95
N HIS C 22 16.07 4.49 38.52
CA HIS C 22 15.37 3.80 37.42
C HIS C 22 13.85 3.71 37.60
N ALA C 23 13.39 3.45 38.81
CA ALA C 23 11.95 3.33 39.09
C ALA C 23 11.22 4.65 38.83
N ASP C 24 11.79 5.75 39.31
CA ASP C 24 11.17 7.06 39.11
C ASP C 24 11.21 7.50 37.65
N ILE C 25 12.32 7.20 36.96
CA ILE C 25 12.44 7.53 35.55
C ILE C 25 11.37 6.83 34.72
N ASP C 26 11.09 5.57 35.04
CA ASP C 26 10.06 4.80 34.34
C ASP C 26 8.67 5.39 34.58
N VAL C 27 8.41 5.86 35.81
CA VAL C 27 7.15 6.51 36.14
C VAL C 27 6.99 7.83 35.37
N GLN C 28 8.05 8.62 35.33
CA GLN C 28 8.03 9.94 34.66
C GLN C 28 7.84 9.82 33.15
N THR C 29 8.44 8.80 32.54
CA THR C 29 8.31 8.58 31.10
C THR C 29 6.89 8.21 30.70
N ALA C 30 6.23 7.39 31.51
CA ALA C 30 4.81 7.09 31.32
C ALA C 30 3.97 8.37 31.40
N ALA C 31 4.28 9.22 32.37
CA ALA C 31 3.58 10.49 32.54
C ALA C 31 3.79 11.41 31.33
N TRP C 32 5.02 11.47 30.84
CA TRP C 32 5.36 12.25 29.64
C TRP C 32 4.57 11.76 28.42
N ALA C 33 4.50 10.45 28.24
CA ALA C 33 3.72 9.86 27.14
C ALA C 33 2.24 10.26 27.20
N GLU C 34 1.67 10.25 28.40
CA GLU C 34 0.27 10.67 28.58
C GLU C 34 0.09 12.17 28.32
N THR C 35 1.01 12.97 28.85
CA THR C 35 0.95 14.42 28.69
C THR C 35 0.92 14.83 27.22
N PHE C 36 1.80 14.23 26.42
CA PHE C 36 1.89 14.58 24.99
C PHE C 36 1.07 13.66 24.09
N ARG C 37 0.32 12.73 24.69
CA ARG C 37 -0.56 11.82 23.95
C ARG C 37 0.22 11.08 22.85
N ILE C 38 1.35 10.51 23.23
CA ILE C 38 2.21 9.81 22.28
C ILE C 38 1.65 8.45 21.95
N GLY C 39 1.43 8.20 20.66
CA GLY C 39 0.90 6.93 20.18
C GLY C 39 -0.61 6.83 20.33
N SER C 40 -1.21 5.87 19.63
CA SER C 40 -2.61 5.56 19.82
C SER C 40 -2.82 5.10 21.26
N GLU C 41 -4.05 5.16 21.76
CA GLU C 41 -4.32 4.76 23.14
C GLU C 41 -3.89 3.32 23.39
N GLU C 42 -4.16 2.43 22.44
CA GLU C 42 -3.74 1.04 22.56
C GLU C 42 -2.23 0.91 22.64
N LEU C 43 -1.50 1.59 21.73
CA LEU C 43 -0.04 1.50 21.74
C LEU C 43 0.55 2.08 23.03
N ARG C 44 0.07 3.25 23.43
CA ARG C 44 0.58 3.91 24.62
C ARG C 44 0.39 3.05 25.87
N GLY C 45 -0.78 2.41 25.97
CA GLY C 45 -1.07 1.49 27.07
C GLY C 45 -0.08 0.34 27.18
N LYS C 46 0.41 -0.14 26.03
CA LYS C 46 1.44 -1.16 26.01
C LYS C 46 2.80 -0.56 26.39
N LEU C 47 3.19 0.52 25.69
CA LEU C 47 4.54 1.09 25.86
C LEU C 47 4.84 1.46 27.31
N VAL C 48 3.88 2.01 28.03
CA VAL C 48 4.11 2.45 29.42
C VAL C 48 4.35 1.29 30.40
N THR C 49 4.07 0.06 29.97
CA THR C 49 4.32 -1.13 30.78
C THR C 49 5.63 -1.83 30.41
N GLN C 50 6.34 -1.33 29.39
CA GLN C 50 7.47 -2.07 28.82
C GLN C 50 8.87 -1.68 29.34
N ASP C 51 8.92 -0.95 30.45
CA ASP C 51 10.18 -0.65 31.17
C ASP C 51 11.18 0.18 30.36
N ILE C 52 10.68 1.14 29.59
CA ILE C 52 11.54 1.98 28.74
C ILE C 52 12.41 2.91 29.60
N GLY C 53 11.86 3.39 30.71
CA GLY C 53 12.64 4.18 31.67
C GLY C 53 13.77 3.36 32.29
N THR C 54 13.46 2.11 32.63
CA THR C 54 14.44 1.17 33.16
C THR C 54 15.56 0.91 32.13
N PHE C 55 15.16 0.76 30.87
CA PHE C 55 16.11 0.61 29.76
C PHE C 55 17.09 1.79 29.67
N SER C 56 16.56 3.01 29.66
CA SER C 56 17.40 4.20 29.62
C SER C 56 18.35 4.25 30.82
N ALA C 57 17.86 3.84 31.99
CA ALA C 57 18.66 3.81 33.21
C ALA C 57 19.86 2.85 33.09
N ARG C 58 19.73 1.82 32.27
CA ARG C 58 20.84 0.88 32.03
C ARG C 58 21.83 1.40 30.98
N ILE C 59 21.36 2.25 30.09
CA ILE C 59 22.20 2.84 29.05
C ILE C 59 23.12 3.89 29.66
N LEU C 60 22.59 4.67 30.61
CA LEU C 60 23.33 5.75 31.29
C LEU C 60 23.31 5.54 32.80
N PRO C 61 23.93 4.45 33.29
CA PRO C 61 23.86 4.13 34.72
C PRO C 61 24.49 5.17 35.65
N GLU C 62 25.47 5.92 35.15
CA GLU C 62 26.10 7.00 35.91
C GLU C 62 25.89 8.36 35.22
N GLY C 63 24.90 8.43 34.33
CA GLY C 63 24.56 9.66 33.64
C GLY C 63 23.75 10.61 34.50
N ARG C 64 23.72 11.87 34.08
CA ARG C 64 22.92 12.91 34.73
C ARG C 64 21.43 12.57 34.62
N GLU C 65 20.72 12.57 35.75
CA GLU C 65 19.33 12.11 35.81
C GLU C 65 18.43 12.76 34.75
N GLU C 66 18.59 14.07 34.52
CA GLU C 66 17.77 14.78 33.55
C GLU C 66 17.93 14.23 32.13
N VAL C 67 19.14 13.75 31.81
CA VAL C 67 19.41 13.21 30.48
C VAL C 67 18.95 11.76 30.37
N VAL C 68 19.05 11.00 31.47
CA VAL C 68 18.47 9.66 31.51
C VAL C 68 16.97 9.75 31.23
N SER C 69 16.31 10.75 31.81
CA SER C 69 14.88 11.00 31.58
C SER C 69 14.61 11.45 30.15
N LEU C 70 15.47 12.30 29.61
CA LEU C 70 15.35 12.73 28.20
C LEU C 70 15.46 11.54 27.26
N LEU C 71 16.45 10.67 27.51
CA LEU C 71 16.65 9.49 26.69
C LEU C 71 15.46 8.53 26.76
N ALA C 72 14.90 8.38 27.96
CA ALA C 72 13.74 7.50 28.16
C ALA C 72 12.53 8.01 27.38
N ASP C 73 12.24 9.30 27.51
CA ASP C 73 11.15 9.92 26.75
C ASP C 73 11.38 9.74 25.25
N PHE C 74 12.63 9.90 24.82
CA PHE C 74 12.99 9.80 23.42
C PHE C 74 12.78 8.38 22.87
N ILE C 75 13.18 7.37 23.64
CA ILE C 75 12.99 5.98 23.23
C ILE C 75 11.50 5.66 23.09
N LEU C 76 10.69 6.08 24.06
CA LEU C 76 9.25 5.90 23.97
C LEU C 76 8.70 6.60 22.71
N TRP C 77 9.17 7.82 22.46
CA TRP C 77 8.80 8.58 21.26
C TRP C 77 9.15 7.81 19.99
N LEU C 78 10.34 7.20 19.98
CA LEU C 78 10.79 6.42 18.82
C LEU C 78 9.90 5.21 18.56
N PHE C 79 9.44 4.55 19.62
CA PHE C 79 8.43 3.49 19.46
C PHE C 79 7.10 4.05 18.95
N GLY C 80 6.76 5.26 19.37
CA GLY C 80 5.63 5.99 18.80
C GLY C 80 5.70 6.06 17.29
N VAL C 81 6.90 6.34 16.76
CA VAL C 81 7.12 6.38 15.32
C VAL C 81 7.20 4.97 14.73
N ASP C 82 8.06 4.15 15.33
CA ASP C 82 8.40 2.85 14.75
C ASP C 82 7.24 1.87 14.78
N ASP C 83 6.51 1.82 15.90
CA ASP C 83 5.30 0.99 16.00
C ASP C 83 4.12 1.71 15.38
N GLY C 84 3.87 2.93 15.87
CA GLY C 84 2.66 3.68 15.52
C GLY C 84 2.49 3.96 14.04
N HIS C 85 3.58 4.20 13.34
CA HIS C 85 3.52 4.45 11.89
C HIS C 85 4.15 3.32 11.06
N CYS C 86 5.39 2.98 11.36
CA CYS C 86 6.15 2.08 10.49
C CYS C 86 5.64 0.64 10.51
N GLU C 87 5.53 0.04 11.69
CA GLU C 87 5.25 -1.40 11.78
C GLU C 87 3.80 -1.76 12.04
N GLU C 88 3.04 -0.86 12.67
CA GLU C 88 1.64 -1.15 13.02
C GLU C 88 0.67 -0.06 12.51
N GLY C 89 1.17 0.86 11.69
CA GLY C 89 0.37 1.93 11.11
C GLY C 89 0.30 1.82 9.61
N GLU C 90 -0.66 2.52 9.02
CA GLU C 90 -0.88 2.45 7.57
C GLU C 90 0.26 3.10 6.76
N LEU C 91 0.95 4.07 7.34
CA LEU C 91 2.05 4.75 6.62
C LEU C 91 3.23 3.82 6.34
N GLY C 92 3.39 2.79 7.18
CA GLY C 92 4.41 1.78 6.98
C GLY C 92 4.30 1.00 5.68
N HIS C 93 3.12 1.06 5.04
CA HIS C 93 2.90 0.45 3.74
C HIS C 93 2.99 1.45 2.59
N ARG C 94 3.30 2.71 2.91
CA ARG C 94 3.32 3.81 1.95
C ARG C 94 4.62 4.61 2.09
N PRO C 95 5.73 4.07 1.55
CA PRO C 95 7.07 4.66 1.69
C PRO C 95 7.11 6.16 1.37
N GLY C 96 6.43 6.57 0.30
CA GLY C 96 6.40 7.96 -0.12
C GLY C 96 5.67 8.88 0.84
N ASP C 97 4.50 8.44 1.31
CA ASP C 97 3.74 9.19 2.30
C ASP C 97 4.51 9.22 3.63
N LEU C 98 5.14 8.11 3.99
CA LEU C 98 5.98 8.06 5.19
C LEU C 98 7.16 9.03 5.07
N ALA C 99 7.79 9.08 3.90
CA ALA C 99 8.90 10.02 3.65
C ALA C 99 8.46 11.46 3.88
N GLY C 100 7.25 11.79 3.47
CA GLY C 100 6.69 13.12 3.69
C GLY C 100 6.54 13.46 5.16
N LEU C 101 5.89 12.57 5.91
CA LEU C 101 5.72 12.77 7.35
C LEU C 101 7.07 12.97 8.03
N LEU C 102 8.02 12.09 7.71
CA LEU C 102 9.32 12.10 8.36
C LEU C 102 10.16 13.35 8.00
N HIS C 103 10.11 13.81 6.76
CA HIS C 103 10.72 15.10 6.40
C HIS C 103 10.14 16.25 7.22
N ARG C 104 8.82 16.24 7.40
CA ARG C 104 8.15 17.26 8.19
C ARG C 104 8.57 17.18 9.66
N LEU C 105 8.70 15.98 10.20
CA LEU C 105 9.17 15.81 11.57
C LEU C 105 10.60 16.30 11.77
N ILE C 106 11.48 16.05 10.80
CA ILE C 106 12.84 16.61 10.81
C ILE C 106 12.79 18.12 10.98
N ARG C 107 11.92 18.77 10.19
CA ARG C 107 11.78 20.22 10.24
C ARG C 107 11.29 20.71 11.60
N VAL C 108 10.41 19.95 12.24
CA VAL C 108 9.92 20.27 13.58
C VAL C 108 11.08 20.18 14.59
N ALA C 109 11.91 19.15 14.46
CA ALA C 109 13.08 19.01 15.32
C ALA C 109 14.07 20.16 15.13
N GLN C 110 14.24 20.59 13.89
CA GLN C 110 15.13 21.71 13.57
C GLN C 110 14.59 23.04 14.06
N ASN C 111 13.29 23.23 13.90
CA ASN C 111 12.63 24.48 14.18
C ASN C 111 11.27 24.25 14.82
N PRO C 112 11.26 24.01 16.15
CA PRO C 112 10.01 23.82 16.89
C PRO C 112 9.04 24.99 16.75
N GLU C 113 9.57 26.19 16.49
CA GLU C 113 8.77 27.39 16.33
C GLU C 113 8.01 27.48 15.00
N ALA C 114 8.40 26.68 14.00
CA ALA C 114 7.75 26.71 12.69
C ALA C 114 6.26 26.32 12.82
N PRO C 115 5.36 27.13 12.24
CA PRO C 115 3.92 26.86 12.39
C PRO C 115 3.42 25.79 11.42
N MET C 116 3.93 24.58 11.60
CA MET C 116 3.50 23.41 10.85
C MET C 116 3.38 22.24 11.80
N MET C 117 2.58 21.25 11.44
CA MET C 117 2.30 20.10 12.30
C MET C 117 1.99 20.54 13.72
N GLN C 118 1.11 21.52 13.84
CA GLN C 118 0.71 22.07 15.14
C GLN C 118 -0.34 21.19 15.82
N ASP C 119 -0.91 20.27 15.05
CA ASP C 119 -1.93 19.32 15.55
C ASP C 119 -1.32 18.04 16.13
N ASP C 120 -0.20 17.60 15.56
CA ASP C 120 0.27 16.24 15.72
C ASP C 120 0.97 15.99 17.06
N PRO C 121 0.53 14.95 17.81
CA PRO C 121 1.15 14.65 19.11
C PRO C 121 2.63 14.28 19.03
N LEU C 122 3.03 13.51 18.02
CA LEU C 122 4.46 13.18 17.83
C LEU C 122 5.28 14.45 17.61
N ALA C 123 4.72 15.40 16.84
CA ALA C 123 5.40 16.69 16.63
C ALA C 123 5.52 17.46 17.95
N ALA C 124 4.46 17.47 18.75
CA ALA C 124 4.46 18.16 20.04
C ALA C 124 5.48 17.55 21.00
N GLY C 125 5.53 16.22 21.05
CA GLY C 125 6.54 15.53 21.84
C GLY C 125 7.95 15.85 21.37
N LEU C 126 8.15 15.87 20.06
CA LEU C 126 9.46 16.16 19.47
C LEU C 126 9.95 17.56 19.82
N ARG C 127 9.04 18.53 19.85
CA ARG C 127 9.39 19.90 20.26
C ARG C 127 9.91 19.95 21.68
N ASP C 128 9.29 19.18 22.56
CA ASP C 128 9.73 19.08 23.95
C ASP C 128 11.11 18.43 24.06
N LEU C 129 11.32 17.36 23.29
CA LEU C 129 12.62 16.70 23.24
C LEU C 129 13.71 17.66 22.75
N ARG C 130 13.42 18.40 21.68
CA ARG C 130 14.39 19.35 21.11
C ARG C 130 14.76 20.44 22.11
N MET C 131 13.77 20.97 22.83
CA MET C 131 14.05 22.03 23.81
C MET C 131 14.94 21.53 24.95
N ARG C 132 14.82 20.25 25.29
CA ARG C 132 15.68 19.66 26.31
C ARG C 132 17.05 19.31 25.75
N VAL C 133 17.12 18.94 24.47
CA VAL C 133 18.41 18.76 23.80
C VAL C 133 19.20 20.08 23.79
N ASP C 134 18.51 21.21 23.58
CA ASP C 134 19.16 22.53 23.62
C ASP C 134 19.79 22.78 24.99
N ARG C 135 19.13 22.32 26.03
CA ARG C 135 19.59 22.52 27.40
C ARG C 135 20.85 21.70 27.72
N PHE C 136 20.90 20.44 27.29
CA PHE C 136 21.98 19.53 27.67
C PHE C 136 22.98 19.25 26.57
N GLY C 137 22.75 19.80 25.37
CA GLY C 137 23.61 19.55 24.23
C GLY C 137 24.22 20.82 23.67
N THR C 138 25.33 20.67 22.98
CA THR C 138 25.91 21.75 22.20
C THR C 138 25.17 21.89 20.87
N ALA C 139 25.42 22.97 20.15
CA ALA C 139 24.86 23.14 18.80
C ALA C 139 25.27 21.98 17.90
N GLY C 140 26.53 21.58 17.98
CA GLY C 140 27.03 20.42 17.24
C GLY C 140 26.34 19.12 17.57
N GLN C 141 26.09 18.88 18.85
CA GLN C 141 25.36 17.68 19.28
C GLN C 141 23.91 17.70 18.82
N THR C 142 23.28 18.87 18.85
CA THR C 142 21.91 19.01 18.39
C THR C 142 21.82 18.68 16.89
N ALA C 143 22.76 19.20 16.10
CA ALA C 143 22.81 18.93 14.67
C ALA C 143 23.06 17.45 14.35
N ARG C 144 23.92 16.82 15.16
CA ARG C 144 24.20 15.39 15.03
C ARG C 144 22.98 14.53 15.37
N TRP C 145 22.24 14.95 16.40
CA TRP C 145 20.97 14.31 16.77
C TRP C 145 19.97 14.38 15.62
N VAL C 146 19.84 15.53 15.00
CA VAL C 146 18.95 15.67 13.85
C VAL C 146 19.41 14.81 12.67
N ASP C 147 20.71 14.83 12.38
CA ASP C 147 21.27 14.01 11.29
C ASP C 147 21.03 12.51 11.53
N ALA C 148 21.19 12.06 12.78
CA ALA C 148 20.93 10.67 13.11
C ALA C 148 19.45 10.32 12.98
N LEU C 149 18.56 11.24 13.37
CA LEU C 149 17.12 11.07 13.13
C LEU C 149 16.84 10.88 11.63
N ARG C 150 17.48 11.69 10.78
CA ARG C 150 17.33 11.52 9.33
C ARG C 150 17.81 10.15 8.85
N GLU C 151 18.95 9.69 9.39
CA GLU C 151 19.47 8.34 9.09
C GLU C 151 18.44 7.27 9.41
N TYR C 152 17.89 7.34 10.62
CA TYR C 152 16.84 6.42 11.04
C TYR C 152 15.65 6.50 10.09
N PHE C 153 15.13 7.72 9.88
CA PHE C 153 13.96 7.93 9.02
C PHE C 153 14.14 7.38 7.59
N PHE C 154 15.30 7.64 6.98
CA PHE C 154 15.54 7.20 5.61
C PHE C 154 15.54 5.66 5.56
N SER C 155 16.09 5.03 6.59
CA SER C 155 16.17 3.58 6.65
C SER C 155 14.81 2.89 6.83
N VAL C 156 13.90 3.50 7.61
CA VAL C 156 12.55 2.92 7.75
C VAL C 156 11.66 3.18 6.54
N VAL C 157 11.98 4.21 5.75
CA VAL C 157 11.33 4.38 4.45
C VAL C 157 11.76 3.25 3.50
N TRP C 158 13.03 2.86 3.56
CA TRP C 158 13.53 1.71 2.81
C TRP C 158 12.85 0.41 3.29
N GLU C 159 12.76 0.22 4.60
CA GLU C 159 12.02 -0.90 5.18
C GLU C 159 10.55 -0.90 4.72
N ALA C 160 9.93 0.28 4.66
CA ALA C 160 8.53 0.40 4.24
C ALA C 160 8.31 -0.05 2.79
N ALA C 161 9.32 0.14 1.93
CA ALA C 161 9.24 -0.32 0.54
C ALA C 161 9.19 -1.83 0.47
N HIS C 162 9.95 -2.50 1.33
CA HIS C 162 9.90 -3.95 1.44
C HIS C 162 8.56 -4.42 2.03
N ARG C 163 8.06 -3.70 3.03
CA ARG C 163 6.76 -4.01 3.61
C ARG C 163 5.66 -3.92 2.54
N ARG C 164 5.68 -2.86 1.76
CA ARG C 164 4.66 -2.67 0.73
C ARG C 164 4.67 -3.79 -0.30
N ALA C 165 5.87 -4.20 -0.71
CA ALA C 165 6.02 -5.26 -1.71
C ALA C 165 5.91 -6.65 -1.10
N GLY C 166 6.03 -6.74 0.23
CA GLY C 166 6.02 -8.02 0.93
C GLY C 166 7.32 -8.78 0.79
N THR C 167 8.39 -8.08 0.39
CA THR C 167 9.68 -8.71 0.13
C THR C 167 10.61 -8.69 1.33
N VAL C 168 11.64 -9.52 1.26
CA VAL C 168 12.67 -9.62 2.28
C VAL C 168 14.00 -9.33 1.60
N PRO C 169 14.77 -8.34 2.10
CA PRO C 169 16.05 -8.03 1.46
C PRO C 169 17.09 -9.14 1.65
N ASP C 170 18.13 -9.12 0.83
CA ASP C 170 19.25 -10.03 1.05
C ASP C 170 20.05 -9.56 2.26
N LEU C 171 21.05 -10.34 2.67
CA LEU C 171 21.74 -10.10 3.92
C LEU C 171 22.52 -8.78 3.91
N ASN C 172 23.12 -8.44 2.78
CA ASN C 172 23.90 -7.21 2.68
C ASN C 172 23.02 -5.97 2.84
N ASP C 173 21.91 -5.94 2.09
CA ASP C 173 20.92 -4.87 2.22
C ASP C 173 20.27 -4.83 3.60
N TYR C 174 19.93 -5.99 4.16
CA TYR C 174 19.35 -6.00 5.51
C TYR C 174 20.32 -5.38 6.52
N THR C 175 21.60 -5.75 6.43
CA THR C 175 22.58 -5.24 7.39
C THR C 175 22.68 -3.73 7.28
N LEU C 176 22.75 -3.22 6.05
CA LEU C 176 22.86 -1.77 5.83
C LEU C 176 21.65 -1.04 6.43
N MET C 177 20.47 -1.58 6.13
CA MET C 177 19.21 -1.03 6.60
C MET C 177 19.13 -1.09 8.12
N ARG C 178 19.48 -2.24 8.68
CA ARG C 178 19.31 -2.51 10.11
C ARG C 178 20.30 -1.74 11.00
N LEU C 179 21.44 -1.35 10.45
CA LEU C 179 22.38 -0.48 11.17
C LEU C 179 21.77 0.87 11.52
N TYR C 180 20.70 1.27 10.82
CA TYR C 180 20.04 2.55 11.11
C TYR C 180 18.57 2.43 11.53
N ASP C 181 17.86 1.40 11.08
CA ASP C 181 16.41 1.35 11.32
C ASP C 181 16.01 0.99 12.76
N GLY C 182 16.99 0.60 13.57
CA GLY C 182 16.78 0.43 15.00
C GLY C 182 17.03 1.69 15.81
N ALA C 183 17.32 2.81 15.14
CA ALA C 183 17.54 4.12 15.76
C ALA C 183 18.73 4.19 16.73
N THR C 184 19.63 3.21 16.65
CA THR C 184 20.76 3.16 17.57
C THR C 184 21.69 4.37 17.42
N SER C 185 21.82 4.90 16.20
CA SER C 185 22.67 6.06 15.95
C SER C 185 22.12 7.35 16.59
N VAL C 186 20.81 7.43 16.80
CA VAL C 186 20.21 8.62 17.37
C VAL C 186 20.42 8.71 18.89
N VAL C 187 20.72 7.57 19.52
CA VAL C 187 21.01 7.51 20.95
C VAL C 187 22.41 8.05 21.26
N LEU C 188 23.33 7.91 20.31
CA LEU C 188 24.75 8.18 20.56
C LEU C 188 25.06 9.60 21.07
N PRO C 189 24.45 10.64 20.48
CA PRO C 189 24.68 11.99 21.01
C PRO C 189 24.25 12.15 22.48
N MET C 190 23.18 11.49 22.88
CA MET C 190 22.70 11.58 24.25
C MET C 190 23.62 10.89 25.25
N LEU C 191 24.40 9.91 24.79
CA LEU C 191 25.43 9.30 25.64
C LEU C 191 26.49 10.31 26.04
N GLU C 192 26.84 11.21 25.12
CA GLU C 192 27.77 12.30 25.40
C GLU C 192 27.12 13.30 26.36
N MET C 193 25.89 13.71 26.02
CA MET C 193 25.16 14.68 26.82
C MET C 193 24.92 14.18 28.25
N GLY C 194 24.70 12.88 28.40
CA GLY C 194 24.51 12.27 29.71
C GLY C 194 25.67 12.51 30.67
N HIS C 195 26.88 12.67 30.15
CA HIS C 195 28.05 12.93 30.97
C HIS C 195 28.63 14.34 30.79
N GLY C 196 27.91 15.22 30.10
CA GLY C 196 28.28 16.62 30.02
C GLY C 196 29.53 16.96 29.23
N TYR C 197 29.88 16.10 28.26
CA TYR C 197 31.02 16.38 27.38
C TYR C 197 30.60 16.27 25.92
N GLU C 198 31.47 16.74 25.03
CA GLU C 198 31.27 16.64 23.59
C GLU C 198 32.44 15.86 22.99
N LEU C 199 32.15 14.80 22.25
CA LEU C 199 33.18 14.07 21.52
C LEU C 199 33.49 14.83 20.24
N GLN C 200 34.75 15.21 20.06
CA GLN C 200 35.15 16.09 18.96
C GLN C 200 35.18 15.35 17.63
N PRO C 201 34.89 16.06 16.52
CA PRO C 201 34.87 15.42 15.19
C PRO C 201 36.11 14.60 14.84
N TYR C 202 37.30 15.08 15.21
CA TYR C 202 38.53 14.38 14.84
C TYR C 202 38.59 12.96 15.41
N GLU C 203 37.89 12.72 16.53
CA GLU C 203 37.75 11.36 17.07
C GLU C 203 36.45 10.71 16.63
N ARG C 204 35.32 11.40 16.82
CA ARG C 204 34.01 10.82 16.51
C ARG C 204 33.86 10.40 15.05
N ASP C 205 34.37 11.22 14.14
CA ASP C 205 34.24 10.94 12.71
C ASP C 205 35.41 10.15 12.14
N ARG C 206 36.36 9.78 12.97
CA ARG C 206 37.42 8.85 12.57
C ARG C 206 36.80 7.51 12.19
N THR C 207 37.28 6.91 11.11
CA THR C 207 36.70 5.67 10.59
C THR C 207 36.59 4.57 11.64
N ALA C 208 37.64 4.38 12.43
CA ALA C 208 37.65 3.32 13.46
C ALA C 208 36.65 3.58 14.60
N VAL C 209 36.39 4.85 14.91
CA VAL C 209 35.44 5.20 15.96
C VAL C 209 34.01 5.06 15.45
N ARG C 210 33.77 5.46 14.21
CA ARG C 210 32.52 5.15 13.53
C ARG C 210 32.31 3.63 13.53
N ALA C 211 33.37 2.89 13.24
CA ALA C 211 33.28 1.43 13.16
C ALA C 211 32.78 0.80 14.46
N VAL C 212 33.35 1.18 15.60
CA VAL C 212 32.92 0.59 16.88
C VAL C 212 31.49 0.98 17.24
N ALA C 213 31.05 2.18 16.86
CA ALA C 213 29.64 2.57 17.02
C ALA C 213 28.72 1.72 16.14
N GLU C 214 29.15 1.45 14.91
CA GLU C 214 28.42 0.57 14.00
C GLU C 214 28.35 -0.87 14.54
N MET C 215 29.46 -1.34 15.12
CA MET C 215 29.50 -2.66 15.73
C MET C 215 28.51 -2.76 16.90
N ALA C 216 28.44 -1.71 17.71
CA ALA C 216 27.47 -1.64 18.80
C ALA C 216 26.04 -1.71 18.24
N SER C 217 25.77 -0.93 17.20
CA SER C 217 24.48 -0.96 16.53
C SER C 217 24.14 -2.34 15.99
N PHE C 218 25.12 -3.02 15.40
CA PHE C 218 24.94 -4.38 14.89
C PHE C 218 24.57 -5.33 16.03
N ILE C 219 25.34 -5.27 17.12
CA ILE C 219 25.12 -6.15 18.26
C ILE C 219 23.74 -5.91 18.87
N ILE C 220 23.39 -4.64 19.04
CA ILE C 220 22.11 -4.27 19.64
C ILE C 220 20.93 -4.73 18.76
N THR C 221 21.04 -4.56 17.45
CA THR C 221 19.94 -4.93 16.56
C THR C 221 19.82 -6.45 16.37
N TRP C 222 20.94 -7.14 16.26
CA TRP C 222 20.94 -8.60 16.15
C TRP C 222 20.40 -9.23 17.44
N ASP C 223 20.83 -8.72 18.59
CA ASP C 223 20.31 -9.18 19.87
C ASP C 223 18.80 -8.97 19.97
N ASN C 224 18.33 -7.82 19.50
CA ASN C 224 16.89 -7.59 19.43
C ASN C 224 16.21 -8.53 18.43
N ASP C 225 16.83 -8.77 17.28
CA ASP C 225 16.27 -9.70 16.30
C ASP C 225 16.07 -11.08 16.93
N ILE C 226 17.03 -11.49 17.76
CA ILE C 226 16.98 -12.77 18.45
C ILE C 226 15.89 -12.76 19.52
N PHE C 227 15.91 -11.76 20.40
CA PHE C 227 14.96 -11.69 21.51
C PHE C 227 13.53 -11.28 21.09
N SER C 228 13.41 -10.52 20.00
CA SER C 228 12.10 -10.07 19.50
C SER C 228 11.50 -10.98 18.43
N TYR C 229 12.22 -12.03 18.05
CA TYR C 229 11.76 -12.95 17.00
C TYR C 229 10.40 -13.56 17.36
N HIS C 230 10.25 -13.98 18.61
CA HIS C 230 8.99 -14.57 19.10
C HIS C 230 7.81 -13.63 18.89
N LYS C 231 7.89 -12.41 19.43
CA LYS C 231 6.77 -11.48 19.34
C LYS C 231 6.52 -10.99 17.90
N GLU C 232 7.58 -10.91 17.11
CA GLU C 232 7.48 -10.48 15.71
C GLU C 232 6.84 -11.55 14.82
N ARG C 233 7.34 -12.78 14.90
CA ARG C 233 6.85 -13.87 14.05
C ARG C 233 5.38 -14.24 14.33
N ARG C 234 4.95 -14.09 15.57
CA ARG C 234 3.59 -14.53 15.96
C ARG C 234 2.48 -13.55 15.60
N GLY C 235 2.85 -12.37 15.11
CA GLY C 235 1.87 -11.36 14.71
C GLY C 235 1.24 -11.65 13.35
N SER C 236 0.24 -10.86 12.99
CA SER C 236 -0.43 -11.00 11.69
C SER C 236 0.26 -10.21 10.58
N GLY C 237 1.04 -9.21 10.97
CA GLY C 237 1.60 -8.25 10.01
C GLY C 237 2.97 -8.61 9.48
N TYR C 238 3.42 -7.85 8.49
CA TYR C 238 4.77 -7.98 7.97
C TYR C 238 5.79 -7.77 9.09
N TYR C 239 6.86 -8.57 9.06
CA TYR C 239 7.98 -8.37 9.97
C TYR C 239 9.27 -8.69 9.25
N LEU C 240 10.36 -8.12 9.75
CA LEU C 240 11.68 -8.32 9.19
C LEU C 240 12.67 -8.46 10.33
N ASN C 241 13.56 -9.45 10.24
CA ASN C 241 14.69 -9.58 11.15
C ASN C 241 15.72 -10.53 10.57
N ALA C 242 16.90 -10.59 11.20
CA ALA C 242 18.03 -11.35 10.63
C ALA C 242 17.70 -12.81 10.39
N LEU C 243 16.89 -13.38 11.26
CA LEU C 243 16.50 -14.79 11.14
C LEU C 243 15.69 -15.01 9.86
N ARG C 244 14.72 -14.15 9.59
CA ARG C 244 13.92 -14.27 8.38
C ARG C 244 14.78 -14.09 7.13
N VAL C 245 15.72 -13.15 7.19
CA VAL C 245 16.64 -12.90 6.07
C VAL C 245 17.53 -14.12 5.81
N LEU C 246 18.08 -14.69 6.87
CA LEU C 246 18.96 -15.85 6.77
C LEU C 246 18.22 -17.10 6.28
N GLU C 247 16.97 -17.26 6.74
CA GLU C 247 16.12 -18.36 6.27
C GLU C 247 16.00 -18.31 4.75
N GLN C 248 15.65 -17.15 4.22
CA GLN C 248 15.50 -16.94 2.78
C GLN C 248 16.82 -17.09 2.04
N GLU C 249 17.85 -16.37 2.49
CA GLU C 249 19.11 -16.26 1.75
C GLU C 249 19.91 -17.55 1.73
N ARG C 250 19.88 -18.30 2.82
CA ARG C 250 20.71 -19.50 2.96
C ARG C 250 19.89 -20.79 3.04
N GLY C 251 18.58 -20.70 2.83
CA GLY C 251 17.70 -21.88 2.88
C GLY C 251 17.81 -22.61 4.20
N LEU C 252 17.70 -21.88 5.30
CA LEU C 252 17.83 -22.43 6.65
C LEU C 252 16.48 -22.55 7.33
N THR C 253 16.39 -23.46 8.30
CA THR C 253 15.25 -23.52 9.20
C THR C 253 15.37 -22.38 10.21
N PRO C 254 14.27 -22.03 10.90
CA PRO C 254 14.37 -21.01 11.94
C PRO C 254 15.47 -21.30 12.98
N ALA C 255 15.60 -22.56 13.40
CA ALA C 255 16.62 -22.96 14.38
C ALA C 255 18.04 -22.76 13.83
N GLN C 256 18.24 -23.11 12.57
CA GLN C 256 19.53 -22.91 11.90
C GLN C 256 19.82 -21.41 11.72
N ALA C 257 18.79 -20.65 11.37
CA ALA C 257 18.91 -19.20 11.26
C ALA C 257 19.33 -18.57 12.60
N LEU C 258 18.73 -19.05 13.69
CA LEU C 258 19.07 -18.60 15.04
C LEU C 258 20.56 -18.81 15.32
N ASP C 259 21.05 -20.02 15.05
CA ASP C 259 22.45 -20.35 15.28
C ASP C 259 23.37 -19.47 14.44
N ALA C 260 23.02 -19.28 13.17
CA ALA C 260 23.81 -18.41 12.28
C ALA C 260 23.85 -16.98 12.79
N ALA C 261 22.70 -16.46 13.23
CA ALA C 261 22.61 -15.12 13.79
C ALA C 261 23.45 -14.96 15.05
N ILE C 262 23.37 -15.94 15.95
CA ILE C 262 24.16 -15.91 17.19
C ILE C 262 25.66 -15.87 16.88
N SER C 263 26.08 -16.72 15.94
CA SER C 263 27.47 -16.72 15.47
C SER C 263 27.93 -15.35 14.98
N GLN C 264 27.06 -14.67 14.23
CA GLN C 264 27.38 -13.35 13.69
C GLN C 264 27.59 -12.32 14.80
N ARG C 265 26.63 -12.19 15.70
CA ARG C 265 26.75 -11.21 16.79
C ARG C 265 27.86 -11.56 17.80
N ASP C 266 28.16 -12.85 17.96
CA ASP C 266 29.30 -13.28 18.79
C ASP C 266 30.61 -12.73 18.24
N ARG C 267 30.83 -12.90 16.94
CA ARG C 267 32.06 -12.42 16.30
C ARG C 267 32.20 -10.90 16.35
N VAL C 268 31.08 -10.19 16.19
CA VAL C 268 31.12 -8.72 16.26
C VAL C 268 31.33 -8.25 17.71
N MET C 269 30.71 -8.93 18.67
CA MET C 269 30.94 -8.64 20.10
C MET C 269 32.42 -8.75 20.45
N CYS C 270 33.07 -9.82 19.98
CA CYS C 270 34.50 -10.03 20.21
C CYS C 270 35.35 -8.93 19.55
N LEU C 271 35.05 -8.61 18.30
CA LEU C 271 35.78 -7.57 17.57
C LEU C 271 35.61 -6.20 18.24
N PHE C 272 34.38 -5.90 18.61
CA PHE C 272 34.05 -4.65 19.31
C PHE C 272 34.93 -4.45 20.56
N THR C 273 35.04 -5.51 21.37
CA THR C 273 35.81 -5.44 22.61
C THR C 273 37.29 -5.16 22.33
N THR C 274 37.82 -5.81 21.30
CA THR C 274 39.23 -5.66 20.92
C THR C 274 39.52 -4.26 20.35
N VAL C 275 38.73 -3.83 19.38
CA VAL C 275 38.95 -2.53 18.74
C VAL C 275 38.71 -1.39 19.74
N SER C 276 37.72 -1.54 20.61
CA SER C 276 37.46 -0.56 21.67
C SER C 276 38.65 -0.39 22.61
N GLU C 277 39.28 -1.50 22.98
CA GLU C 277 40.48 -1.48 23.84
C GLU C 277 41.64 -0.75 23.15
N GLN C 278 41.86 -1.05 21.87
CA GLN C 278 42.87 -0.36 21.07
C GLN C 278 42.64 1.16 21.07
N LEU C 279 41.40 1.58 20.81
CA LEU C 279 41.05 2.99 20.75
C LEU C 279 41.19 3.72 22.09
N ALA C 280 40.84 3.02 23.18
CA ALA C 280 40.91 3.61 24.52
C ALA C 280 42.36 3.89 24.96
N GLU C 281 43.30 3.09 24.49
CA GLU C 281 44.72 3.22 24.87
C GLU C 281 45.26 4.63 24.67
N GLN C 282 45.09 5.18 23.45
CA GLN C 282 45.63 6.50 23.14
C GLN C 282 44.56 7.56 22.87
N GLY C 283 43.30 7.24 23.15
CA GLY C 283 42.20 8.19 22.96
C GLY C 283 42.12 9.24 24.06
N SER C 284 41.31 10.27 23.84
CA SER C 284 41.08 11.30 24.84
C SER C 284 40.27 10.73 26.02
N PRO C 285 40.25 11.45 27.15
CA PRO C 285 39.35 11.03 28.23
C PRO C 285 37.89 10.93 27.76
N GLN C 286 37.50 11.81 26.84
CA GLN C 286 36.15 11.85 26.28
C GLN C 286 35.84 10.60 25.45
N LEU C 287 36.82 10.14 24.66
CA LEU C 287 36.63 8.92 23.88
C LEU C 287 36.55 7.69 24.80
N ARG C 288 37.34 7.67 25.87
CA ARG C 288 37.28 6.58 26.85
C ARG C 288 35.88 6.49 27.50
N GLN C 289 35.30 7.64 27.82
CA GLN C 289 33.94 7.69 28.35
C GLN C 289 32.91 7.20 27.32
N TYR C 290 33.07 7.65 26.08
CA TYR C 290 32.18 7.26 24.98
C TYR C 290 32.18 5.75 24.76
N LEU C 291 33.37 5.15 24.77
CA LEU C 291 33.50 3.70 24.59
C LEU C 291 32.89 2.93 25.75
N HIS C 292 33.03 3.45 26.96
CA HIS C 292 32.36 2.90 28.14
C HIS C 292 30.83 2.94 27.98
N SER C 293 30.32 4.07 27.48
CA SER C 293 28.88 4.22 27.26
C SER C 293 28.35 3.30 26.15
N LEU C 294 29.16 3.02 25.14
CA LEU C 294 28.79 2.03 24.13
C LEU C 294 28.59 0.65 24.77
N ARG C 295 29.47 0.27 25.71
CA ARG C 295 29.29 -0.97 26.47
C ARG C 295 27.98 -0.96 27.28
N CYS C 296 27.71 0.16 27.96
CA CYS C 296 26.48 0.29 28.76
C CYS C 296 25.23 0.16 27.87
N PHE C 297 25.30 0.72 26.66
CA PHE C 297 24.20 0.67 25.70
C PHE C 297 23.97 -0.76 25.24
N ILE C 298 25.04 -1.44 24.83
CA ILE C 298 24.97 -2.85 24.43
C ILE C 298 24.38 -3.72 25.53
N ARG C 299 24.92 -3.62 26.74
CA ARG C 299 24.50 -4.47 27.86
C ARG C 299 23.12 -4.08 28.38
N GLY C 300 22.80 -2.78 28.36
CA GLY C 300 21.47 -2.31 28.74
C GLY C 300 20.39 -2.89 27.86
N ALA C 301 20.63 -2.90 26.55
CA ALA C 301 19.70 -3.50 25.58
C ALA C 301 19.55 -5.00 25.81
N GLN C 302 20.66 -5.64 26.17
CA GLN C 302 20.68 -7.07 26.47
C GLN C 302 19.80 -7.42 27.67
N ASP C 303 20.02 -6.76 28.80
CA ASP C 303 19.21 -7.02 30.01
C ASP C 303 17.74 -6.65 29.82
N TRP C 304 17.49 -5.57 29.09
CA TRP C 304 16.13 -5.14 28.80
C TRP C 304 15.42 -6.12 27.86
N GLY C 305 16.17 -6.62 26.87
CA GLY C 305 15.64 -7.57 25.89
C GLY C 305 15.09 -8.85 26.48
N ILE C 306 15.69 -9.34 27.57
CA ILE C 306 15.23 -10.57 28.22
C ILE C 306 14.28 -10.33 29.40
N SER C 307 13.95 -9.07 29.69
CA SER C 307 13.10 -8.75 30.84
C SER C 307 11.83 -7.95 30.52
N SER C 308 11.88 -7.09 29.51
CA SER C 308 10.70 -6.31 29.13
C SER C 308 9.56 -7.23 28.71
N VAL C 309 8.36 -6.93 29.17
CA VAL C 309 7.16 -7.67 28.73
C VAL C 309 6.92 -7.55 27.23
N ARG C 310 7.47 -6.49 26.63
CA ARG C 310 7.49 -6.34 25.17
C ARG C 310 7.97 -7.61 24.45
N TYR C 311 8.96 -8.28 25.03
CA TYR C 311 9.57 -9.45 24.41
C TYR C 311 9.27 -10.77 25.11
N THR C 312 9.13 -10.73 26.44
CA THR C 312 8.82 -11.95 27.19
C THR C 312 7.35 -12.37 27.02
N THR C 313 6.51 -11.42 26.63
CA THR C 313 5.08 -11.66 26.33
C THR C 313 4.44 -12.68 27.26
N PRO C 314 4.19 -12.29 28.53
CA PRO C 314 3.66 -13.19 29.56
C PRO C 314 2.39 -13.98 29.18
N ASP C 315 1.52 -13.38 28.37
CA ASP C 315 0.27 -14.05 27.97
C ASP C 315 0.51 -15.26 27.07
N ASP C 316 1.57 -15.20 26.26
CA ASP C 316 2.03 -16.34 25.47
C ASP C 316 3.56 -16.39 25.58
N PRO C 317 4.07 -16.88 26.72
CA PRO C 317 5.48 -16.73 27.11
C PRO C 317 6.49 -17.12 26.04
N ALA C 318 7.43 -16.21 25.75
CA ALA C 318 8.60 -16.56 24.98
C ALA C 318 9.51 -17.42 25.86
N ASN C 319 10.18 -18.39 25.24
CA ASN C 319 11.15 -19.21 25.97
C ASN C 319 12.51 -18.51 25.92
N MET C 320 12.70 -17.60 26.87
CA MET C 320 13.84 -16.70 26.92
C MET C 320 14.83 -17.14 27.99
N PRO C 321 16.13 -16.85 27.78
CA PRO C 321 17.08 -17.09 28.85
C PRO C 321 16.94 -16.05 29.96
N SER C 322 17.41 -16.39 31.16
CA SER C 322 17.35 -15.51 32.32
C SER C 322 18.68 -14.81 32.57
N VAL C 323 19.74 -15.30 31.92
CA VAL C 323 21.09 -14.81 32.14
C VAL C 323 21.87 -14.75 30.83
N PHE C 324 22.98 -14.03 30.84
CA PHE C 324 23.96 -14.05 29.76
C PHE C 324 25.19 -14.83 30.22
N THR C 325 26.01 -15.29 29.27
CA THR C 325 27.22 -16.04 29.57
C THR C 325 28.47 -15.24 29.21
N ASP C 326 29.61 -15.63 29.78
CA ASP C 326 30.87 -14.91 29.59
C ASP C 326 31.81 -15.57 28.57
N VAL C 327 31.33 -16.61 27.87
CA VAL C 327 32.12 -17.24 26.81
C VAL C 327 31.30 -17.35 25.51
N PRO C 328 31.93 -17.00 24.37
CA PRO C 328 31.24 -17.04 23.08
C PRO C 328 31.10 -18.44 22.49
N THR C 329 30.10 -18.64 21.63
CA THR C 329 29.98 -19.86 20.84
C THR C 329 30.86 -19.79 19.61
N ASP C 330 31.02 -18.58 19.06
CA ASP C 330 31.94 -18.34 17.95
C ASP C 330 32.99 -17.31 18.36
N ASP C 331 34.23 -17.79 18.53
CA ASP C 331 35.34 -16.97 19.01
C ASP C 331 36.27 -16.52 17.87
N SER C 332 36.02 -17.01 16.65
CA SER C 332 36.95 -16.81 15.54
C SER C 332 37.06 -15.35 15.12
N THR C 333 38.18 -15.04 14.46
CA THR C 333 38.43 -13.71 13.91
C THR C 333 38.02 -13.63 12.42
N GLU C 334 37.34 -14.66 11.92
CA GLU C 334 36.89 -14.67 10.52
C GLU C 334 35.84 -13.60 10.31
N PRO C 335 36.04 -12.71 9.32
CA PRO C 335 35.03 -11.68 9.04
C PRO C 335 33.68 -12.25 8.62
N LEU C 336 32.61 -11.51 8.90
CA LEU C 336 31.29 -11.85 8.39
C LEU C 336 31.29 -11.78 6.86
N ASP C 337 30.51 -12.66 6.23
CA ASP C 337 30.37 -12.64 4.77
C ASP C 337 29.31 -11.60 4.37
N ILE C 338 29.58 -10.35 4.76
CA ILE C 338 28.67 -9.23 4.55
C ILE C 338 29.51 -8.03 4.10
N PRO C 339 29.55 -7.76 2.79
CA PRO C 339 30.37 -6.68 2.25
C PRO C 339 30.24 -5.31 2.94
N ALA C 340 29.10 -5.05 3.56
CA ALA C 340 28.82 -3.74 4.14
C ALA C 340 29.62 -3.50 5.39
N VAL C 341 30.03 -4.58 6.05
CA VAL C 341 30.72 -4.51 7.34
C VAL C 341 31.99 -5.36 7.46
N SER C 342 32.33 -6.16 6.44
CA SER C 342 33.51 -7.03 6.51
C SER C 342 34.82 -6.24 6.71
N TRP C 343 34.84 -5.00 6.25
CA TRP C 343 35.99 -4.12 6.44
C TRP C 343 36.34 -3.82 7.90
N TRP C 344 35.37 -3.98 8.81
CA TRP C 344 35.65 -3.80 10.24
C TRP C 344 36.88 -4.58 10.70
N TRP C 345 37.02 -5.80 10.18
CA TRP C 345 38.12 -6.68 10.57
C TRP C 345 39.50 -6.21 10.10
N ASP C 346 39.53 -5.28 9.15
CA ASP C 346 40.78 -4.61 8.75
C ASP C 346 41.38 -3.77 9.89
N LEU C 347 40.57 -3.41 10.87
CA LEU C 347 41.00 -2.54 11.97
C LEU C 347 41.90 -3.24 12.99
N LEU C 348 41.90 -4.58 12.98
CA LEU C 348 42.79 -5.36 13.83
C LEU C 348 44.25 -5.07 13.52
N GLU D 4 4.55 29.37 -23.67
CA GLU D 4 6.00 29.72 -23.52
C GLU D 4 6.16 31.05 -22.79
N LEU D 5 6.99 31.05 -21.75
CA LEU D 5 7.19 32.22 -20.91
C LEU D 5 8.46 32.98 -21.28
N THR D 6 8.41 34.30 -21.08
CA THR D 6 9.59 35.13 -21.16
C THR D 6 10.11 35.39 -19.75
N VAL D 7 11.32 34.92 -19.47
CA VAL D 7 11.96 35.15 -18.18
C VAL D 7 12.70 36.49 -18.24
N PRO D 8 12.29 37.45 -17.39
CA PRO D 8 12.98 38.74 -17.38
C PRO D 8 14.28 38.66 -16.58
N PRO D 9 15.18 39.65 -16.76
CA PRO D 9 16.39 39.71 -15.94
C PRO D 9 16.05 39.68 -14.44
N LEU D 10 16.76 38.85 -13.69
CA LEU D 10 16.54 38.71 -12.25
C LEU D 10 17.49 39.58 -11.44
N PHE D 11 17.07 39.88 -10.21
CA PHE D 11 17.87 40.66 -9.27
C PHE D 11 19.01 39.83 -8.69
N SER D 12 20.21 40.39 -8.70
CA SER D 12 21.34 39.80 -7.98
C SER D 12 22.26 40.92 -7.52
N PRO D 13 22.47 41.05 -6.20
CA PRO D 13 23.38 42.08 -5.70
C PRO D 13 24.84 41.62 -5.66
N ILE D 14 25.15 40.52 -6.34
CA ILE D 14 26.46 39.91 -6.26
C ILE D 14 27.19 40.04 -7.59
N ARG D 15 28.46 40.43 -7.52
CA ARG D 15 29.27 40.63 -8.71
C ARG D 15 29.76 39.29 -9.27
N GLN D 16 29.89 39.23 -10.60
CA GLN D 16 30.40 38.03 -11.28
C GLN D 16 31.84 37.75 -10.89
N ALA D 17 32.21 36.46 -10.88
CA ALA D 17 33.59 36.06 -10.66
C ALA D 17 33.81 34.63 -11.14
N ILE D 18 35.01 34.34 -11.62
CA ILE D 18 35.33 33.00 -12.12
C ILE D 18 36.81 32.69 -11.94
N HIS D 19 37.11 31.43 -11.63
CA HIS D 19 38.48 30.96 -11.50
C HIS D 19 39.14 31.03 -12.88
N PRO D 20 40.39 31.53 -12.96
CA PRO D 20 41.05 31.72 -14.26
C PRO D 20 41.34 30.43 -15.05
N LYS D 21 41.37 29.29 -14.37
CA LYS D 21 41.57 27.98 -15.00
C LYS D 21 40.27 27.28 -15.41
N HIS D 22 39.18 28.04 -15.50
CA HIS D 22 37.86 27.49 -15.82
C HIS D 22 37.82 26.61 -17.08
N ALA D 23 38.51 27.04 -18.14
CA ALA D 23 38.53 26.29 -19.40
C ALA D 23 39.19 24.92 -19.23
N ASP D 24 40.32 24.89 -18.52
CA ASP D 24 41.03 23.64 -18.26
C ASP D 24 40.20 22.70 -17.36
N ILE D 25 39.54 23.26 -16.35
CA ILE D 25 38.71 22.48 -15.44
C ILE D 25 37.56 21.80 -16.18
N ASP D 26 36.94 22.53 -17.12
CA ASP D 26 35.84 21.98 -17.91
C ASP D 26 36.30 20.80 -18.78
N VAL D 27 37.47 20.94 -19.39
CA VAL D 27 38.06 19.86 -20.19
C VAL D 27 38.32 18.62 -19.33
N GLN D 28 38.93 18.83 -18.16
CA GLN D 28 39.28 17.73 -17.26
C GLN D 28 38.06 17.02 -16.65
N THR D 29 36.96 17.76 -16.45
CA THR D 29 35.71 17.17 -15.97
C THR D 29 35.09 16.25 -17.02
N ALA D 30 35.09 16.68 -18.28
CA ALA D 30 34.65 15.83 -19.38
C ALA D 30 35.50 14.56 -19.46
N ALA D 31 36.80 14.71 -19.26
CA ALA D 31 37.72 13.56 -19.27
C ALA D 31 37.45 12.61 -18.11
N TRP D 32 37.11 13.17 -16.95
CA TRP D 32 36.78 12.37 -15.77
C TRP D 32 35.52 11.55 -16.03
N ALA D 33 34.51 12.17 -16.62
CA ALA D 33 33.24 11.50 -16.94
C ALA D 33 33.47 10.31 -17.87
N GLU D 34 34.36 10.49 -18.84
CA GLU D 34 34.69 9.43 -19.79
C GLU D 34 35.47 8.30 -19.10
N THR D 35 36.44 8.67 -18.26
CA THR D 35 37.25 7.71 -17.53
C THR D 35 36.42 6.77 -16.65
N PHE D 36 35.47 7.33 -15.92
CA PHE D 36 34.62 6.55 -15.01
C PHE D 36 33.29 6.14 -15.65
N ARG D 37 33.10 6.47 -16.93
CA ARG D 37 31.91 6.08 -17.68
C ARG D 37 30.64 6.49 -16.96
N ILE D 38 30.59 7.75 -16.55
CA ILE D 38 29.44 8.28 -15.82
C ILE D 38 28.27 8.45 -16.79
N GLY D 39 27.15 7.80 -16.46
CA GLY D 39 25.93 7.89 -17.26
C GLY D 39 25.98 7.04 -18.51
N SER D 40 24.83 6.95 -19.19
CA SER D 40 24.77 6.34 -20.51
C SER D 40 25.57 7.17 -21.49
N GLU D 41 25.86 6.60 -22.66
CA GLU D 41 26.56 7.33 -23.71
C GLU D 41 25.80 8.60 -24.09
N GLU D 42 24.48 8.48 -24.20
CA GLU D 42 23.63 9.62 -24.55
C GLU D 42 23.67 10.72 -23.48
N LEU D 43 23.49 10.34 -22.21
CA LEU D 43 23.52 11.31 -21.13
C LEU D 43 24.89 11.99 -21.02
N ARG D 44 25.95 11.18 -21.01
CA ARG D 44 27.31 11.71 -20.90
C ARG D 44 27.64 12.71 -22.00
N GLY D 45 27.24 12.38 -23.23
CA GLY D 45 27.44 13.27 -24.38
C GLY D 45 26.81 14.64 -24.22
N LYS D 46 25.70 14.69 -23.47
CA LYS D 46 25.06 15.96 -23.13
C LYS D 46 25.80 16.67 -22.00
N LEU D 47 26.04 15.94 -20.91
CA LEU D 47 26.63 16.52 -19.69
C LEU D 47 27.99 17.20 -19.92
N VAL D 48 28.82 16.61 -20.78
CA VAL D 48 30.15 17.17 -21.05
C VAL D 48 30.12 18.48 -21.84
N THR D 49 28.95 18.84 -22.39
CA THR D 49 28.78 20.10 -23.13
C THR D 49 28.12 21.20 -22.31
N GLN D 50 27.78 20.91 -21.06
CA GLN D 50 26.94 21.81 -20.25
C GLN D 50 27.72 22.75 -19.32
N ASP D 51 29.03 22.86 -19.54
CA ASP D 51 29.89 23.85 -18.84
C ASP D 51 29.93 23.64 -17.31
N ILE D 52 29.94 22.38 -16.87
CA ILE D 52 29.92 22.07 -15.44
C ILE D 52 31.23 22.51 -14.75
N GLY D 53 32.36 22.37 -15.43
CA GLY D 53 33.64 22.89 -14.92
C GLY D 53 33.62 24.40 -14.75
N THR D 54 33.02 25.09 -15.73
CA THR D 54 32.84 26.54 -15.68
C THR D 54 31.97 26.95 -14.50
N PHE D 55 30.91 26.18 -14.25
CA PHE D 55 30.02 26.39 -13.11
C PHE D 55 30.81 26.30 -11.81
N SER D 56 31.57 25.22 -11.64
CA SER D 56 32.40 25.03 -10.45
C SER D 56 33.38 26.20 -10.27
N ALA D 57 33.96 26.65 -11.38
CA ALA D 57 34.90 27.77 -11.39
C ALA D 57 34.30 29.06 -10.87
N ARG D 58 32.99 29.24 -11.05
CA ARG D 58 32.28 30.40 -10.54
C ARG D 58 31.90 30.25 -9.05
N ILE D 59 31.75 29.02 -8.59
CA ILE D 59 31.42 28.74 -7.18
C ILE D 59 32.63 29.01 -6.28
N LEU D 60 33.81 28.64 -6.77
CA LEU D 60 35.07 28.83 -6.06
C LEU D 60 36.07 29.63 -6.90
N PRO D 61 35.77 30.92 -7.18
CA PRO D 61 36.62 31.72 -8.07
C PRO D 61 38.04 31.97 -7.54
N GLU D 62 38.22 31.95 -6.23
CA GLU D 62 39.55 32.10 -5.62
C GLU D 62 39.95 30.82 -4.86
N GLY D 63 39.27 29.72 -5.13
CA GLY D 63 39.53 28.46 -4.45
C GLY D 63 40.72 27.73 -5.03
N ARG D 64 41.19 26.73 -4.29
CA ARG D 64 42.30 25.88 -4.70
C ARG D 64 41.88 25.05 -5.93
N GLU D 65 42.72 25.07 -6.97
CA GLU D 65 42.39 24.49 -8.27
C GLU D 65 41.96 23.01 -8.18
N GLU D 66 42.64 22.25 -7.33
CA GLU D 66 42.31 20.83 -7.15
C GLU D 66 40.89 20.62 -6.60
N VAL D 67 40.45 21.54 -5.74
CA VAL D 67 39.11 21.45 -5.15
C VAL D 67 38.05 21.94 -6.13
N VAL D 68 38.38 22.95 -6.94
CA VAL D 68 37.49 23.37 -8.03
C VAL D 68 37.23 22.18 -8.96
N SER D 69 38.28 21.43 -9.27
CA SER D 69 38.18 20.24 -10.10
C SER D 69 37.35 19.13 -9.43
N LEU D 70 37.59 18.90 -8.14
CA LEU D 70 36.83 17.94 -7.36
C LEU D 70 35.33 18.28 -7.36
N LEU D 71 35.03 19.56 -7.13
CA LEU D 71 33.65 20.02 -7.12
C LEU D 71 32.98 19.86 -8.49
N ALA D 72 33.71 20.19 -9.56
CA ALA D 72 33.19 20.05 -10.91
C ALA D 72 32.84 18.59 -11.22
N ASP D 73 33.74 17.68 -10.91
CA ASP D 73 33.50 16.25 -11.12
C ASP D 73 32.31 15.76 -10.28
N PHE D 74 32.22 16.26 -9.06
CA PHE D 74 31.12 15.91 -8.16
C PHE D 74 29.77 16.36 -8.73
N ILE D 75 29.72 17.58 -9.27
CA ILE D 75 28.48 18.10 -9.87
C ILE D 75 28.06 17.28 -11.08
N LEU D 76 29.01 16.92 -11.94
CA LEU D 76 28.71 16.04 -13.07
C LEU D 76 28.19 14.70 -12.55
N TRP D 77 28.86 14.14 -11.54
CA TRP D 77 28.43 12.89 -10.91
C TRP D 77 27.00 13.00 -10.36
N LEU D 78 26.69 14.11 -9.70
CA LEU D 78 25.34 14.36 -9.18
C LEU D 78 24.30 14.37 -10.30
N PHE D 79 24.61 14.99 -11.43
CA PHE D 79 23.72 14.93 -12.60
C PHE D 79 23.58 13.50 -13.12
N GLY D 80 24.67 12.73 -13.03
CA GLY D 80 24.64 11.30 -13.32
C GLY D 80 23.54 10.56 -12.58
N VAL D 81 23.39 10.84 -11.30
CA VAL D 81 22.31 10.20 -10.53
C VAL D 81 20.98 10.93 -10.70
N ASP D 82 20.99 12.27 -10.70
CA ASP D 82 19.74 13.03 -10.77
C ASP D 82 19.05 12.93 -12.13
N ASP D 83 19.80 13.05 -13.22
CA ASP D 83 19.25 12.79 -14.56
C ASP D 83 19.11 11.29 -14.81
N GLY D 84 20.24 10.58 -14.68
CA GLY D 84 20.32 9.17 -15.04
C GLY D 84 19.32 8.25 -14.38
N HIS D 85 19.09 8.45 -13.08
CA HIS D 85 18.17 7.60 -12.30
C HIS D 85 16.88 8.33 -11.94
N CYS D 86 17.00 9.49 -11.29
CA CYS D 86 15.83 10.16 -10.71
C CYS D 86 14.85 10.69 -11.75
N GLU D 87 15.32 11.54 -12.66
CA GLU D 87 14.40 12.24 -13.57
C GLU D 87 14.22 11.61 -14.95
N GLU D 88 15.21 10.84 -15.40
CA GLU D 88 15.14 10.22 -16.73
C GLU D 88 15.39 8.70 -16.71
N GLY D 89 15.37 8.10 -15.52
CA GLY D 89 15.60 6.67 -15.36
C GLY D 89 14.40 5.96 -14.76
N GLU D 90 14.40 4.63 -14.86
CA GLU D 90 13.32 3.81 -14.31
C GLU D 90 13.21 3.93 -12.78
N LEU D 91 14.37 3.99 -12.11
CA LEU D 91 14.39 4.04 -10.63
C LEU D 91 13.67 5.24 -10.05
N GLY D 92 13.63 6.34 -10.81
CA GLY D 92 12.91 7.54 -10.41
C GLY D 92 11.41 7.38 -10.25
N HIS D 93 10.85 6.29 -10.78
CA HIS D 93 9.44 5.95 -10.57
C HIS D 93 9.25 4.90 -9.49
N ARG D 94 10.34 4.50 -8.84
CA ARG D 94 10.31 3.39 -7.88
C ARG D 94 11.05 3.78 -6.60
N PRO D 95 10.38 4.56 -5.72
CA PRO D 95 11.02 5.13 -4.52
C PRO D 95 11.76 4.09 -3.68
N GLY D 96 11.19 2.89 -3.56
CA GLY D 96 11.79 1.81 -2.80
C GLY D 96 13.10 1.30 -3.36
N ASP D 97 13.12 1.01 -4.66
CA ASP D 97 14.33 0.56 -5.35
C ASP D 97 15.37 1.69 -5.37
N LEU D 98 14.90 2.92 -5.56
CA LEU D 98 15.78 4.10 -5.51
C LEU D 98 16.43 4.20 -4.13
N ALA D 99 15.62 4.08 -3.07
CA ALA D 99 16.14 4.16 -1.69
C ALA D 99 17.23 3.11 -1.43
N GLY D 100 17.07 1.93 -2.00
CA GLY D 100 18.06 0.87 -1.88
C GLY D 100 19.37 1.21 -2.57
N LEU D 101 19.28 1.67 -3.82
CA LEU D 101 20.45 2.10 -4.57
C LEU D 101 21.20 3.20 -3.82
N LEU D 102 20.46 4.17 -3.29
CA LEU D 102 21.08 5.31 -2.64
C LEU D 102 21.70 4.96 -1.28
N HIS D 103 21.10 4.05 -0.53
CA HIS D 103 21.72 3.54 0.72
C HIS D 103 23.05 2.84 0.40
N ARG D 104 23.07 2.05 -0.67
CA ARG D 104 24.30 1.37 -1.10
C ARG D 104 25.38 2.39 -1.49
N LEU D 105 25.00 3.45 -2.21
CA LEU D 105 25.96 4.48 -2.60
C LEU D 105 26.50 5.26 -1.39
N ILE D 106 25.68 5.47 -0.37
CA ILE D 106 26.17 6.08 0.87
C ILE D 106 27.26 5.20 1.48
N ARG D 107 27.06 3.90 1.49
CA ARG D 107 28.05 2.99 2.07
C ARG D 107 29.36 3.02 1.29
N VAL D 108 29.26 3.12 -0.03
CA VAL D 108 30.44 3.23 -0.89
C VAL D 108 31.23 4.51 -0.56
N ALA D 109 30.52 5.62 -0.35
CA ALA D 109 31.15 6.89 0.05
C ALA D 109 31.87 6.77 1.40
N GLN D 110 31.25 6.05 2.32
CA GLN D 110 31.84 5.83 3.66
C GLN D 110 33.02 4.87 3.63
N ASN D 111 32.89 3.83 2.81
CA ASN D 111 33.89 2.77 2.73
C ASN D 111 34.09 2.29 1.30
N PRO D 112 34.91 3.03 0.54
CA PRO D 112 35.24 2.64 -0.84
C PRO D 112 35.86 1.25 -0.95
N GLU D 113 36.46 0.76 0.13
CA GLU D 113 37.09 -0.54 0.17
C GLU D 113 36.10 -1.71 0.31
N ALA D 114 34.86 -1.42 0.70
CA ALA D 114 33.85 -2.48 0.85
C ALA D 114 33.59 -3.16 -0.50
N PRO D 115 33.60 -4.51 -0.54
CA PRO D 115 33.43 -5.23 -1.80
C PRO D 115 31.97 -5.34 -2.23
N MET D 116 31.36 -4.18 -2.49
CA MET D 116 29.98 -4.11 -2.98
C MET D 116 29.90 -3.03 -4.05
N MET D 117 28.91 -3.15 -4.93
CA MET D 117 28.78 -2.27 -6.10
C MET D 117 30.10 -2.10 -6.83
N GLN D 118 30.77 -3.22 -7.07
CA GLN D 118 32.08 -3.22 -7.72
C GLN D 118 31.94 -3.03 -9.23
N ASP D 119 30.71 -3.23 -9.74
CA ASP D 119 30.40 -3.11 -11.16
C ASP D 119 30.00 -1.69 -11.59
N ASP D 120 29.33 -0.96 -10.70
CA ASP D 120 28.62 0.26 -11.07
C ASP D 120 29.57 1.44 -11.32
N PRO D 121 29.42 2.11 -12.48
CA PRO D 121 30.26 3.30 -12.74
C PRO D 121 30.02 4.46 -11.75
N LEU D 122 28.79 4.65 -11.30
CA LEU D 122 28.52 5.70 -10.30
C LEU D 122 29.28 5.41 -9.00
N ALA D 123 29.31 4.14 -8.61
CA ALA D 123 30.08 3.72 -7.44
C ALA D 123 31.57 3.97 -7.64
N ALA D 124 32.08 3.63 -8.83
CA ALA D 124 33.49 3.83 -9.14
C ALA D 124 33.86 5.32 -9.08
N GLY D 125 33.04 6.16 -9.69
CA GLY D 125 33.21 7.61 -9.62
C GLY D 125 33.18 8.13 -8.19
N LEU D 126 32.24 7.63 -7.39
CA LEU D 126 32.08 8.06 -5.98
C LEU D 126 33.33 7.73 -5.15
N ARG D 127 33.92 6.57 -5.38
CA ARG D 127 35.16 6.17 -4.70
C ARG D 127 36.29 7.16 -4.99
N ASP D 128 36.39 7.60 -6.25
CA ASP D 128 37.41 8.59 -6.64
C ASP D 128 37.15 9.92 -5.93
N LEU D 129 35.88 10.32 -5.90
CA LEU D 129 35.49 11.55 -5.20
C LEU D 129 35.86 11.49 -3.72
N ARG D 130 35.53 10.36 -3.06
CA ARG D 130 35.82 10.20 -1.63
C ARG D 130 37.32 10.26 -1.33
N MET D 131 38.15 9.62 -2.16
CA MET D 131 39.59 9.64 -1.95
C MET D 131 40.16 11.05 -2.05
N ARG D 132 39.58 11.87 -2.92
CA ARG D 132 40.01 13.26 -3.04
C ARG D 132 39.49 14.14 -1.90
N VAL D 133 38.28 13.85 -1.42
CA VAL D 133 37.77 14.49 -0.20
C VAL D 133 38.68 14.23 1.00
N ASP D 134 39.18 12.99 1.13
CA ASP D 134 40.14 12.62 2.19
C ASP D 134 41.40 13.49 2.11
N ARG D 135 41.78 13.86 0.89
CA ARG D 135 42.98 14.65 0.62
C ARG D 135 42.82 16.11 1.08
N PHE D 136 41.66 16.70 0.83
CA PHE D 136 41.45 18.14 1.05
C PHE D 136 40.51 18.48 2.21
N GLY D 137 39.97 17.46 2.87
CA GLY D 137 39.03 17.67 3.96
C GLY D 137 39.49 17.01 5.24
N THR D 138 38.95 17.49 6.35
CA THR D 138 39.14 16.85 7.65
C THR D 138 38.16 15.68 7.78
N ALA D 139 38.33 14.87 8.81
CA ALA D 139 37.38 13.79 9.10
C ALA D 139 35.97 14.34 9.28
N GLY D 140 35.85 15.46 10.01
CA GLY D 140 34.57 16.13 10.22
C GLY D 140 33.91 16.58 8.93
N GLN D 141 34.70 17.18 8.04
CA GLN D 141 34.19 17.64 6.75
C GLN D 141 33.73 16.49 5.87
N THR D 142 34.47 15.38 5.92
CA THR D 142 34.14 14.18 5.16
C THR D 142 32.81 13.59 5.62
N ALA D 143 32.62 13.53 6.95
CA ALA D 143 31.36 13.06 7.54
C ALA D 143 30.19 13.96 7.16
N ARG D 144 30.41 15.26 7.16
CA ARG D 144 29.35 16.19 6.78
C ARG D 144 29.01 16.09 5.30
N TRP D 145 30.01 15.83 4.47
CA TRP D 145 29.79 15.54 3.05
C TRP D 145 28.87 14.32 2.88
N VAL D 146 29.16 13.25 3.62
CA VAL D 146 28.32 12.04 3.56
C VAL D 146 26.90 12.31 4.08
N ASP D 147 26.79 13.03 5.20
CA ASP D 147 25.47 13.38 5.74
C ASP D 147 24.66 14.24 4.76
N ALA D 148 25.34 15.14 4.06
CA ALA D 148 24.70 15.98 3.06
C ALA D 148 24.23 15.15 1.87
N LEU D 149 25.03 14.16 1.46
CA LEU D 149 24.58 13.23 0.43
C LEU D 149 23.30 12.52 0.86
N ARG D 150 23.23 12.10 2.12
CA ARG D 150 22.04 11.42 2.63
C ARG D 150 20.80 12.32 2.60
N GLU D 151 20.99 13.61 2.94
CA GLU D 151 19.91 14.60 2.84
C GLU D 151 19.38 14.70 1.43
N TYR D 152 20.30 14.84 0.48
CA TYR D 152 19.92 14.90 -0.93
C TYR D 152 19.18 13.62 -1.35
N PHE D 153 19.78 12.46 -1.06
CA PHE D 153 19.20 11.17 -1.43
C PHE D 153 17.80 10.95 -0.85
N PHE D 154 17.61 11.26 0.42
CA PHE D 154 16.32 11.09 1.07
C PHE D 154 15.27 11.97 0.39
N SER D 155 15.65 13.20 0.03
CA SER D 155 14.74 14.13 -0.63
C SER D 155 14.35 13.70 -2.06
N VAL D 156 15.27 13.09 -2.81
CA VAL D 156 14.89 12.59 -4.15
C VAL D 156 14.05 11.31 -4.10
N VAL D 157 14.10 10.58 -2.99
CA VAL D 157 13.18 9.45 -2.79
C VAL D 157 11.76 9.99 -2.57
N TRP D 158 11.66 11.06 -1.78
CA TRP D 158 10.39 11.76 -1.61
C TRP D 158 9.87 12.33 -2.95
N GLU D 159 10.75 12.96 -3.73
CA GLU D 159 10.38 13.44 -5.06
C GLU D 159 9.88 12.29 -5.96
N ALA D 160 10.57 11.15 -5.91
CA ALA D 160 10.20 9.98 -6.70
C ALA D 160 8.79 9.48 -6.39
N ALA D 161 8.39 9.57 -5.13
CA ALA D 161 7.02 9.19 -4.73
C ALA D 161 5.98 10.04 -5.44
N HIS D 162 6.26 11.34 -5.56
CA HIS D 162 5.38 12.24 -6.30
C HIS D 162 5.37 11.92 -7.80
N ARG D 163 6.55 11.66 -8.36
CA ARG D 163 6.64 11.25 -9.77
C ARG D 163 5.89 9.96 -10.05
N ARG D 164 6.04 8.97 -9.17
CA ARG D 164 5.34 7.69 -9.32
C ARG D 164 3.83 7.91 -9.34
N ALA D 165 3.34 8.76 -8.44
CA ALA D 165 1.91 9.03 -8.32
C ALA D 165 1.42 10.08 -9.31
N GLY D 166 2.33 10.81 -9.95
CA GLY D 166 1.97 11.92 -10.84
C GLY D 166 1.37 13.09 -10.08
N THR D 167 1.75 13.25 -8.82
CA THR D 167 1.20 14.32 -7.97
C THR D 167 2.19 15.47 -7.83
N VAL D 168 1.68 16.62 -7.39
CA VAL D 168 2.48 17.82 -7.15
C VAL D 168 2.28 18.25 -5.71
N PRO D 169 3.37 18.38 -4.93
CA PRO D 169 3.21 18.76 -3.52
C PRO D 169 2.70 20.19 -3.37
N ASP D 170 2.15 20.51 -2.19
CA ASP D 170 1.81 21.88 -1.87
C ASP D 170 3.10 22.68 -1.65
N LEU D 171 2.98 23.98 -1.42
CA LEU D 171 4.16 24.85 -1.39
C LEU D 171 5.08 24.56 -0.20
N ASN D 172 4.51 24.20 0.94
CA ASN D 172 5.28 23.91 2.13
C ASN D 172 6.13 22.66 1.99
N ASP D 173 5.50 21.59 1.51
CA ASP D 173 6.20 20.33 1.23
C ASP D 173 7.23 20.52 0.12
N TYR D 174 6.88 21.28 -0.92
CA TYR D 174 7.84 21.50 -2.01
C TYR D 174 9.09 22.22 -1.52
N THR D 175 8.90 23.26 -0.71
CA THR D 175 10.03 24.04 -0.21
C THR D 175 10.94 23.17 0.64
N LEU D 176 10.35 22.38 1.54
CA LEU D 176 11.10 21.43 2.36
C LEU D 176 11.91 20.48 1.49
N MET D 177 11.24 19.88 0.51
CA MET D 177 11.86 18.95 -0.42
C MET D 177 12.97 19.60 -1.23
N ARG D 178 12.68 20.77 -1.77
CA ARG D 178 13.58 21.46 -2.70
C ARG D 178 14.84 22.00 -2.02
N LEU D 179 14.74 22.34 -0.74
CA LEU D 179 15.91 22.75 0.05
C LEU D 179 17.04 21.71 -0.01
N TYR D 180 16.69 20.44 -0.26
CA TYR D 180 17.68 19.36 -0.29
C TYR D 180 17.81 18.65 -1.63
N ASP D 181 16.75 18.59 -2.44
CA ASP D 181 16.80 17.76 -3.66
C ASP D 181 17.60 18.38 -4.80
N GLY D 182 18.01 19.64 -4.64
CA GLY D 182 18.94 20.27 -5.55
C GLY D 182 20.40 20.02 -5.19
N ALA D 183 20.64 19.27 -4.12
CA ALA D 183 22.00 18.90 -3.67
C ALA D 183 22.88 20.09 -3.28
N THR D 184 22.25 21.22 -2.97
CA THR D 184 22.98 22.43 -2.58
C THR D 184 23.79 22.24 -1.29
N SER D 185 23.24 21.48 -0.35
CA SER D 185 23.91 21.25 0.94
C SER D 185 25.17 20.39 0.83
N VAL D 186 25.28 19.59 -0.23
CA VAL D 186 26.44 18.72 -0.43
C VAL D 186 27.64 19.51 -0.96
N VAL D 187 27.38 20.66 -1.57
CA VAL D 187 28.42 21.56 -2.05
C VAL D 187 29.11 22.28 -0.88
N LEU D 188 28.37 22.50 0.20
CA LEU D 188 28.82 23.39 1.28
C LEU D 188 30.17 23.01 1.93
N PRO D 189 30.39 21.72 2.24
CA PRO D 189 31.70 21.33 2.77
C PRO D 189 32.87 21.64 1.83
N MET D 190 32.64 21.51 0.52
CA MET D 190 33.68 21.77 -0.46
C MET D 190 34.03 23.25 -0.57
N LEU D 191 33.10 24.13 -0.19
CA LEU D 191 33.38 25.57 -0.11
C LEU D 191 34.46 25.84 0.95
N GLU D 192 34.41 25.11 2.06
CA GLU D 192 35.42 25.22 3.10
C GLU D 192 36.74 24.64 2.63
N MET D 193 36.68 23.41 2.10
CA MET D 193 37.87 22.72 1.60
C MET D 193 38.58 23.53 0.52
N GLY D 194 37.82 24.22 -0.32
CA GLY D 194 38.40 25.04 -1.39
C GLY D 194 39.32 26.15 -0.91
N HIS D 195 39.15 26.57 0.34
CA HIS D 195 39.97 27.62 0.94
C HIS D 195 40.78 27.12 2.14
N GLY D 196 40.83 25.80 2.33
CA GLY D 196 41.73 25.18 3.31
C GLY D 196 41.42 25.45 4.77
N TYR D 197 40.16 25.70 5.09
CA TYR D 197 39.74 25.91 6.48
C TYR D 197 38.57 24.98 6.82
N GLU D 198 38.26 24.90 8.11
CA GLU D 198 37.10 24.16 8.60
C GLU D 198 36.22 25.11 9.42
N LEU D 199 34.94 25.19 9.08
CA LEU D 199 34.01 25.99 9.87
C LEU D 199 33.58 25.14 11.05
N GLN D 200 33.83 25.62 12.27
CA GLN D 200 33.62 24.82 13.47
C GLN D 200 32.14 24.68 13.79
N PRO D 201 31.74 23.55 14.42
CA PRO D 201 30.33 23.32 14.73
C PRO D 201 29.62 24.48 15.45
N TYR D 202 30.32 25.15 16.36
CA TYR D 202 29.67 26.21 17.14
C TYR D 202 29.15 27.36 16.26
N GLU D 203 29.75 27.54 15.08
CA GLU D 203 29.23 28.49 14.09
C GLU D 203 28.39 27.80 13.03
N ARG D 204 28.91 26.71 12.46
CA ARG D 204 28.24 26.05 11.34
C ARG D 204 26.85 25.54 11.71
N ASP D 205 26.71 25.00 12.92
CA ASP D 205 25.45 24.42 13.38
C ASP D 205 24.58 25.39 14.18
N ARG D 206 25.03 26.64 14.30
CA ARG D 206 24.21 27.69 14.89
C ARG D 206 23.00 27.91 13.98
N THR D 207 21.83 28.10 14.59
CA THR D 207 20.58 28.21 13.84
C THR D 207 20.63 29.30 12.75
N ALA D 208 21.17 30.47 13.08
CA ALA D 208 21.25 31.58 12.13
C ALA D 208 22.17 31.28 10.93
N VAL D 209 23.23 30.52 11.17
CA VAL D 209 24.16 30.15 10.10
C VAL D 209 23.54 29.10 9.19
N ARG D 210 22.89 28.11 9.79
CA ARG D 210 22.09 27.16 9.02
C ARG D 210 21.05 27.92 8.18
N ALA D 211 20.43 28.93 8.78
CA ALA D 211 19.39 29.69 8.06
C ALA D 211 19.92 30.36 6.78
N VAL D 212 21.05 31.03 6.85
CA VAL D 212 21.60 31.69 5.66
C VAL D 212 22.03 30.69 4.58
N ALA D 213 22.51 29.52 5.01
CA ALA D 213 22.80 28.43 4.07
C ALA D 213 21.53 27.93 3.40
N GLU D 214 20.45 27.81 4.17
CA GLU D 214 19.15 27.39 3.63
C GLU D 214 18.57 28.46 2.69
N MET D 215 18.80 29.73 3.02
CA MET D 215 18.38 30.83 2.14
C MET D 215 19.11 30.75 0.80
N ALA D 216 20.41 30.45 0.85
CA ALA D 216 21.22 30.26 -0.36
C ALA D 216 20.66 29.11 -1.20
N SER D 217 20.36 27.99 -0.54
CA SER D 217 19.74 26.84 -1.22
C SER D 217 18.40 27.22 -1.87
N PHE D 218 17.56 27.96 -1.15
CA PHE D 218 16.29 28.44 -1.66
C PHE D 218 16.48 29.30 -2.92
N ILE D 219 17.38 30.28 -2.84
CA ILE D 219 17.64 31.17 -3.96
C ILE D 219 18.19 30.40 -5.16
N ILE D 220 19.13 29.50 -4.91
CA ILE D 220 19.75 28.70 -5.97
C ILE D 220 18.72 27.77 -6.64
N THR D 221 17.85 27.16 -5.85
CA THR D 221 16.84 26.26 -6.39
C THR D 221 15.66 26.99 -7.07
N TRP D 222 15.22 28.11 -6.50
CA TRP D 222 14.20 28.94 -7.16
C TRP D 222 14.73 29.52 -8.47
N ASP D 223 15.97 29.98 -8.46
CA ASP D 223 16.60 30.50 -9.69
C ASP D 223 16.68 29.41 -10.76
N ASN D 224 17.08 28.20 -10.35
CA ASN D 224 17.05 27.07 -11.27
C ASN D 224 15.63 26.75 -11.74
N ASP D 225 14.66 26.77 -10.83
CA ASP D 225 13.26 26.53 -11.21
C ASP D 225 12.79 27.52 -12.27
N ILE D 226 13.25 28.76 -12.17
CA ILE D 226 12.91 29.82 -13.12
C ILE D 226 13.63 29.60 -14.45
N PHE D 227 14.95 29.41 -14.39
CA PHE D 227 15.75 29.23 -15.59
C PHE D 227 15.59 27.85 -16.25
N SER D 228 15.30 26.81 -15.46
CA SER D 228 15.12 25.45 -16.01
C SER D 228 13.66 25.10 -16.33
N TYR D 229 12.72 26.00 -16.05
CA TYR D 229 11.30 25.79 -16.36
C TYR D 229 11.08 25.38 -17.82
N HIS D 230 11.71 26.13 -18.72
CA HIS D 230 11.60 25.89 -20.16
C HIS D 230 11.95 24.45 -20.51
N LYS D 231 13.18 24.04 -20.23
CA LYS D 231 13.64 22.69 -20.61
C LYS D 231 12.88 21.59 -19.87
N GLU D 232 12.41 21.88 -18.65
CA GLU D 232 11.68 20.89 -17.84
C GLU D 232 10.25 20.65 -18.34
N ARG D 233 9.51 21.74 -18.59
CA ARG D 233 8.13 21.63 -19.08
C ARG D 233 8.10 20.99 -20.47
N ARG D 234 9.15 21.21 -21.26
CA ARG D 234 9.21 20.72 -22.63
C ARG D 234 9.62 19.25 -22.75
N GLY D 235 10.07 18.66 -21.65
CA GLY D 235 10.38 17.24 -21.63
C GLY D 235 9.13 16.40 -21.88
N SER D 236 9.35 15.11 -22.13
CA SER D 236 8.24 14.19 -22.40
C SER D 236 7.68 13.55 -21.13
N GLY D 237 8.32 13.80 -19.99
CA GLY D 237 7.95 13.15 -18.74
C GLY D 237 7.53 14.08 -17.62
N TYR D 238 7.48 13.52 -16.42
CA TYR D 238 7.14 14.27 -15.22
C TYR D 238 8.20 15.32 -14.90
N TYR D 239 7.74 16.47 -14.44
CA TYR D 239 8.63 17.53 -13.96
C TYR D 239 8.00 18.21 -12.75
N LEU D 240 8.83 18.87 -11.97
CA LEU D 240 8.39 19.55 -10.75
C LEU D 240 9.26 20.77 -10.54
N ASN D 241 8.62 21.90 -10.23
CA ASN D 241 9.33 23.11 -9.83
C ASN D 241 8.36 24.10 -9.19
N ALA D 242 8.90 25.18 -8.63
CA ALA D 242 8.09 26.16 -7.88
C ALA D 242 6.92 26.72 -8.69
N LEU D 243 7.13 26.91 -9.99
CA LEU D 243 6.08 27.45 -10.85
C LEU D 243 4.90 26.48 -10.96
N ARG D 244 5.18 25.21 -11.22
CA ARG D 244 4.13 24.20 -11.28
C ARG D 244 3.38 24.07 -9.95
N VAL D 245 4.10 24.17 -8.84
CA VAL D 245 3.49 24.12 -7.51
C VAL D 245 2.57 25.32 -7.30
N LEU D 246 3.06 26.51 -7.68
CA LEU D 246 2.26 27.74 -7.52
C LEU D 246 1.06 27.78 -8.45
N GLU D 247 1.20 27.24 -9.67
CA GLU D 247 0.07 27.06 -10.59
C GLU D 247 -1.03 26.25 -9.93
N GLN D 248 -0.67 25.11 -9.34
CA GLN D 248 -1.64 24.23 -8.71
C GLN D 248 -2.24 24.82 -7.44
N GLU D 249 -1.40 25.30 -6.54
CA GLU D 249 -1.85 25.73 -5.21
C GLU D 249 -2.65 27.04 -5.24
N ARG D 250 -2.24 27.98 -6.09
CA ARG D 250 -2.85 29.30 -6.11
C ARG D 250 -3.70 29.56 -7.37
N GLY D 251 -3.83 28.55 -8.23
CA GLY D 251 -4.64 28.66 -9.44
C GLY D 251 -4.13 29.71 -10.40
N LEU D 252 -2.82 29.73 -10.61
CA LEU D 252 -2.16 30.74 -11.43
C LEU D 252 -1.83 30.21 -12.82
N THR D 253 -1.72 31.12 -13.78
CA THR D 253 -1.16 30.79 -15.09
C THR D 253 0.36 30.66 -14.90
N PRO D 254 1.06 30.04 -15.87
CA PRO D 254 2.52 29.98 -15.79
C PRO D 254 3.18 31.35 -15.63
N ALA D 255 2.65 32.37 -16.30
CA ALA D 255 3.19 33.73 -16.24
C ALA D 255 3.03 34.34 -14.84
N GLN D 256 1.86 34.14 -14.25
CA GLN D 256 1.59 34.62 -12.88
C GLN D 256 2.47 33.88 -11.87
N ALA D 257 2.61 32.57 -12.06
CA ALA D 257 3.46 31.75 -11.21
C ALA D 257 4.93 32.21 -11.27
N LEU D 258 5.36 32.62 -12.46
CA LEU D 258 6.71 33.16 -12.67
C LEU D 258 6.87 34.42 -11.82
N ASP D 259 5.89 35.32 -11.89
CA ASP D 259 5.92 36.55 -11.09
C ASP D 259 5.97 36.25 -9.60
N ALA D 260 5.16 35.29 -9.15
CA ALA D 260 5.13 34.90 -7.74
C ALA D 260 6.48 34.32 -7.29
N ALA D 261 7.06 33.45 -8.11
CA ALA D 261 8.36 32.85 -7.80
C ALA D 261 9.47 33.91 -7.73
N ILE D 262 9.47 34.84 -8.68
CA ILE D 262 10.47 35.91 -8.69
C ILE D 262 10.38 36.75 -7.42
N SER D 263 9.15 37.09 -7.02
CA SER D 263 8.92 37.84 -5.79
C SER D 263 9.46 37.13 -4.56
N GLN D 264 9.26 35.82 -4.49
CA GLN D 264 9.72 35.03 -3.35
C GLN D 264 11.24 35.03 -3.27
N ARG D 265 11.92 34.71 -4.37
CA ARG D 265 13.39 34.67 -4.37
C ARG D 265 14.02 36.05 -4.18
N ASP D 266 13.34 37.11 -4.62
CA ASP D 266 13.81 38.49 -4.39
C ASP D 266 13.82 38.81 -2.89
N ARG D 267 12.74 38.45 -2.19
CA ARG D 267 12.64 38.69 -0.74
C ARG D 267 13.66 37.91 0.05
N VAL D 268 13.92 36.66 -0.36
CA VAL D 268 14.90 35.83 0.33
C VAL D 268 16.33 36.34 0.03
N MET D 269 16.58 36.77 -1.20
CA MET D 269 17.86 37.40 -1.55
C MET D 269 18.14 38.58 -0.62
N CYS D 270 17.14 39.43 -0.41
CA CYS D 270 17.27 40.58 0.48
C CYS D 270 17.54 40.17 1.93
N LEU D 271 16.81 39.16 2.41
CA LEU D 271 17.00 38.68 3.78
C LEU D 271 18.38 38.07 3.95
N PHE D 272 18.78 37.25 2.98
CA PHE D 272 20.10 36.64 2.96
C PHE D 272 21.23 37.67 3.10
N THR D 273 21.15 38.77 2.35
CA THR D 273 22.20 39.79 2.41
C THR D 273 22.22 40.49 3.76
N THR D 274 21.04 40.75 4.32
CA THR D 274 20.93 41.42 5.61
C THR D 274 21.44 40.54 6.76
N VAL D 275 21.01 39.28 6.82
CA VAL D 275 21.44 38.39 7.91
C VAL D 275 22.92 38.02 7.77
N SER D 276 23.37 37.82 6.54
CA SER D 276 24.80 37.57 6.27
C SER D 276 25.67 38.70 6.83
N GLU D 277 25.26 39.95 6.60
CA GLU D 277 25.98 41.11 7.14
C GLU D 277 26.04 41.10 8.65
N GLN D 278 24.90 40.82 9.30
CA GLN D 278 24.83 40.71 10.75
C GLN D 278 25.83 39.68 11.25
N LEU D 279 25.80 38.49 10.66
CA LEU D 279 26.68 37.39 11.07
C LEU D 279 28.15 37.71 10.84
N ALA D 280 28.46 38.37 9.72
CA ALA D 280 29.85 38.72 9.38
C ALA D 280 30.48 39.70 10.37
N GLU D 281 29.66 40.57 10.97
CA GLU D 281 30.15 41.62 11.88
C GLU D 281 30.92 41.09 13.09
N GLN D 282 30.43 40.01 13.71
CA GLN D 282 31.08 39.44 14.90
C GLN D 282 31.38 37.94 14.79
N GLY D 283 31.36 37.41 13.57
CA GLY D 283 31.76 36.03 13.32
C GLY D 283 33.27 35.87 13.20
N SER D 284 33.73 34.63 13.13
CA SER D 284 35.14 34.35 12.91
C SER D 284 35.57 34.73 11.48
N PRO D 285 36.88 34.80 11.23
CA PRO D 285 37.33 34.99 9.84
C PRO D 285 36.85 33.86 8.93
N GLN D 286 36.70 32.67 9.49
CA GLN D 286 36.27 31.50 8.74
C GLN D 286 34.81 31.64 8.32
N LEU D 287 33.97 32.13 9.24
CA LEU D 287 32.57 32.40 8.92
C LEU D 287 32.46 33.47 7.84
N ARG D 288 33.27 34.52 7.94
CA ARG D 288 33.26 35.56 6.90
C ARG D 288 33.58 34.98 5.52
N GLN D 289 34.55 34.06 5.45
CA GLN D 289 34.89 33.41 4.19
C GLN D 289 33.74 32.52 3.70
N TYR D 290 33.13 31.78 4.63
CA TYR D 290 31.98 30.93 4.34
C TYR D 290 30.83 31.74 3.72
N LEU D 291 30.54 32.89 4.32
CA LEU D 291 29.46 33.74 3.84
C LEU D 291 29.77 34.31 2.44
N HIS D 292 31.03 34.66 2.21
CA HIS D 292 31.51 35.07 0.88
C HIS D 292 31.29 33.95 -0.14
N SER D 293 31.64 32.72 0.22
CA SER D 293 31.47 31.57 -0.68
C SER D 293 30.00 31.27 -0.99
N LEU D 294 29.11 31.49 -0.01
CA LEU D 294 27.68 31.38 -0.26
C LEU D 294 27.23 32.36 -1.35
N ARG D 295 27.75 33.59 -1.29
CA ARG D 295 27.47 34.57 -2.36
C ARG D 295 27.97 34.08 -3.71
N CYS D 296 29.21 33.59 -3.75
CA CYS D 296 29.80 33.03 -4.97
C CYS D 296 28.97 31.88 -5.56
N PHE D 297 28.46 31.03 -4.67
CA PHE D 297 27.64 29.88 -5.06
C PHE D 297 26.34 30.37 -5.69
N ILE D 298 25.65 31.29 -5.00
CA ILE D 298 24.42 31.87 -5.51
C ILE D 298 24.63 32.52 -6.90
N ARG D 299 25.66 33.37 -7.00
CA ARG D 299 25.91 34.10 -8.25
C ARG D 299 26.42 33.20 -9.37
N GLY D 300 27.27 32.24 -9.02
CA GLY D 300 27.78 31.26 -9.98
C GLY D 300 26.66 30.45 -10.63
N ALA D 301 25.68 30.03 -9.81
CA ALA D 301 24.53 29.31 -10.33
C ALA D 301 23.68 30.21 -11.24
N GLN D 302 23.59 31.49 -10.89
CA GLN D 302 22.88 32.47 -11.69
C GLN D 302 23.51 32.66 -13.09
N ASP D 303 24.81 32.93 -13.13
CA ASP D 303 25.50 33.12 -14.42
C ASP D 303 25.50 31.85 -15.28
N TRP D 304 25.69 30.71 -14.62
CA TRP D 304 25.64 29.41 -15.30
C TRP D 304 24.23 29.12 -15.82
N GLY D 305 23.23 29.45 -15.01
CA GLY D 305 21.83 29.19 -15.34
C GLY D 305 21.34 29.81 -16.65
N ILE D 306 21.89 30.98 -17.01
CA ILE D 306 21.49 31.67 -18.24
C ILE D 306 22.44 31.43 -19.42
N SER D 307 23.51 30.66 -19.20
CA SER D 307 24.53 30.44 -20.25
C SER D 307 24.70 28.98 -20.66
N SER D 308 24.50 28.04 -19.74
CA SER D 308 24.63 26.62 -20.06
C SER D 308 23.60 26.20 -21.09
N VAL D 309 24.03 25.41 -22.07
CA VAL D 309 23.11 24.85 -23.09
C VAL D 309 22.09 23.89 -22.45
N ARG D 310 22.37 23.46 -21.23
CA ARG D 310 21.41 22.70 -20.44
C ARG D 310 20.08 23.44 -20.29
N TYR D 311 20.15 24.77 -20.19
CA TYR D 311 18.97 25.61 -19.95
C TYR D 311 18.57 26.47 -21.15
N THR D 312 19.55 26.92 -21.93
CA THR D 312 19.28 27.71 -23.14
C THR D 312 18.74 26.80 -24.26
N THR D 313 19.16 25.54 -24.25
CA THR D 313 18.71 24.52 -25.22
C THR D 313 18.62 25.06 -26.66
N PRO D 314 19.79 25.34 -27.29
CA PRO D 314 19.90 25.97 -28.63
C PRO D 314 19.03 25.37 -29.74
N ASP D 315 18.80 24.06 -29.72
CA ASP D 315 17.95 23.40 -30.72
C ASP D 315 16.49 23.77 -30.56
N ASP D 316 16.13 24.30 -29.39
CA ASP D 316 14.78 24.69 -29.07
C ASP D 316 14.84 25.87 -28.09
N PRO D 317 15.36 27.02 -28.56
CA PRO D 317 15.82 28.11 -27.69
C PRO D 317 14.83 28.54 -26.62
N ALA D 318 15.31 28.63 -25.37
CA ALA D 318 14.59 29.35 -24.33
C ALA D 318 14.80 30.83 -24.60
N ASN D 319 13.81 31.66 -24.27
CA ASN D 319 14.01 33.11 -24.33
C ASN D 319 14.42 33.61 -22.94
N MET D 320 15.73 33.65 -22.74
CA MET D 320 16.36 33.90 -21.45
C MET D 320 16.96 35.29 -21.41
N PRO D 321 17.11 35.86 -20.21
CA PRO D 321 17.83 37.13 -20.09
C PRO D 321 19.32 36.93 -20.28
N SER D 322 20.03 38.01 -20.62
CA SER D 322 21.48 37.98 -20.78
C SER D 322 22.21 38.62 -19.60
N VAL D 323 21.47 39.30 -18.72
CA VAL D 323 22.06 40.01 -17.60
C VAL D 323 21.16 39.91 -16.36
N PHE D 324 21.72 40.32 -15.22
CA PHE D 324 20.97 40.46 -13.98
C PHE D 324 20.88 41.93 -13.61
N THR D 325 19.86 42.29 -12.85
CA THR D 325 19.70 43.67 -12.38
C THR D 325 20.19 43.78 -10.94
N ASP D 326 20.37 45.01 -10.48
CA ASP D 326 20.91 45.26 -9.13
C ASP D 326 19.89 45.79 -8.14
N VAL D 327 18.61 45.73 -8.49
CA VAL D 327 17.52 46.15 -7.59
C VAL D 327 16.40 45.09 -7.57
N PRO D 328 15.83 44.84 -6.39
CA PRO D 328 14.79 43.82 -6.23
C PRO D 328 13.40 44.31 -6.62
N THR D 329 12.56 43.39 -7.11
CA THR D 329 11.14 43.67 -7.35
C THR D 329 10.38 43.68 -6.02
N ASP D 330 10.80 42.84 -5.07
CA ASP D 330 10.17 42.72 -3.76
C ASP D 330 11.24 42.77 -2.67
N ASP D 331 11.22 43.84 -1.87
CA ASP D 331 12.19 44.00 -0.78
C ASP D 331 11.53 43.97 0.61
N SER D 332 10.30 43.50 0.67
CA SER D 332 9.52 43.50 1.90
C SER D 332 10.18 42.63 2.99
N THR D 333 10.03 43.05 4.24
CA THR D 333 10.47 42.26 5.39
C THR D 333 9.34 41.36 5.90
N GLU D 334 8.25 41.29 5.14
CA GLU D 334 7.15 40.36 5.44
C GLU D 334 7.61 38.94 5.11
N PRO D 335 7.42 37.99 6.05
CA PRO D 335 7.81 36.60 5.76
C PRO D 335 6.97 35.99 4.63
N LEU D 336 7.59 35.08 3.88
CA LEU D 336 6.85 34.26 2.93
C LEU D 336 5.83 33.41 3.68
N ASP D 337 4.73 33.08 3.01
CA ASP D 337 3.67 32.28 3.61
C ASP D 337 4.02 30.80 3.42
N ILE D 338 5.14 30.41 4.01
CA ILE D 338 5.66 29.05 3.91
C ILE D 338 6.17 28.68 5.31
N PRO D 339 5.36 27.95 6.09
CA PRO D 339 5.71 27.61 7.48
C PRO D 339 7.11 27.04 7.69
N ALA D 340 7.63 26.34 6.68
CA ALA D 340 8.91 25.64 6.80
C ALA D 340 10.07 26.62 6.91
N VAL D 341 9.89 27.82 6.35
CA VAL D 341 10.95 28.84 6.29
C VAL D 341 10.57 30.22 6.83
N SER D 342 9.31 30.42 7.24
CA SER D 342 8.87 31.74 7.69
C SER D 342 9.64 32.22 8.94
N TRP D 343 10.14 31.29 9.74
CA TRP D 343 10.97 31.62 10.92
C TRP D 343 12.29 32.35 10.58
N TRP D 344 12.76 32.28 9.34
CA TRP D 344 13.96 33.02 8.92
C TRP D 344 13.88 34.50 9.25
N TRP D 345 12.70 35.08 9.07
CA TRP D 345 12.50 36.52 9.27
C TRP D 345 12.54 36.92 10.75
N ASP D 346 12.49 35.95 11.67
CA ASP D 346 12.72 36.20 13.10
C ASP D 346 14.18 36.58 13.38
N LEU D 347 15.09 36.28 12.45
CA LEU D 347 16.52 36.57 12.60
C LEU D 347 16.88 38.04 12.36
N LEU D 348 15.92 38.82 11.86
CA LEU D 348 16.09 40.27 11.73
C LEU D 348 16.15 40.91 13.11
N ALA D 349 17.21 41.68 13.38
CA ALA D 349 17.40 42.33 14.67
C ALA D 349 18.50 43.37 14.58
MG MG E . -11.84 -7.29 -24.59
MG MG F . -12.09 -7.96 -21.60
MG MG G . -10.47 -11.39 -26.48
C1 3E9 H . -15.09 -10.79 -23.46
O1 3E9 H . -13.68 -10.89 -23.41
C2 3E9 H . -15.47 -9.59 -22.61
C3 3E9 H . -17.01 -9.50 -22.47
C4 3E9 H . -17.33 -8.70 -21.19
C5 3E9 H . -17.66 -8.87 -23.69
C6 3E9 H . -19.15 -9.15 -23.54
C7 3E9 H . -19.46 -10.43 -24.33
C8 3E9 H . -20.41 -11.51 -23.78
C10 3E9 H . -21.19 -11.35 -22.47
C9 3E9 H . -20.64 -12.75 -24.57
C11 3E9 H . -19.36 -13.55 -24.38
C12 3E9 H . -18.59 -13.44 -25.69
C13 3E9 H . -17.07 -13.64 -25.75
C14 3E9 H . -16.40 -13.55 -27.10
C15 3E9 H . -16.21 -13.93 -24.51
PA 3E9 H . -12.64 -9.97 -24.26
O1A 3E9 H . -11.42 -10.91 -24.70
O2A 3E9 H . -12.11 -8.98 -23.38
O3A 3E9 H . -13.48 -9.48 -25.50
PB 3E9 H . -12.76 -8.84 -26.72
O1B 3E9 H . -11.86 -10.05 -27.24
O2B 3E9 H . -13.83 -8.94 -27.74
O3B 3E9 H . -12.05 -7.60 -26.54
MG MG I . -12.82 -5.57 11.90
MG MG J . -13.68 -5.52 8.94
MG MG K . -16.25 -2.81 13.81
C1 3E9 L . -17.36 -7.24 10.80
O1 3E9 L . -16.88 -5.89 10.79
C2 3E9 L . -16.39 -8.06 9.98
C3 3E9 L . -17.00 -9.49 9.76
C4 3E9 L . -16.45 -10.09 8.46
C5 3E9 L . -16.67 -10.41 10.93
C6 3E9 L . -17.55 -11.64 10.72
C7 3E9 L . -18.78 -11.49 11.62
C8 3E9 L . -20.18 -11.90 11.13
C10 3E9 L . -20.36 -12.58 9.77
C9 3E9 L . -21.42 -11.76 11.97
C11 3E9 L . -21.32 -10.51 12.82
C12 3E9 L . -21.22 -9.30 11.89
C13 3E9 L . -20.74 -7.97 12.47
C14 3E9 L . -20.62 -6.72 11.59
C15 3E9 L . -20.34 -7.88 13.95
PA 3E9 L . -15.57 -5.36 11.57
O1A 3E9 L . -15.96 -3.87 12.05
O2A 3E9 L . -14.36 -5.47 10.72
O3A 3E9 L . -15.62 -6.22 12.88
PB 3E9 L . -14.76 -5.81 14.14
O1B 3E9 L . -15.53 -4.54 14.67
O2B 3E9 L . -15.28 -6.80 15.10
O3B 3E9 L . -13.31 -5.65 14.06
MG MG M . 9.55 -3.17 15.98
MG MG N . 11.11 -1.60 13.68
MG MG O . 12.67 -6.46 17.03
C1 3E9 P . 14.00 -1.19 17.18
O1 3E9 P . 13.80 -2.29 16.31
C2 3E9 P . 13.23 -0.01 16.61
C3 3E9 P . 13.63 1.33 17.31
C4 3E9 P . 13.41 2.49 16.35
C5 3E9 P . 12.83 1.59 18.57
C6 3E9 P . 13.63 2.64 19.35
C7 3E9 P . 14.51 1.83 20.29
C8 3E9 P . 16.01 2.18 20.55
C10 3E9 P . 16.62 3.46 19.98
C9 3E9 P . 16.92 1.29 21.37
C11 3E9 P . 16.19 -0.02 21.59
C12 3E9 P . 16.23 -0.73 20.21
C13 3E9 P . 16.86 -2.09 20.01
C14 3E9 P . 17.45 -2.86 21.20
C15 3E9 P . 16.88 -2.70 18.61
PA 3E9 P . 12.42 -3.19 16.23
O1A 3E9 P . 12.90 -4.67 15.85
O2A 3E9 P . 11.42 -2.60 15.29
O3A 3E9 P . 12.06 -3.36 17.72
PB 3E9 P . 11.07 -4.48 18.16
O1B 3E9 P . 11.57 -5.78 18.81
O2B 3E9 P . 11.19 -3.97 19.53
O3B 3E9 P . 9.68 -4.43 17.74
MG MG Q . 16.74 18.01 -13.29
MG MG R . 16.31 17.21 -10.15
MG MG S . 15.45 22.47 -12.68
C1 3E9 T . 19.38 20.37 -9.36
O1 3E9 T . 17.99 20.52 -9.57
C2 3E9 T . 19.65 18.88 -9.26
C3 3E9 T . 21.05 18.66 -8.63
C4 3E9 T . 21.01 17.41 -7.76
C5 3E9 T . 22.13 18.46 -9.68
C6 3E9 T . 23.41 18.85 -8.97
C7 3E9 T . 23.64 20.35 -9.24
C8 3E9 T . 24.20 21.25 -8.13
C10 3E9 T . 24.71 20.68 -6.82
C9 3E9 T . 24.36 22.72 -8.40
C11 3E9 T . 23.66 23.48 -7.29
C12 3E9 T . 22.14 23.26 -7.39
C13 3E9 T . 21.28 23.86 -8.51
C14 3E9 T . 21.87 24.69 -9.65
C15 3E9 T . 19.77 23.60 -8.48
PA 3E9 T . 17.29 20.16 -10.99
O1A 3E9 T . 15.93 21.03 -11.18
O2A 3E9 T . 17.19 18.72 -10.94
O3A 3E9 T . 18.22 20.65 -12.10
PB 3E9 T . 17.71 20.77 -13.58
O1B 3E9 T . 17.42 22.19 -14.11
O2B 3E9 T . 19.11 21.05 -13.98
O3B 3E9 T . 17.11 19.64 -14.29
#